data_5XM3
#
_entry.id   5XM3
#
_cell.length_a   63.926
_cell.length_b   109.479
_cell.length_c   95.554
_cell.angle_alpha   90.00
_cell.angle_beta   100.48
_cell.angle_gamma   90.00
#
_symmetry.space_group_name_H-M   'P 1 21 1'
#
loop_
_entity.id
_entity.type
_entity.pdbx_description
1 polymer 'Glucose dehydrogenase'
2 polymer 'Methanol dehydrogenase [cytochrome c] subunit 2'
3 non-polymer 'PYRROLOQUINOLINE QUINONE'
4 non-polymer 'MAGNESIUM ION'
5 water water
#
loop_
_entity_poly.entity_id
_entity_poly.type
_entity_poly.pdbx_seq_one_letter_code
_entity_poly.pdbx_strand_id
1 'polypeptide(L)'
;MREMHHSRWSKIGTALAVSSALGLMSGMSVANDKLVELSKSNENWVMQGKDFSGTHYSTAKQINKDNVKKLRPSWSFSTG
VLNGHEGAPLVVNGTMYIHTPFPNNTFAIDLDEPGVIKWEHKPKQDPAARAVACCDVVNRGLAYWPGDDKAPAMIVKSLL
DGHVVALNAETGEEYWKVENGDISVGQTETAAPFVAKDLVIQGSSGAELGVRGYVTAYDIHTGEMVWRWYATGPDADVGL
DKDFNKHNPHYGQKGLGTSTWEDNAWKIGGGTNWGWYAYDPQLDMFYYGSGNPAPWNETMRPGDNKWTMTIWGRDLETGL
AKFGYQKTPHDEWDYAGVNVMMLSEQKDKNGKMRKLLTHPDRNGIIYTLDRETGDLVSANKMDDTANWVKKVDLETGLPI
RDPEYGTRMGHRSRDVCPSAMGFHNQGFDSYDPKRELFYLGINHLCMDWEPFMLPYRAGQFFVGANVWTYPGPKGDRQNG
IGSGQVKAYNAITGEFAWEKMEKFSVWGGTTATEGGLVFYGTLDGFIKARDADTGKLLWKFKLPSGVIGHPMTYTHKGTQ
YVAINYGVGGWPAVGLVFDLNDPSAGLGAVGAFKELAKNTQMGGGVMVFSLDGKSPYDDVSLGEYGM
;
A,C
2 'polypeptide(L)'
;MKLKTIAVACSALMMLSGASAVMAYDGTKCKAAGDCWEAKPGFPDKIKGSKYDPKHSEKELNKQDAALKAMEKRNAERVE
QFKKTGKWVY
;
B,D
#
# COMPACT_ATOMS: atom_id res chain seq x y z
N ASN A 32 -0.49 31.98 16.92
CA ASN A 32 -0.65 32.62 15.63
C ASN A 32 -2.09 33.09 15.40
N ASP A 33 -2.27 34.40 15.27
CA ASP A 33 -3.60 35.00 15.11
C ASP A 33 -4.39 34.49 13.91
N LYS A 34 -3.71 34.36 12.78
CA LYS A 34 -4.36 33.86 11.57
C LYS A 34 -4.80 32.42 11.74
N LEU A 35 -3.99 31.61 12.41
CA LEU A 35 -4.36 30.21 12.65
C LEU A 35 -5.61 30.14 13.51
N VAL A 36 -5.70 31.03 14.48
CA VAL A 36 -6.89 31.10 15.33
C VAL A 36 -8.11 31.36 14.46
N GLU A 37 -7.98 32.35 13.58
CA GLU A 37 -9.10 32.73 12.73
C GLU A 37 -9.46 31.62 11.75
N LEU A 38 -8.44 31.03 11.12
CA LEU A 38 -8.69 29.97 10.15
C LEU A 38 -9.37 28.78 10.80
N SER A 39 -9.04 28.52 12.07
CA SER A 39 -9.57 27.36 12.77
C SER A 39 -11.05 27.50 13.13
N LYS A 40 -11.57 28.73 13.05
CA LYS A 40 -12.99 28.93 13.33
C LYS A 40 -13.88 28.45 12.19
N SER A 41 -13.30 28.29 11.01
CA SER A 41 -14.11 27.92 9.84
C SER A 41 -14.18 26.43 9.63
N ASN A 42 -15.34 25.93 9.21
CA ASN A 42 -15.49 24.50 8.97
C ASN A 42 -14.86 24.09 7.63
N GLU A 43 -14.39 25.07 6.88
CA GLU A 43 -13.70 24.79 5.62
C GLU A 43 -12.27 24.32 5.87
N ASN A 44 -11.76 24.57 7.08
CA ASN A 44 -10.36 24.29 7.39
C ASN A 44 -10.15 23.28 8.52
N TRP A 45 -9.02 22.60 8.46
CA TRP A 45 -8.50 21.81 9.56
C TRP A 45 -7.00 22.08 9.53
N VAL A 46 -6.58 23.10 10.28
CA VAL A 46 -5.31 23.77 10.03
C VAL A 46 -4.15 23.26 10.87
N MET A 47 -4.44 22.36 11.81
CA MET A 47 -3.39 21.75 12.60
C MET A 47 -3.88 20.38 13.07
N GLN A 48 -2.96 19.50 13.48
CA GLN A 48 -3.33 18.13 13.84
C GLN A 48 -4.46 18.08 14.88
N GLY A 49 -4.44 19.04 15.80
CA GLY A 49 -5.43 19.09 16.87
C GLY A 49 -6.68 19.87 16.51
N LYS A 50 -6.78 20.25 15.23
CA LYS A 50 -7.84 21.08 14.68
C LYS A 50 -7.73 22.54 15.16
N ASP A 51 -7.55 22.73 16.46
CA ASP A 51 -7.40 24.08 17.02
C ASP A 51 -6.36 24.07 18.12
N PHE A 52 -6.00 25.25 18.63
CA PHE A 52 -4.93 25.35 19.61
C PHE A 52 -5.31 24.70 20.94
N SER A 53 -6.61 24.56 21.20
CA SER A 53 -7.05 23.87 22.42
C SER A 53 -7.05 22.35 22.26
N GLY A 54 -6.79 21.88 21.05
CA GLY A 54 -6.80 20.44 20.78
C GLY A 54 -8.16 19.80 21.00
N THR A 55 -9.25 20.48 20.64
CA THR A 55 -10.55 19.89 20.90
C THR A 55 -10.99 18.82 19.91
N HIS A 56 -10.42 18.83 18.70
CA HIS A 56 -10.92 17.94 17.64
C HIS A 56 -12.46 18.03 17.54
N TYR A 57 -13.02 19.21 17.77
CA TYR A 57 -14.47 19.40 17.76
C TYR A 57 -14.94 20.26 16.60
N SER A 58 -15.87 19.70 15.83
CA SER A 58 -16.44 20.38 14.67
C SER A 58 -17.87 20.80 14.93
N THR A 59 -18.20 22.04 14.58
CA THR A 59 -19.57 22.51 14.70
C THR A 59 -20.40 22.17 13.48
N ALA A 60 -19.77 21.56 12.47
CA ALA A 60 -20.50 21.09 11.29
C ALA A 60 -21.58 20.08 11.66
N LYS A 61 -22.79 20.29 11.12
CA LYS A 61 -23.95 19.47 11.46
C LYS A 61 -24.59 18.75 10.28
N GLN A 62 -24.00 18.86 9.09
CA GLN A 62 -24.60 18.22 7.91
C GLN A 62 -24.73 16.73 8.13
N ILE A 63 -23.67 16.16 8.70
CA ILE A 63 -23.65 14.76 9.09
C ILE A 63 -24.02 14.70 10.55
N ASN A 64 -25.05 13.97 10.91
CA ASN A 64 -25.46 13.93 12.31
C ASN A 64 -25.92 12.53 12.71
N LYS A 65 -26.34 12.37 13.96
CA LYS A 65 -26.54 11.02 14.47
C LYS A 65 -27.65 10.27 13.74
N ASP A 66 -28.52 11.00 13.04
CA ASP A 66 -29.63 10.36 12.35
C ASP A 66 -29.43 10.13 10.85
N ASN A 67 -28.34 10.64 10.27
CA ASN A 67 -28.07 10.32 8.86
C ASN A 67 -26.68 9.74 8.62
N VAL A 68 -25.92 9.47 9.67
CA VAL A 68 -24.53 9.03 9.51
C VAL A 68 -24.44 7.68 8.82
N LYS A 69 -25.51 6.88 8.90
CA LYS A 69 -25.56 5.60 8.20
C LYS A 69 -25.47 5.79 6.67
N LYS A 70 -25.75 7.00 6.18
CA LYS A 70 -25.61 7.30 4.76
C LYS A 70 -24.18 7.61 4.32
N LEU A 71 -23.25 7.68 5.25
CA LEU A 71 -21.84 7.92 4.89
C LEU A 71 -21.23 6.80 4.07
N ARG A 72 -20.63 7.15 2.93
N ARG A 72 -20.63 7.17 2.95
CA ARG A 72 -19.83 6.20 2.20
CA ARG A 72 -19.88 6.25 2.10
C ARG A 72 -18.73 6.94 1.45
C ARG A 72 -18.68 6.97 1.50
N PRO A 73 -17.69 6.21 0.99
CA PRO A 73 -16.54 6.88 0.38
C PRO A 73 -16.89 7.79 -0.79
N SER A 74 -16.28 8.97 -0.78
CA SER A 74 -16.40 9.99 -1.82
C SER A 74 -15.28 9.84 -2.85
N TRP A 75 -14.07 9.61 -2.33
CA TRP A 75 -12.87 9.38 -3.13
C TRP A 75 -11.76 8.88 -2.22
N SER A 76 -10.62 8.52 -2.79
CA SER A 76 -9.54 7.90 -2.00
C SER A 76 -8.19 8.20 -2.62
N PHE A 77 -7.13 7.92 -1.86
CA PHE A 77 -5.77 8.28 -2.25
C PHE A 77 -4.78 7.35 -1.60
N SER A 78 -4.00 6.63 -2.40
CA SER A 78 -2.95 5.78 -1.87
C SER A 78 -1.68 6.60 -1.70
N THR A 79 -0.99 6.45 -0.58
CA THR A 79 0.24 7.19 -0.35
C THR A 79 1.45 6.60 -1.06
N GLY A 80 1.35 5.35 -1.51
CA GLY A 80 2.48 4.70 -2.16
C GLY A 80 3.54 4.20 -1.19
N VAL A 81 3.25 4.27 0.10
CA VAL A 81 4.14 3.65 1.09
C VAL A 81 3.35 2.79 2.08
N LEU A 82 4.04 1.88 2.75
CA LEU A 82 3.39 1.02 3.73
C LEU A 82 3.79 1.45 5.13
N ASN A 83 3.66 0.53 6.09
CA ASN A 83 3.86 0.82 7.52
C ASN A 83 2.83 1.80 8.09
N GLY A 84 2.98 2.15 9.36
CA GLY A 84 1.92 2.87 10.06
C GLY A 84 1.70 4.30 9.60
N HIS A 85 0.43 4.67 9.44
CA HIS A 85 0.05 6.00 8.97
C HIS A 85 -0.65 6.80 10.07
N GLU A 86 0.13 7.44 10.94
CA GLU A 86 -0.40 8.22 12.07
C GLU A 86 -0.72 9.64 11.64
N GLY A 87 -1.26 10.44 12.56
CA GLY A 87 -1.70 11.77 12.23
C GLY A 87 -2.91 11.74 11.31
N ALA A 88 -3.17 12.86 10.67
CA ALA A 88 -4.22 12.94 9.66
C ALA A 88 -3.91 14.11 8.73
N PRO A 89 -4.58 14.16 7.58
CA PRO A 89 -4.35 15.31 6.69
C PRO A 89 -4.73 16.66 7.29
N LEU A 90 -4.16 17.72 6.72
CA LEU A 90 -4.61 19.08 6.97
C LEU A 90 -5.39 19.57 5.76
N VAL A 91 -6.31 20.50 6.00
CA VAL A 91 -7.01 21.16 4.90
C VAL A 91 -7.02 22.65 5.18
N VAL A 92 -6.50 23.43 4.24
CA VAL A 92 -6.49 24.88 4.37
C VAL A 92 -6.74 25.49 3.00
N ASN A 93 -7.64 26.46 2.95
CA ASN A 93 -7.99 27.20 1.72
C ASN A 93 -8.09 26.32 0.48
N GLY A 94 -8.84 25.22 0.60
CA GLY A 94 -9.21 24.43 -0.55
C GLY A 94 -8.22 23.37 -0.96
N THR A 95 -7.20 23.14 -0.12
CA THR A 95 -6.16 22.17 -0.43
C THR A 95 -5.97 21.23 0.73
N MET A 96 -5.87 19.93 0.43
CA MET A 96 -5.53 18.93 1.43
C MET A 96 -4.05 18.62 1.36
N TYR A 97 -3.41 18.52 2.52
CA TYR A 97 -2.01 18.16 2.62
C TYR A 97 -1.89 16.85 3.37
N ILE A 98 -1.09 15.94 2.82
CA ILE A 98 -1.00 14.57 3.26
C ILE A 98 0.45 14.19 3.49
N HIS A 99 0.73 13.55 4.63
CA HIS A 99 2.08 13.11 4.97
C HIS A 99 2.10 11.59 5.07
N THR A 100 3.29 11.01 5.04
CA THR A 100 3.45 9.56 5.09
C THR A 100 4.47 9.15 6.15
N PRO A 101 4.50 7.87 6.53
CA PRO A 101 5.64 7.34 7.28
C PRO A 101 6.92 7.39 6.44
N PHE A 102 8.06 6.96 7.00
CA PHE A 102 9.34 6.98 6.28
C PHE A 102 9.17 6.49 4.84
N PRO A 103 9.72 7.23 3.86
CA PRO A 103 10.64 8.39 3.98
C PRO A 103 9.98 9.77 4.07
N ASN A 104 8.73 9.82 4.54
CA ASN A 104 8.07 11.07 4.93
C ASN A 104 7.79 11.98 3.73
N ASN A 105 7.09 11.42 2.75
CA ASN A 105 6.70 12.18 1.58
C ASN A 105 5.51 13.07 1.93
N THR A 106 5.39 14.19 1.21
CA THR A 106 4.29 15.13 1.38
C THR A 106 3.55 15.28 0.05
N PHE A 107 2.23 15.23 0.08
CA PHE A 107 1.42 15.47 -1.10
C PHE A 107 0.43 16.59 -0.87
N ALA A 108 0.24 17.43 -1.88
CA ALA A 108 -0.81 18.45 -1.85
C ALA A 108 -1.83 18.16 -2.93
N ILE A 109 -3.11 18.34 -2.60
CA ILE A 109 -4.21 18.02 -3.48
C ILE A 109 -5.27 19.11 -3.43
N ASP A 110 -5.62 19.67 -4.58
CA ASP A 110 -6.69 20.67 -4.64
C ASP A 110 -8.03 19.93 -4.57
N LEU A 111 -8.87 20.28 -3.60
CA LEU A 111 -10.11 19.54 -3.35
C LEU A 111 -11.11 19.64 -4.50
N ASP A 112 -10.94 20.63 -5.37
CA ASP A 112 -11.77 20.77 -6.56
C ASP A 112 -11.55 19.62 -7.56
N GLU A 113 -10.40 18.96 -7.46
CA GLU A 113 -10.11 17.83 -8.35
C GLU A 113 -9.17 16.88 -7.60
N PRO A 114 -9.73 16.05 -6.72
CA PRO A 114 -8.93 15.27 -5.77
C PRO A 114 -7.98 14.26 -6.42
N GLY A 115 -8.17 13.94 -7.68
CA GLY A 115 -7.30 12.96 -8.34
C GLY A 115 -5.99 13.52 -8.86
N VAL A 116 -5.83 14.83 -8.82
CA VAL A 116 -4.59 15.44 -9.30
C VAL A 116 -3.70 15.79 -8.11
N ILE A 117 -2.46 15.34 -8.15
CA ILE A 117 -1.47 15.75 -7.15
C ILE A 117 -0.87 17.09 -7.53
N LYS A 118 -1.20 18.12 -6.76
CA LYS A 118 -0.78 19.49 -7.05
C LYS A 118 0.73 19.62 -6.95
N TRP A 119 1.29 19.08 -5.87
CA TRP A 119 2.74 18.94 -5.77
C TRP A 119 3.09 17.82 -4.78
N GLU A 120 4.33 17.38 -4.87
CA GLU A 120 4.85 16.36 -3.99
C GLU A 120 6.20 16.79 -3.44
N HIS A 121 6.56 16.30 -2.27
CA HIS A 121 7.90 16.49 -1.74
C HIS A 121 8.39 15.16 -1.20
N LYS A 122 9.49 14.68 -1.76
CA LYS A 122 10.01 13.35 -1.41
C LYS A 122 11.45 13.45 -0.92
N PRO A 123 11.63 13.48 0.41
CA PRO A 123 12.95 13.60 1.04
C PRO A 123 13.89 12.43 0.75
N LYS A 124 15.19 12.74 0.65
CA LYS A 124 16.21 11.71 0.64
C LYS A 124 16.78 11.57 2.03
N GLN A 125 16.69 10.37 2.57
CA GLN A 125 17.18 10.07 3.92
C GLN A 125 18.01 8.79 3.94
N ASP A 126 18.96 8.73 4.86
CA ASP A 126 19.69 7.50 5.13
C ASP A 126 18.73 6.42 5.64
N PRO A 127 18.63 5.28 4.92
CA PRO A 127 17.71 4.25 5.43
C PRO A 127 18.14 3.67 6.79
N ALA A 128 19.37 3.98 7.21
CA ALA A 128 19.82 3.58 8.54
C ALA A 128 18.96 4.20 9.64
N ALA A 129 18.27 5.30 9.32
CA ALA A 129 17.34 5.90 10.28
C ALA A 129 16.28 4.92 10.76
N ARG A 130 15.90 3.99 9.90
CA ARG A 130 14.88 2.99 10.27
C ARG A 130 15.28 2.20 11.50
N ALA A 131 16.58 1.92 11.63
CA ALA A 131 17.06 0.98 12.63
C ALA A 131 17.05 1.53 14.05
N VAL A 132 16.97 2.85 14.20
CA VAL A 132 16.91 3.43 15.55
C VAL A 132 15.49 3.91 15.88
N ALA A 133 14.52 3.53 15.06
CA ALA A 133 13.11 3.74 15.40
C ALA A 133 12.62 2.56 16.24
N CYS A 134 12.18 2.84 17.45
CA CYS A 134 11.77 1.77 18.37
C CYS A 134 10.48 1.10 17.91
N CYS A 135 9.59 1.89 17.34
CA CYS A 135 8.18 1.51 17.36
C CYS A 135 7.48 1.79 16.03
N ASP A 136 8.12 1.37 14.93
CA ASP A 136 7.71 1.60 13.53
C ASP A 136 8.15 3.00 13.08
N VAL A 137 8.21 3.21 11.78
CA VAL A 137 8.74 4.45 11.20
C VAL A 137 7.62 5.48 10.93
N VAL A 138 6.76 5.64 11.93
CA VAL A 138 5.60 6.50 11.83
C VAL A 138 5.95 7.97 11.85
N ASN A 139 4.99 8.80 11.44
CA ASN A 139 5.11 10.24 11.54
C ASN A 139 3.73 10.82 11.79
N ARG A 140 3.62 11.75 12.74
CA ARG A 140 2.32 12.17 13.22
C ARG A 140 1.78 13.43 12.54
N GLY A 141 2.49 13.93 11.53
CA GLY A 141 1.85 14.84 10.59
C GLY A 141 2.43 16.21 10.37
N LEU A 142 1.76 16.94 9.49
CA LEU A 142 2.21 18.24 9.04
C LEU A 142 1.71 19.34 9.95
N ALA A 143 2.35 20.49 9.86
CA ALA A 143 1.85 21.71 10.46
C ALA A 143 1.77 22.77 9.36
N TYR A 144 1.10 23.87 9.66
CA TYR A 144 0.88 24.91 8.67
C TYR A 144 1.04 26.28 9.33
N TRP A 145 1.85 27.14 8.69
CA TRP A 145 2.03 28.54 9.09
C TRP A 145 1.46 29.42 7.98
N PRO A 146 0.53 30.31 8.34
CA PRO A 146 -0.34 30.97 7.35
C PRO A 146 0.25 32.13 6.56
N GLY A 147 1.50 32.50 6.80
CA GLY A 147 2.13 33.57 6.03
C GLY A 147 1.96 34.97 6.59
N ASP A 148 2.81 35.89 6.14
CA ASP A 148 2.67 37.31 6.44
C ASP A 148 3.39 38.10 5.37
N ASP A 149 3.76 39.34 5.65
CA ASP A 149 4.34 40.18 4.61
C ASP A 149 5.81 39.84 4.34
N LYS A 150 6.41 39.00 5.17
CA LYS A 150 7.83 38.66 4.99
C LYS A 150 8.07 37.28 4.40
N ALA A 151 7.11 36.38 4.56
CA ALA A 151 7.21 35.04 3.98
C ALA A 151 5.81 34.52 3.68
N PRO A 152 5.68 33.72 2.61
CA PRO A 152 4.40 33.13 2.23
C PRO A 152 4.03 31.97 3.15
N ALA A 153 2.82 31.45 3.02
CA ALA A 153 2.38 30.32 3.84
C ALA A 153 3.29 29.11 3.63
N MET A 154 3.46 28.33 4.69
CA MET A 154 4.44 27.24 4.73
C MET A 154 3.80 25.99 5.28
N ILE A 155 4.14 24.85 4.68
CA ILE A 155 3.88 23.53 5.27
C ILE A 155 5.14 23.10 5.99
N VAL A 156 5.02 22.64 7.23
CA VAL A 156 6.19 22.24 8.00
C VAL A 156 6.10 20.76 8.34
N LYS A 157 7.20 20.04 8.11
CA LYS A 157 7.24 18.60 8.30
C LYS A 157 8.48 18.20 9.08
N SER A 158 8.39 17.04 9.74
CA SER A 158 9.54 16.41 10.37
C SER A 158 9.94 15.16 9.58
N LEU A 159 11.22 14.82 9.64
CA LEU A 159 11.74 13.61 8.98
C LEU A 159 12.27 12.65 10.04
N LEU A 160 12.14 11.35 9.78
CA LEU A 160 12.65 10.37 10.72
C LEU A 160 14.11 10.63 11.10
N ASP A 161 14.92 11.07 10.13
CA ASP A 161 16.37 11.21 10.35
C ASP A 161 16.69 12.48 11.17
N GLY A 162 15.65 13.18 11.60
CA GLY A 162 15.82 14.26 12.55
C GLY A 162 15.62 15.66 12.02
N HIS A 163 15.47 15.80 10.71
CA HIS A 163 15.33 17.14 10.15
C HIS A 163 13.94 17.72 10.38
N VAL A 164 13.89 19.05 10.36
CA VAL A 164 12.65 19.79 10.24
C VAL A 164 12.74 20.60 8.96
N VAL A 165 11.69 20.52 8.13
CA VAL A 165 11.69 21.16 6.83
C VAL A 165 10.48 22.07 6.68
N ALA A 166 10.72 23.30 6.21
CA ALA A 166 9.62 24.19 5.84
C ALA A 166 9.50 24.23 4.32
N LEU A 167 8.29 23.97 3.81
CA LEU A 167 8.00 23.99 2.38
C LEU A 167 7.04 25.13 2.05
N ASN A 168 7.23 25.76 0.90
CA ASN A 168 6.21 26.68 0.40
C ASN A 168 4.88 25.94 0.19
N ALA A 169 3.80 26.44 0.81
CA ALA A 169 2.53 25.70 0.79
C ALA A 169 1.94 25.63 -0.61
N GLU A 170 2.21 26.65 -1.41
CA GLU A 170 1.65 26.72 -2.75
C GLU A 170 2.40 25.84 -3.74
N THR A 171 3.72 25.78 -3.63
CA THR A 171 4.54 25.12 -4.64
C THR A 171 5.23 23.84 -4.17
N GLY A 172 5.36 23.70 -2.85
CA GLY A 172 6.05 22.56 -2.28
C GLY A 172 7.57 22.66 -2.27
N GLU A 173 8.11 23.77 -2.75
CA GLU A 173 9.56 23.92 -2.80
C GLU A 173 10.13 24.21 -1.42
N GLU A 174 11.30 23.65 -1.13
CA GLU A 174 11.96 23.85 0.16
CA GLU A 174 11.94 23.84 0.17
C GLU A 174 12.24 25.31 0.45
N TYR A 175 11.89 25.75 1.65
CA TYR A 175 12.18 27.10 2.10
C TYR A 175 13.37 27.04 3.07
N TRP A 176 13.32 26.17 4.07
CA TRP A 176 14.53 25.79 4.82
C TRP A 176 14.49 24.36 5.35
N LYS A 177 15.65 23.90 5.81
CA LYS A 177 15.80 22.53 6.33
C LYS A 177 16.88 22.55 7.39
N VAL A 178 16.51 22.24 8.62
CA VAL A 178 17.46 22.27 9.74
C VAL A 178 17.65 20.88 10.34
N GLU A 179 18.81 20.66 10.95
CA GLU A 179 19.07 19.41 11.67
C GLU A 179 18.56 19.50 13.10
N ASN A 180 17.69 18.58 13.48
CA ASN A 180 17.18 18.58 14.85
C ASN A 180 17.36 17.23 15.54
N GLY A 181 18.21 16.38 14.97
CA GLY A 181 18.51 15.10 15.60
C GLY A 181 19.55 14.36 14.80
N ASP A 182 20.33 13.53 15.49
CA ASP A 182 21.41 12.79 14.86
C ASP A 182 21.17 11.30 15.13
N ILE A 183 20.84 10.53 14.10
CA ILE A 183 20.53 9.12 14.31
C ILE A 183 21.72 8.35 14.89
N SER A 184 22.94 8.87 14.71
CA SER A 184 24.10 8.17 15.25
C SER A 184 24.14 8.14 16.79
N VAL A 185 23.36 9.01 17.44
CA VAL A 185 23.24 8.93 18.90
C VAL A 185 21.84 8.51 19.34
N GLY A 186 21.06 7.96 18.41
CA GLY A 186 19.78 7.37 18.76
C GLY A 186 18.58 8.28 18.62
N GLN A 187 18.80 9.52 18.18
CA GLN A 187 17.73 10.49 17.99
C GLN A 187 17.02 10.28 16.67
N THR A 188 15.69 10.39 16.69
CA THR A 188 14.87 10.40 15.48
C THR A 188 13.79 11.44 15.67
N GLU A 189 12.97 11.65 14.65
CA GLU A 189 11.78 12.48 14.84
C GLU A 189 10.58 11.76 14.24
N THR A 190 9.54 11.61 15.07
CA THR A 190 8.27 11.06 14.61
C THR A 190 7.11 12.03 14.86
N ALA A 191 7.30 12.98 15.76
CA ALA A 191 6.22 13.90 16.11
C ALA A 191 5.97 14.96 15.05
N ALA A 192 4.74 15.48 15.04
CA ALA A 192 4.41 16.59 14.18
C ALA A 192 5.04 17.87 14.71
N PRO A 193 5.55 18.72 13.82
CA PRO A 193 5.96 20.06 14.29
C PRO A 193 4.74 20.82 14.79
N PHE A 194 4.97 21.83 15.61
CA PHE A 194 3.88 22.63 16.16
C PHE A 194 4.12 24.09 15.88
N VAL A 195 3.20 24.74 15.18
CA VAL A 195 3.34 26.17 14.91
C VAL A 195 2.46 27.01 15.83
N ALA A 196 3.10 27.97 16.50
CA ALA A 196 2.40 28.98 17.28
C ALA A 196 3.14 30.30 17.07
N LYS A 197 2.39 31.40 16.95
CA LYS A 197 2.92 32.67 16.46
C LYS A 197 3.79 32.44 15.22
N ASP A 198 5.05 32.82 15.25
CA ASP A 198 5.92 32.60 14.09
C ASP A 198 7.00 31.56 14.41
N LEU A 199 6.71 30.69 15.38
CA LEU A 199 7.65 29.67 15.81
C LEU A 199 7.24 28.28 15.33
N VAL A 200 8.22 27.47 14.96
CA VAL A 200 8.04 26.04 14.73
C VAL A 200 8.66 25.32 15.91
N ILE A 201 7.85 24.56 16.64
CA ILE A 201 8.36 23.82 17.78
C ILE A 201 8.43 22.32 17.46
N GLN A 202 9.58 21.71 17.71
CA GLN A 202 9.74 20.28 17.43
C GLN A 202 10.25 19.57 18.68
N GLY A 203 9.70 18.38 18.92
CA GLY A 203 10.08 17.57 20.05
C GLY A 203 11.27 16.68 19.76
N SER A 204 11.24 15.48 20.33
CA SER A 204 12.38 14.55 20.30
C SER A 204 11.90 13.11 20.52
N SER A 205 12.69 12.15 20.03
CA SER A 205 12.41 10.71 20.17
C SER A 205 13.69 9.98 20.49
N GLY A 206 13.57 8.82 21.11
CA GLY A 206 14.73 7.99 21.40
C GLY A 206 15.02 7.67 22.85
N ALA A 207 14.05 7.83 23.74
CA ALA A 207 14.28 7.45 25.13
C ALA A 207 14.65 5.97 25.25
N GLU A 208 14.20 5.14 24.30
CA GLU A 208 14.57 3.73 24.33
C GLU A 208 16.01 3.51 23.91
N LEU A 209 16.68 4.60 23.54
CA LEU A 209 18.09 4.56 23.21
C LEU A 209 18.85 5.59 24.06
N GLY A 210 18.25 5.94 25.21
CA GLY A 210 18.91 6.81 26.17
C GLY A 210 19.01 8.27 25.76
N VAL A 211 18.15 8.70 24.83
CA VAL A 211 18.16 10.10 24.42
C VAL A 211 17.56 11.02 25.49
N ARG A 212 18.33 12.03 25.91
CA ARG A 212 17.82 13.07 26.79
C ARG A 212 16.86 13.94 26.02
N GLY A 213 15.63 14.08 26.52
CA GLY A 213 14.62 14.86 25.82
C GLY A 213 14.98 16.32 25.66
N TYR A 214 14.67 16.87 24.49
CA TYR A 214 14.87 18.28 24.20
C TYR A 214 13.73 18.76 23.32
N VAL A 215 13.30 19.99 23.57
CA VAL A 215 12.26 20.63 22.77
C VAL A 215 12.86 21.91 22.20
N THR A 216 12.60 22.21 20.93
CA THR A 216 13.33 23.28 20.22
C THR A 216 12.37 24.14 19.40
N ALA A 217 12.60 25.45 19.38
CA ALA A 217 11.80 26.35 18.56
C ALA A 217 12.65 27.02 17.49
N TYR A 218 12.11 27.09 16.27
CA TYR A 218 12.78 27.77 15.16
C TYR A 218 11.91 28.89 14.62
N ASP A 219 12.51 29.99 14.22
CA ASP A 219 11.75 31.08 13.62
C ASP A 219 11.38 30.67 12.19
N ILE A 220 10.10 30.79 11.83
CA ILE A 220 9.66 30.30 10.53
C ILE A 220 10.25 31.12 9.38
N HIS A 221 10.53 32.41 9.64
CA HIS A 221 11.05 33.27 8.59
C HIS A 221 12.50 32.94 8.23
N THR A 222 13.30 32.63 9.24
CA THR A 222 14.76 32.61 9.08
C THR A 222 15.37 31.24 9.26
N GLY A 223 14.64 30.33 9.91
CA GLY A 223 15.20 29.03 10.27
C GLY A 223 16.04 29.08 11.53
N GLU A 224 16.18 30.27 12.12
CA GLU A 224 17.02 30.45 13.30
C GLU A 224 16.45 29.74 14.54
N MET A 225 17.33 29.08 15.30
CA MET A 225 16.91 28.46 16.55
C MET A 225 16.72 29.54 17.61
N VAL A 226 15.54 29.56 18.21
CA VAL A 226 15.13 30.63 19.11
C VAL A 226 15.35 30.20 20.57
N TRP A 227 15.05 28.94 20.85
CA TRP A 227 15.41 28.35 22.13
C TRP A 227 15.42 26.82 22.04
N ARG A 228 16.08 26.21 23.01
CA ARG A 228 16.12 24.75 23.15
C ARG A 228 16.22 24.42 24.62
N TRP A 229 15.30 23.58 25.09
CA TRP A 229 15.24 23.26 26.52
C TRP A 229 15.15 21.75 26.73
N TYR A 230 15.78 21.29 27.79
CA TYR A 230 15.93 19.86 28.04
C TYR A 230 15.04 19.36 29.19
N ALA A 231 14.81 18.05 29.21
CA ALA A 231 13.92 17.42 30.20
C ALA A 231 14.61 17.02 31.50
N THR A 232 15.94 16.94 31.46
CA THR A 232 16.73 16.56 32.63
C THR A 232 17.99 17.42 32.61
N GLY A 233 18.76 17.39 33.70
CA GLY A 233 19.97 18.18 33.81
C GLY A 233 19.81 19.44 34.64
N PRO A 234 20.84 20.28 34.68
CA PRO A 234 20.80 21.51 35.48
C PRO A 234 19.69 22.45 35.03
N ASP A 235 19.20 23.30 35.92
CA ASP A 235 18.12 24.22 35.56
C ASP A 235 18.49 25.09 34.37
N ALA A 236 19.78 25.39 34.21
CA ALA A 236 20.24 26.13 33.04
C ALA A 236 19.86 25.44 31.72
N ASP A 237 19.74 24.11 31.76
CA ASP A 237 19.35 23.33 30.59
C ASP A 237 17.83 23.15 30.47
N VAL A 238 17.14 23.11 31.61
CA VAL A 238 15.71 22.80 31.63
C VAL A 238 14.87 24.02 31.26
N GLY A 239 15.35 25.21 31.60
CA GLY A 239 14.65 26.43 31.25
C GLY A 239 13.48 26.74 32.16
N LEU A 240 13.79 27.24 33.35
CA LEU A 240 12.79 27.57 34.34
C LEU A 240 12.59 29.08 34.49
N ASP A 241 11.33 29.49 34.47
CA ASP A 241 10.97 30.88 34.75
C ASP A 241 11.26 31.11 36.21
N LYS A 242 11.51 32.36 36.60
CA LYS A 242 11.78 32.64 37.99
C LYS A 242 10.58 32.27 38.86
N ASP A 243 9.40 32.27 38.25
CA ASP A 243 8.17 31.92 38.95
C ASP A 243 7.75 30.46 38.78
N PHE A 244 8.67 29.61 38.34
CA PHE A 244 8.37 28.18 38.12
C PHE A 244 7.73 27.52 39.34
N ASN A 245 6.52 26.99 39.16
CA ASN A 245 5.75 26.34 40.21
C ASN A 245 5.50 27.20 41.44
N LYS A 246 5.41 28.51 41.23
CA LYS A 246 5.10 29.44 42.32
C LYS A 246 3.83 29.05 43.08
N HIS A 247 2.81 28.62 42.35
CA HIS A 247 1.52 28.28 42.95
C HIS A 247 1.51 26.87 43.54
N ASN A 248 2.51 26.06 43.21
CA ASN A 248 2.60 24.70 43.74
C ASN A 248 4.02 24.32 44.08
N PRO A 249 4.61 24.97 45.09
CA PRO A 249 6.03 24.69 45.33
C PRO A 249 6.28 23.24 45.75
N HIS A 250 5.23 22.55 46.20
CA HIS A 250 5.37 21.16 46.61
C HIS A 250 5.55 20.21 45.41
N TYR A 251 5.38 20.73 44.19
CA TYR A 251 5.71 19.97 42.98
C TYR A 251 7.22 19.83 42.84
N GLY A 252 7.95 20.70 43.55
CA GLY A 252 9.37 20.84 43.34
C GLY A 252 9.73 22.05 42.50
N GLN A 253 10.87 22.66 42.78
CA GLN A 253 11.29 23.80 41.98
C GLN A 253 12.71 23.64 41.44
N LYS A 254 13.72 24.12 42.16
CA LYS A 254 15.06 24.21 41.59
C LYS A 254 15.97 22.98 41.82
N GLY A 255 16.83 22.71 40.84
CA GLY A 255 17.91 21.74 40.97
C GLY A 255 17.55 20.27 40.84
N LEU A 256 16.28 19.97 40.58
CA LEU A 256 15.80 18.60 40.65
C LEU A 256 16.11 17.79 39.39
N GLY A 257 16.47 18.48 38.32
CA GLY A 257 16.87 17.85 37.08
C GLY A 257 18.19 17.12 37.24
N THR A 258 18.96 17.45 38.27
CA THR A 258 20.13 16.64 38.61
C THR A 258 20.02 16.00 39.99
N SER A 259 19.34 16.66 40.94
CA SER A 259 19.38 16.17 42.31
C SER A 259 18.52 14.93 42.51
N THR A 260 17.62 14.65 41.56
CA THR A 260 16.82 13.41 41.65
C THR A 260 17.38 12.32 40.74
N TRP A 261 18.67 12.45 40.43
CA TRP A 261 19.44 11.42 39.73
C TRP A 261 20.71 11.14 40.52
N GLU A 262 21.33 10.00 40.26
CA GLU A 262 22.65 9.71 40.82
C GLU A 262 23.74 10.06 39.80
N ASP A 263 24.63 10.98 40.18
CA ASP A 263 25.74 11.42 39.33
C ASP A 263 25.23 11.83 37.93
N ASN A 264 25.87 11.35 36.86
CA ASN A 264 25.51 11.83 35.52
C ASN A 264 24.51 10.98 34.75
N ALA A 265 23.72 10.16 35.45
CA ALA A 265 22.76 9.30 34.78
C ALA A 265 21.69 10.10 34.02
N TRP A 266 21.52 11.36 34.38
CA TRP A 266 20.53 12.19 33.72
C TRP A 266 20.94 12.48 32.27
N LYS A 267 22.24 12.40 31.96
CA LYS A 267 22.70 12.71 30.60
C LYS A 267 22.10 11.80 29.53
N ILE A 268 21.78 10.58 29.93
CA ILE A 268 21.10 9.62 29.07
C ILE A 268 19.73 9.28 29.65
N GLY A 269 19.04 10.29 30.15
CA GLY A 269 17.92 10.05 31.06
C GLY A 269 16.51 10.08 30.48
N GLY A 270 16.38 10.15 29.17
CA GLY A 270 15.04 10.12 28.58
C GLY A 270 14.30 11.45 28.70
N GLY A 271 12.97 11.38 28.72
CA GLY A 271 12.14 12.57 28.81
C GLY A 271 11.87 13.22 27.47
N THR A 272 12.13 12.49 26.40
CA THR A 272 11.78 12.94 25.05
C THR A 272 10.30 13.28 24.95
N ASN A 273 9.98 14.27 24.10
CA ASN A 273 8.57 14.65 23.90
C ASN A 273 8.20 14.48 22.44
N TRP A 274 7.42 13.43 22.18
CA TRP A 274 7.10 13.02 20.81
C TRP A 274 5.58 12.98 20.61
N GLY A 275 4.84 13.51 21.58
CA GLY A 275 3.39 13.55 21.49
C GLY A 275 2.89 14.89 20.96
N TRP A 276 2.01 15.53 21.72
CA TRP A 276 1.23 16.66 21.22
C TRP A 276 1.37 17.92 22.07
N TYR A 277 0.96 19.06 21.50
CA TYR A 277 0.93 20.31 22.27
C TYR A 277 -0.43 20.96 22.25
N ALA A 278 -0.68 21.82 23.23
CA ALA A 278 -1.79 22.76 23.14
C ALA A 278 -1.25 24.15 23.44
N TYR A 279 -2.01 25.17 23.08
CA TYR A 279 -1.56 26.55 23.22
C TYR A 279 -2.72 27.47 23.59
N ASP A 280 -2.47 28.34 24.57
CA ASP A 280 -3.45 29.34 24.97
C ASP A 280 -2.91 30.71 24.55
N PRO A 281 -3.52 31.33 23.53
CA PRO A 281 -2.99 32.60 23.02
C PRO A 281 -3.05 33.73 24.04
N GLN A 282 -4.03 33.71 24.92
CA GLN A 282 -4.19 34.81 25.87
C GLN A 282 -3.13 34.75 26.94
N LEU A 283 -2.79 33.55 27.39
CA LEU A 283 -1.75 33.37 28.38
C LEU A 283 -0.37 33.34 27.74
N ASP A 284 -0.37 33.15 26.42
CA ASP A 284 0.82 32.91 25.59
C ASP A 284 1.68 31.79 26.17
N MET A 285 1.01 30.69 26.53
CA MET A 285 1.67 29.51 27.08
C MET A 285 1.30 28.30 26.25
N PHE A 286 2.28 27.41 26.03
CA PHE A 286 1.98 26.14 25.40
C PHE A 286 2.22 25.02 26.40
N TYR A 287 1.63 23.86 26.12
CA TYR A 287 1.56 22.74 27.06
C TYR A 287 1.89 21.42 26.38
N TYR A 288 2.69 20.58 27.03
CA TYR A 288 3.00 19.26 26.50
C TYR A 288 3.54 18.41 27.64
N GLY A 289 3.65 17.12 27.40
CA GLY A 289 4.26 16.23 28.37
C GLY A 289 5.61 15.68 27.95
N SER A 290 6.53 15.57 28.90
CA SER A 290 7.81 14.90 28.64
C SER A 290 7.71 13.41 28.94
N GLY A 291 8.55 12.62 28.27
CA GLY A 291 8.41 11.17 28.29
C GLY A 291 9.14 10.41 29.38
N ASN A 292 9.29 9.12 29.17
CA ASN A 292 9.88 8.22 30.15
C ASN A 292 11.36 8.41 30.36
N PRO A 293 11.84 8.13 31.58
CA PRO A 293 13.28 8.09 31.84
C PRO A 293 13.88 6.83 31.23
N ALA A 294 15.17 6.90 30.89
CA ALA A 294 15.92 5.74 30.42
C ALA A 294 16.93 5.30 31.48
N PRO A 295 17.21 4.00 31.56
CA PRO A 295 16.59 2.91 30.79
C PRO A 295 15.27 2.49 31.41
N TRP A 296 14.62 1.46 30.86
CA TRP A 296 13.39 0.93 31.46
C TRP A 296 13.71 0.27 32.80
N ASN A 297 14.95 -0.24 32.92
CA ASN A 297 15.43 -0.81 34.17
C ASN A 297 15.51 0.23 35.27
N GLU A 298 14.54 0.24 36.18
CA GLU A 298 14.47 1.27 37.21
C GLU A 298 15.62 1.24 38.21
N THR A 299 16.24 0.07 38.38
CA THR A 299 17.30 -0.11 39.37
C THR A 299 18.58 0.59 38.94
N MET A 300 18.72 0.81 37.64
CA MET A 300 19.87 1.53 37.13
C MET A 300 19.75 3.06 37.23
N ARG A 301 18.62 3.56 37.72
CA ARG A 301 18.47 5.00 37.86
C ARG A 301 17.64 5.36 39.10
N PRO A 302 18.24 5.16 40.29
CA PRO A 302 17.54 5.56 41.51
C PRO A 302 17.19 7.06 41.47
N GLY A 303 16.03 7.42 42.01
CA GLY A 303 15.67 8.83 42.12
C GLY A 303 14.38 9.16 41.40
N ASP A 304 13.81 10.33 41.70
CA ASP A 304 12.56 10.70 41.04
C ASP A 304 12.73 10.95 39.55
N ASN A 305 13.98 11.16 39.12
CA ASN A 305 14.31 11.30 37.70
C ASN A 305 13.59 12.48 37.05
N LYS A 306 13.50 13.61 37.75
CA LYS A 306 12.86 14.78 37.14
C LYS A 306 13.76 15.30 36.02
N TRP A 307 13.20 15.95 35.00
CA TRP A 307 11.78 16.22 34.87
C TRP A 307 11.19 15.39 33.72
N THR A 308 11.50 14.10 33.71
CA THR A 308 10.78 13.15 32.88
C THR A 308 9.33 13.07 33.37
N MET A 309 8.44 12.54 32.54
CA MET A 309 7.05 12.30 32.97
C MET A 309 6.33 13.53 33.51
N THR A 310 6.57 14.69 32.91
CA THR A 310 6.10 15.95 33.47
C THR A 310 5.17 16.71 32.53
N ILE A 311 4.07 17.23 33.09
CA ILE A 311 3.19 18.18 32.41
C ILE A 311 3.79 19.59 32.48
N TRP A 312 4.04 20.19 31.33
CA TRP A 312 4.67 21.50 31.26
C TRP A 312 3.69 22.59 30.84
N GLY A 313 3.81 23.75 31.47
CA GLY A 313 3.24 24.99 30.95
C GLY A 313 4.39 25.94 30.73
N ARG A 314 4.70 26.25 29.47
CA ARG A 314 5.86 27.09 29.12
C ARG A 314 5.44 28.34 28.39
N ASP A 315 6.16 29.42 28.63
CA ASP A 315 6.01 30.67 27.90
C ASP A 315 6.42 30.44 26.45
N LEU A 316 5.65 30.93 25.48
CA LEU A 316 5.97 30.64 24.08
C LEU A 316 7.28 31.26 23.59
N GLU A 317 7.42 32.57 23.77
CA GLU A 317 8.53 33.27 23.14
C GLU A 317 9.88 32.90 23.73
N THR A 318 9.93 32.67 25.04
CA THR A 318 11.19 32.32 25.69
C THR A 318 11.35 30.83 25.91
N GLY A 319 10.25 30.09 25.87
CA GLY A 319 10.29 28.67 26.20
C GLY A 319 10.38 28.37 27.70
N LEU A 320 10.51 29.41 28.54
CA LEU A 320 10.72 29.18 29.97
C LEU A 320 9.49 28.59 30.67
N ALA A 321 9.72 27.58 31.51
CA ALA A 321 8.63 26.88 32.16
C ALA A 321 8.04 27.68 33.32
N LYS A 322 6.72 27.88 33.27
CA LYS A 322 5.99 28.53 34.36
C LYS A 322 5.51 27.50 35.37
N PHE A 323 5.18 26.30 34.88
CA PHE A 323 4.93 25.19 35.81
C PHE A 323 5.33 23.84 35.22
N GLY A 324 5.55 22.89 36.11
CA GLY A 324 5.87 21.53 35.72
C GLY A 324 5.40 20.58 36.81
N TYR A 325 4.55 19.62 36.43
CA TYR A 325 4.03 18.64 37.38
C TYR A 325 4.47 17.27 36.95
N GLN A 326 5.23 16.57 37.80
CA GLN A 326 5.65 15.22 37.45
C GLN A 326 4.57 14.20 37.82
N LYS A 327 4.01 13.57 36.79
CA LYS A 327 2.92 12.61 36.96
C LYS A 327 3.43 11.32 37.56
N THR A 328 4.57 10.85 37.07
CA THR A 328 5.07 9.53 37.43
C THR A 328 6.52 9.63 37.89
N PRO A 329 6.73 9.97 39.15
CA PRO A 329 8.10 10.01 39.69
C PRO A 329 8.75 8.64 39.64
N HIS A 330 10.04 8.60 39.31
CA HIS A 330 10.78 7.34 39.22
C HIS A 330 9.99 6.28 38.46
N ASP A 331 9.75 6.53 37.19
CA ASP A 331 9.00 5.59 36.37
C ASP A 331 9.56 4.18 36.45
N GLU A 332 8.65 3.21 36.58
CA GLU A 332 9.05 1.81 36.65
C GLU A 332 8.39 1.00 35.53
N TRP A 333 7.70 1.70 34.61
CA TRP A 333 6.80 1.01 33.67
C TRP A 333 6.80 1.48 32.23
N ASP A 334 7.65 2.43 31.89
CA ASP A 334 7.61 3.12 30.59
C ASP A 334 6.26 3.77 30.34
N TYR A 335 5.72 4.47 31.34
CA TYR A 335 4.48 5.22 31.11
C TYR A 335 4.78 6.57 30.48
N ALA A 336 5.44 6.57 29.30
CA ALA A 336 5.97 7.81 28.72
C ALA A 336 4.93 8.93 28.67
N GLY A 337 5.23 10.06 29.30
CA GLY A 337 4.18 11.03 29.58
C GLY A 337 3.88 12.02 28.48
N VAL A 338 3.81 11.56 27.23
CA VAL A 338 3.77 12.43 26.06
C VAL A 338 2.37 12.70 25.51
N ASN A 339 1.32 12.21 26.16
CA ASN A 339 0.00 12.19 25.51
C ASN A 339 -0.66 13.54 25.33
N VAL A 340 -1.76 13.51 24.59
CA VAL A 340 -2.50 14.67 24.13
C VAL A 340 -2.92 15.61 25.28
N MET A 341 -2.90 16.90 24.97
CA MET A 341 -3.43 17.94 25.85
C MET A 341 -4.70 18.58 25.27
N MET A 342 -5.77 18.61 26.05
CA MET A 342 -7.03 19.18 25.58
C MET A 342 -7.49 20.28 26.51
N LEU A 343 -7.61 21.49 25.98
CA LEU A 343 -7.94 22.65 26.80
C LEU A 343 -9.43 22.93 26.83
N SER A 344 -9.92 23.34 28.01
CA SER A 344 -11.32 23.66 28.17
C SER A 344 -11.50 24.68 29.28
N GLU A 345 -12.69 25.25 29.34
CA GLU A 345 -13.03 26.14 30.43
C GLU A 345 -14.34 25.62 31.04
N GLN A 346 -14.27 25.20 32.31
CA GLN A 346 -15.43 24.60 32.98
C GLN A 346 -15.52 25.07 34.42
N LYS A 347 -16.70 24.94 35.02
CA LYS A 347 -16.84 25.23 36.45
C LYS A 347 -16.35 24.05 37.26
N ASP A 348 -15.54 24.34 38.28
CA ASP A 348 -15.05 23.28 39.15
C ASP A 348 -16.13 22.90 40.17
N LYS A 349 -15.80 22.02 41.10
CA LYS A 349 -16.76 21.51 42.08
C LYS A 349 -17.28 22.61 43.00
N ASN A 350 -16.57 23.73 43.07
CA ASN A 350 -16.99 24.86 43.88
C ASN A 350 -17.77 25.91 43.08
N GLY A 351 -18.03 25.61 41.82
CA GLY A 351 -18.78 26.51 40.95
C GLY A 351 -17.94 27.62 40.32
N LYS A 352 -16.63 27.57 40.50
CA LYS A 352 -15.75 28.58 39.92
C LYS A 352 -15.29 28.21 38.51
N MET A 353 -15.44 29.14 37.56
CA MET A 353 -14.95 28.93 36.20
C MET A 353 -13.42 28.82 36.20
N ARG A 354 -12.90 27.75 35.61
CA ARG A 354 -11.46 27.52 35.53
C ARG A 354 -11.01 27.33 34.09
N LYS A 355 -9.81 27.81 33.78
CA LYS A 355 -9.14 27.49 32.51
C LYS A 355 -8.32 26.22 32.74
N LEU A 356 -8.64 25.16 32.00
CA LEU A 356 -8.14 23.82 32.30
C LEU A 356 -7.34 23.20 31.17
N LEU A 357 -6.48 22.24 31.51
CA LEU A 357 -5.98 21.28 30.55
C LEU A 357 -6.36 19.90 31.06
N THR A 358 -6.67 19.00 30.14
CA THR A 358 -7.05 17.62 30.46
C THR A 358 -6.20 16.69 29.61
N HIS A 359 -5.69 15.63 30.23
CA HIS A 359 -4.53 14.90 29.69
C HIS A 359 -4.59 13.43 30.13
N PRO A 360 -4.99 12.52 29.22
CA PRO A 360 -5.13 11.09 29.55
C PRO A 360 -3.77 10.41 29.42
N ASP A 361 -3.12 10.14 30.53
CA ASP A 361 -1.74 9.67 30.50
C ASP A 361 -1.59 8.17 30.23
N ARG A 362 -0.43 7.80 29.70
CA ARG A 362 -0.06 6.39 29.59
C ARG A 362 -0.27 5.66 30.91
N ASN A 363 0.00 6.33 32.03
CA ASN A 363 -0.08 5.65 33.32
C ASN A 363 -1.51 5.34 33.77
N GLY A 364 -2.48 5.71 32.95
CA GLY A 364 -3.85 5.31 33.24
C GLY A 364 -4.62 6.34 34.03
N ILE A 365 -3.97 7.46 34.34
CA ILE A 365 -4.63 8.55 35.05
C ILE A 365 -4.98 9.64 34.06
N ILE A 366 -6.20 10.18 34.16
CA ILE A 366 -6.55 11.40 33.42
C ILE A 366 -6.31 12.60 34.31
N TYR A 367 -5.34 13.43 33.94
CA TYR A 367 -5.01 14.64 34.70
C TYR A 367 -5.76 15.83 34.18
N THR A 368 -6.35 16.59 35.10
CA THR A 368 -6.89 17.88 34.77
C THR A 368 -6.24 18.94 35.68
N LEU A 369 -5.57 19.89 35.07
CA LEU A 369 -4.89 20.96 35.79
C LEU A 369 -5.44 22.32 35.40
N ASP A 370 -5.39 23.27 36.32
CA ASP A 370 -5.58 24.67 35.98
C ASP A 370 -4.41 25.08 35.11
N ARG A 371 -4.70 25.55 33.89
CA ARG A 371 -3.62 25.78 32.93
C ARG A 371 -2.98 27.17 33.13
N GLU A 372 -3.49 27.93 34.09
CA GLU A 372 -2.84 29.18 34.46
C GLU A 372 -1.84 28.94 35.59
N THR A 373 -2.26 28.20 36.61
CA THR A 373 -1.48 28.06 37.83
C THR A 373 -0.71 26.75 37.93
N GLY A 374 -1.22 25.73 37.23
CA GLY A 374 -0.66 24.40 37.32
C GLY A 374 -1.33 23.59 38.42
N ASP A 375 -2.30 24.18 39.12
CA ASP A 375 -3.00 23.50 40.21
C ASP A 375 -3.67 22.21 39.75
N LEU A 376 -3.53 21.16 40.54
CA LEU A 376 -4.18 19.90 40.26
C LEU A 376 -5.67 19.97 40.60
N VAL A 377 -6.52 19.77 39.61
CA VAL A 377 -7.97 19.83 39.80
C VAL A 377 -8.58 18.44 39.98
N SER A 378 -8.23 17.51 39.10
CA SER A 378 -8.65 16.11 39.26
C SER A 378 -7.63 15.18 38.61
N ALA A 379 -7.59 13.94 39.08
CA ALA A 379 -6.64 12.94 38.61
C ALA A 379 -7.26 11.57 38.81
N ASN A 380 -8.06 11.15 37.85
CA ASN A 380 -8.89 9.95 37.98
C ASN A 380 -8.43 8.82 37.06
N LYS A 381 -8.58 7.58 37.51
CA LYS A 381 -8.25 6.43 36.68
C LYS A 381 -9.17 6.34 35.46
N MET A 382 -8.60 6.19 34.27
CA MET A 382 -9.44 6.04 33.08
C MET A 382 -10.06 4.64 33.01
N ASP A 383 -9.50 3.71 33.77
CA ASP A 383 -10.16 2.43 34.03
C ASP A 383 -9.71 1.93 35.39
N ASP A 384 -10.64 1.42 36.19
CA ASP A 384 -10.32 1.10 37.58
C ASP A 384 -9.40 -0.11 37.76
N THR A 385 -9.04 -0.80 36.67
CA THR A 385 -8.11 -1.91 36.76
C THR A 385 -6.66 -1.43 36.89
N ALA A 386 -6.40 -0.15 36.66
CA ALA A 386 -5.05 0.37 36.90
C ALA A 386 -4.62 0.11 38.33
N ASN A 387 -3.42 -0.43 38.51
CA ASN A 387 -3.04 -0.90 39.84
C ASN A 387 -1.63 -0.53 40.33
N TRP A 388 -0.82 0.13 39.49
CA TRP A 388 0.50 0.56 39.96
C TRP A 388 0.34 1.66 41.01
N VAL A 389 -0.79 2.35 40.92
CA VAL A 389 -1.13 3.48 41.78
C VAL A 389 -2.48 3.21 42.46
N LYS A 390 -2.56 3.48 43.76
CA LYS A 390 -3.84 3.33 44.46
C LYS A 390 -4.74 4.50 44.12
N LYS A 391 -4.23 5.71 44.34
CA LYS A 391 -4.91 6.92 43.88
C LYS A 391 -3.90 8.04 43.83
N VAL A 392 -4.24 9.12 43.12
CA VAL A 392 -3.42 10.32 43.16
C VAL A 392 -3.99 11.23 44.24
N ASP A 393 -3.16 11.59 45.21
CA ASP A 393 -3.57 12.49 46.29
C ASP A 393 -3.58 13.92 45.75
N LEU A 394 -4.74 14.56 45.70
CA LEU A 394 -4.80 15.87 45.07
C LEU A 394 -4.12 16.95 45.91
N GLU A 395 -4.01 16.72 47.21
CA GLU A 395 -3.37 17.71 48.08
C GLU A 395 -1.84 17.68 47.98
N THR A 396 -1.29 16.48 48.07
CA THR A 396 0.16 16.30 48.02
C THR A 396 0.65 16.28 46.58
N GLY A 397 -0.27 15.98 45.65
CA GLY A 397 0.06 15.82 44.24
C GLY A 397 0.69 14.48 43.88
N LEU A 398 0.88 13.61 44.86
CA LEU A 398 1.65 12.39 44.64
C LEU A 398 0.77 11.17 44.33
N PRO A 399 1.22 10.35 43.36
CA PRO A 399 0.55 9.06 43.18
C PRO A 399 1.00 8.12 44.28
N ILE A 400 0.03 7.62 45.04
CA ILE A 400 0.33 6.66 46.09
C ILE A 400 0.59 5.29 45.47
N ARG A 401 1.82 4.81 45.55
CA ARG A 401 2.21 3.60 44.84
C ARG A 401 1.75 2.34 45.57
N ASP A 402 1.28 1.37 44.80
CA ASP A 402 1.11 0.02 45.34
C ASP A 402 2.38 -0.77 45.05
N PRO A 403 3.20 -1.04 46.08
CA PRO A 403 4.49 -1.69 45.83
C PRO A 403 4.35 -3.09 45.19
N GLU A 404 3.17 -3.69 45.31
CA GLU A 404 2.91 -5.00 44.74
C GLU A 404 2.97 -5.01 43.21
N TYR A 405 2.89 -3.83 42.61
CA TYR A 405 2.88 -3.72 41.16
C TYR A 405 3.99 -2.82 40.64
N GLY A 406 5.02 -2.62 41.48
CA GLY A 406 6.23 -1.95 41.06
C GLY A 406 7.10 -2.89 40.26
N THR A 407 8.19 -2.37 39.71
CA THR A 407 9.21 -3.21 39.10
C THR A 407 10.58 -2.99 39.75
N ARG A 408 11.47 -3.94 39.54
CA ARG A 408 12.80 -3.91 40.15
C ARG A 408 13.63 -5.09 39.67
N MET A 409 14.94 -4.91 39.64
CA MET A 409 15.87 -6.01 39.37
C MET A 409 15.59 -7.21 40.25
N GLY A 410 15.68 -8.40 39.65
CA GLY A 410 15.50 -9.64 40.38
C GLY A 410 14.06 -10.05 40.54
N HIS A 411 13.14 -9.29 39.97
CA HIS A 411 11.72 -9.53 40.17
C HIS A 411 10.96 -9.57 38.85
N ARG A 412 10.11 -10.58 38.69
CA ARG A 412 9.16 -10.60 37.56
C ARG A 412 7.83 -10.05 38.04
N SER A 413 7.48 -8.84 37.60
CA SER A 413 6.22 -8.22 38.01
C SER A 413 5.10 -8.82 37.17
N ARG A 414 3.98 -9.17 37.81
CA ARG A 414 2.89 -9.79 37.06
C ARG A 414 1.59 -8.99 37.16
N ASP A 415 0.85 -8.99 36.06
CA ASP A 415 -0.48 -8.40 35.99
C ASP A 415 -0.48 -6.95 36.39
N VAL A 416 0.56 -6.24 35.95
CA VAL A 416 0.66 -4.79 36.15
C VAL A 416 -0.21 -4.06 35.13
N CYS A 417 -1.05 -3.13 35.63
CA CYS A 417 -1.91 -2.33 34.76
C CYS A 417 -1.71 -0.85 35.04
N PRO A 418 -1.48 -0.03 33.99
CA PRO A 418 -1.37 -0.41 32.58
C PRO A 418 -0.07 -1.10 32.23
N SER A 419 -0.12 -1.73 31.07
CA SER A 419 1.07 -2.08 30.32
C SER A 419 1.90 -0.84 30.02
N ALA A 420 3.17 -1.05 29.69
CA ALA A 420 4.02 0.00 29.12
C ALA A 420 3.34 0.70 27.93
N MET A 421 2.52 -0.04 27.19
CA MET A 421 1.82 0.54 26.04
C MET A 421 0.76 1.56 26.47
N GLY A 422 0.42 1.50 27.76
CA GLY A 422 -0.46 2.48 28.38
C GLY A 422 -1.93 2.08 28.34
N PHE A 423 -2.72 2.67 29.22
CA PHE A 423 -4.16 2.69 28.99
C PHE A 423 -4.52 3.76 27.95
N HIS A 424 -3.55 4.59 27.60
CA HIS A 424 -3.71 5.57 26.53
C HIS A 424 -2.35 5.80 25.88
N ASN A 425 -2.31 5.85 24.55
CA ASN A 425 -1.04 6.13 23.89
C ASN A 425 -1.19 7.40 23.04
N GLN A 426 -0.52 7.44 21.90
CA GLN A 426 -0.39 8.66 21.10
C GLN A 426 -1.66 9.19 20.41
N GLY A 427 -2.80 8.53 20.55
CA GLY A 427 -4.01 9.00 19.88
C GLY A 427 -4.44 10.39 20.27
N PHE A 428 -4.79 11.21 19.28
CA PHE A 428 -5.29 12.55 19.56
C PHE A 428 -6.82 12.49 19.70
N ASP A 429 -7.30 12.61 20.94
CA ASP A 429 -8.73 12.48 21.24
C ASP A 429 -9.52 13.77 21.04
N SER A 430 -10.69 13.84 21.65
CA SER A 430 -11.55 15.00 21.40
C SER A 430 -12.32 15.45 22.62
N TYR A 431 -12.79 16.69 22.56
CA TYR A 431 -13.58 17.28 23.64
C TYR A 431 -14.75 18.03 23.04
N ASP A 432 -15.96 17.66 23.45
CA ASP A 432 -17.18 18.35 23.04
C ASP A 432 -17.47 19.42 24.09
N PRO A 433 -17.30 20.71 23.73
CA PRO A 433 -17.40 21.79 24.72
C PRO A 433 -18.84 22.11 25.15
N LYS A 434 -19.83 21.61 24.42
CA LYS A 434 -21.23 21.80 24.82
C LYS A 434 -21.69 20.69 25.76
N ARG A 435 -21.30 19.47 25.44
CA ARG A 435 -21.56 18.32 26.31
C ARG A 435 -20.61 18.25 27.49
N GLU A 436 -19.50 18.99 27.39
CA GLU A 436 -18.42 18.93 28.39
C GLU A 436 -17.94 17.50 28.60
N LEU A 437 -17.78 16.77 27.49
CA LEU A 437 -17.28 15.41 27.55
C LEU A 437 -16.03 15.25 26.69
N PHE A 438 -15.04 14.57 27.27
CA PHE A 438 -13.87 14.09 26.53
C PHE A 438 -14.13 12.69 26.00
N TYR A 439 -13.86 12.47 24.72
CA TYR A 439 -14.05 11.15 24.12
C TYR A 439 -12.70 10.49 23.99
N LEU A 440 -12.46 9.50 24.85
CA LEU A 440 -11.13 8.89 25.01
C LEU A 440 -11.01 7.56 24.31
N GLY A 441 -10.04 7.47 23.41
CA GLY A 441 -9.71 6.21 22.76
C GLY A 441 -8.66 5.52 23.63
N ILE A 442 -9.07 4.41 24.25
CA ILE A 442 -8.32 3.82 25.35
C ILE A 442 -7.81 2.41 25.01
N ASN A 443 -6.67 2.04 25.59
CA ASN A 443 -6.15 0.69 25.50
C ASN A 443 -6.43 -0.04 26.81
N HIS A 444 -6.91 -1.28 26.71
CA HIS A 444 -7.06 -2.11 27.90
C HIS A 444 -6.00 -3.19 27.86
N LEU A 445 -4.81 -2.83 28.35
CA LEU A 445 -3.64 -3.67 28.24
C LEU A 445 -2.88 -3.70 29.55
N CYS A 446 -2.49 -4.90 30.01
CA CYS A 446 -1.67 -5.05 31.20
C CYS A 446 -0.40 -5.84 30.86
N MET A 447 0.46 -6.12 31.84
CA MET A 447 1.74 -6.73 31.51
C MET A 447 2.45 -7.48 32.63
N ASP A 448 3.31 -8.40 32.20
CA ASP A 448 4.41 -8.91 33.00
C ASP A 448 5.67 -8.14 32.62
N TRP A 449 6.60 -8.00 33.55
CA TRP A 449 7.79 -7.18 33.33
C TRP A 449 8.96 -7.64 34.22
N GLU A 450 10.13 -7.79 33.62
CA GLU A 450 11.33 -8.11 34.38
C GLU A 450 12.53 -7.40 33.78
N PRO A 451 13.17 -6.51 34.56
CA PRO A 451 14.36 -5.78 34.07
C PRO A 451 15.63 -6.64 33.99
N PHE A 452 16.63 -6.13 33.28
CA PHE A 452 17.96 -6.74 33.27
C PHE A 452 19.00 -5.65 33.09
N MET A 453 20.20 -5.92 33.60
CA MET A 453 21.30 -4.96 33.50
C MET A 453 21.86 -4.92 32.07
N LEU A 454 22.28 -3.74 31.64
CA LEU A 454 22.87 -3.57 30.30
C LEU A 454 23.69 -2.28 30.26
N PRO A 455 24.68 -2.22 29.37
CA PRO A 455 25.45 -0.98 29.24
C PRO A 455 24.79 0.00 28.28
N TYR A 456 25.17 1.27 28.41
CA TYR A 456 24.79 2.28 27.43
C TYR A 456 25.88 2.46 26.38
N ARG A 457 25.50 2.38 25.11
CA ARG A 457 26.38 2.76 24.02
C ARG A 457 25.60 3.66 23.07
N ALA A 458 26.08 4.87 22.85
CA ALA A 458 25.36 5.85 22.02
C ALA A 458 25.05 5.30 20.64
N GLY A 459 23.77 5.38 20.24
CA GLY A 459 23.35 4.84 18.95
C GLY A 459 22.80 3.43 19.02
N GLN A 460 22.88 2.79 20.20
CA GLN A 460 22.33 1.46 20.41
C GLN A 460 21.12 1.52 21.35
N PHE A 461 20.25 0.51 21.30
CA PHE A 461 19.11 0.50 22.22
C PHE A 461 19.56 0.35 23.67
N PHE A 462 18.74 0.87 24.56
CA PHE A 462 19.08 1.02 25.98
C PHE A 462 17.79 0.81 26.77
N VAL A 463 17.20 -0.37 26.61
CA VAL A 463 15.90 -0.63 27.22
C VAL A 463 16.04 -1.34 28.58
N GLY A 464 16.56 -2.56 28.57
CA GLY A 464 16.86 -3.24 29.82
C GLY A 464 15.63 -3.79 30.53
N ALA A 465 14.63 -4.19 29.76
CA ALA A 465 13.54 -4.96 30.35
C ALA A 465 12.96 -5.93 29.34
N ASN A 466 12.53 -7.07 29.85
CA ASN A 466 11.72 -8.00 29.08
C ASN A 466 10.29 -7.79 29.50
N VAL A 467 9.39 -7.71 28.53
CA VAL A 467 8.00 -7.31 28.76
C VAL A 467 7.05 -8.25 28.02
N TRP A 468 5.93 -8.57 28.65
CA TRP A 468 4.88 -9.35 28.00
C TRP A 468 3.55 -8.63 28.21
N THR A 469 3.02 -8.02 27.16
CA THR A 469 1.75 -7.29 27.27
C THR A 469 0.61 -8.21 26.80
N TYR A 470 -0.59 -8.02 27.37
CA TYR A 470 -1.77 -8.79 27.04
C TYR A 470 -3.03 -7.99 27.36
N PRO A 471 -4.17 -8.40 26.80
CA PRO A 471 -5.43 -7.74 27.18
C PRO A 471 -5.67 -7.75 28.68
N GLY A 472 -6.26 -6.67 29.19
CA GLY A 472 -6.54 -6.52 30.60
C GLY A 472 -7.70 -7.39 31.06
N PRO A 473 -7.97 -7.37 32.37
CA PRO A 473 -8.96 -8.21 33.05
C PRO A 473 -10.37 -8.13 32.47
N LYS A 474 -10.73 -7.01 31.86
CA LYS A 474 -12.08 -6.81 31.35
C LYS A 474 -12.21 -7.34 29.93
N GLY A 475 -11.09 -7.74 29.34
CA GLY A 475 -11.07 -8.22 27.97
C GLY A 475 -11.00 -9.74 27.90
N ASP A 476 -10.33 -10.25 26.87
CA ASP A 476 -10.23 -11.68 26.66
C ASP A 476 -8.81 -12.10 26.36
N ARG A 477 -7.99 -12.11 27.41
CA ARG A 477 -6.58 -12.44 27.30
C ARG A 477 -6.34 -13.75 26.54
N GLN A 478 -7.11 -14.77 26.87
CA GLN A 478 -6.83 -16.08 26.28
C GLN A 478 -7.09 -16.10 24.77
N ASN A 479 -7.93 -15.18 24.29
CA ASN A 479 -8.21 -15.10 22.85
C ASN A 479 -7.61 -13.86 22.17
N GLY A 480 -6.74 -13.14 22.88
CA GLY A 480 -6.00 -12.03 22.32
C GLY A 480 -6.80 -10.79 21.92
N ILE A 481 -7.98 -10.62 22.52
CA ILE A 481 -8.88 -9.54 22.11
C ILE A 481 -9.54 -8.88 23.32
N GLY A 482 -10.40 -7.88 23.07
CA GLY A 482 -10.96 -7.08 24.13
C GLY A 482 -9.94 -6.11 24.72
N SER A 483 -9.04 -5.60 23.88
CA SER A 483 -7.96 -4.73 24.38
C SER A 483 -8.19 -3.23 24.13
N GLY A 484 -9.40 -2.87 23.73
CA GLY A 484 -9.76 -1.47 23.53
C GLY A 484 -10.97 -1.04 24.33
N GLN A 485 -11.07 0.27 24.57
CA GLN A 485 -12.28 0.88 25.11
C GLN A 485 -12.46 2.26 24.50
N VAL A 486 -13.70 2.72 24.43
CA VAL A 486 -13.99 4.13 24.17
C VAL A 486 -14.86 4.61 25.31
N LYS A 487 -14.45 5.69 25.95
CA LYS A 487 -15.22 6.23 27.07
C LYS A 487 -15.43 7.73 26.92
N ALA A 488 -16.58 8.19 27.41
CA ALA A 488 -16.89 9.61 27.46
C ALA A 488 -16.80 10.08 28.91
N TYR A 489 -16.00 11.12 29.13
CA TYR A 489 -15.53 11.47 30.47
C TYR A 489 -15.74 12.93 30.81
N ASN A 490 -16.29 13.18 32.00
CA ASN A 490 -16.36 14.53 32.53
C ASN A 490 -15.21 14.73 33.52
N ALA A 491 -14.43 15.78 33.30
CA ALA A 491 -13.19 15.99 34.03
C ALA A 491 -13.40 16.53 35.45
N ILE A 492 -14.57 17.08 35.72
CA ILE A 492 -14.84 17.65 37.03
C ILE A 492 -15.47 16.63 37.97
N THR A 493 -16.54 15.97 37.51
CA THR A 493 -17.17 14.93 38.30
C THR A 493 -16.38 13.62 38.28
N GLY A 494 -15.60 13.41 37.22
CA GLY A 494 -14.86 12.17 37.06
C GLY A 494 -15.73 11.03 36.55
N GLU A 495 -16.99 11.33 36.23
CA GLU A 495 -17.93 10.32 35.78
C GLU A 495 -17.82 10.02 34.29
N PHE A 496 -18.05 8.75 33.94
CA PHE A 496 -18.16 8.36 32.54
C PHE A 496 -19.61 8.37 32.12
N ALA A 497 -19.93 9.15 31.10
CA ALA A 497 -21.30 9.19 30.59
C ALA A 497 -21.63 7.88 29.89
N TRP A 498 -20.60 7.25 29.32
CA TRP A 498 -20.72 5.91 28.76
C TRP A 498 -19.36 5.27 28.58
N GLU A 499 -19.35 3.94 28.51
CA GLU A 499 -18.15 3.15 28.30
C GLU A 499 -18.45 1.98 27.36
N LYS A 500 -17.61 1.81 26.34
CA LYS A 500 -17.82 0.75 25.34
C LYS A 500 -16.53 -0.03 25.11
N MET A 501 -16.64 -1.35 25.03
CA MET A 501 -15.47 -2.18 24.72
C MET A 501 -15.20 -2.26 23.23
N GLU A 502 -13.93 -2.38 22.90
CA GLU A 502 -13.49 -2.57 21.51
C GLU A 502 -12.60 -3.79 21.41
N LYS A 503 -12.66 -4.45 20.26
CA LYS A 503 -11.91 -5.69 20.05
C LYS A 503 -10.41 -5.47 20.28
N PHE A 504 -9.89 -4.39 19.70
CA PHE A 504 -8.48 -4.03 19.88
C PHE A 504 -8.33 -2.62 20.45
N SER A 505 -7.16 -2.35 21.02
CA SER A 505 -6.82 -1.02 21.51
C SER A 505 -7.17 0.11 20.53
N VAL A 506 -7.77 1.18 21.05
CA VAL A 506 -8.13 2.30 20.17
C VAL A 506 -6.95 3.27 20.20
N TRP A 507 -6.13 3.16 19.17
CA TRP A 507 -4.80 3.73 19.15
C TRP A 507 -4.73 5.13 18.54
N GLY A 508 -5.71 5.41 17.68
CA GLY A 508 -5.60 6.55 16.79
C GLY A 508 -6.27 7.84 17.16
N GLY A 509 -6.97 7.87 18.28
CA GLY A 509 -7.63 9.10 18.69
C GLY A 509 -9.08 9.14 18.25
N THR A 510 -9.73 10.28 18.50
CA THR A 510 -11.15 10.44 18.24
C THR A 510 -11.44 11.86 17.80
N THR A 511 -12.56 12.05 17.10
CA THR A 511 -12.99 13.37 16.65
C THR A 511 -14.48 13.49 16.86
N ALA A 512 -14.91 14.64 17.40
CA ALA A 512 -16.33 14.81 17.75
C ALA A 512 -16.97 15.96 16.99
N THR A 513 -18.27 15.83 16.72
CA THR A 513 -18.98 16.90 16.03
C THR A 513 -20.30 17.25 16.69
N GLU A 514 -20.78 18.44 16.36
CA GLU A 514 -22.04 18.93 16.91
C GLU A 514 -23.25 18.23 16.26
N GLY A 515 -22.98 17.35 15.30
CA GLY A 515 -23.99 16.41 14.81
C GLY A 515 -24.22 15.29 15.81
N GLY A 516 -23.59 15.38 16.97
CA GLY A 516 -23.74 14.38 18.00
C GLY A 516 -23.02 13.07 17.67
N LEU A 517 -21.87 13.18 17.00
CA LEU A 517 -21.11 12.02 16.54
C LEU A 517 -19.68 11.99 17.09
N VAL A 518 -19.22 10.81 17.45
CA VAL A 518 -17.83 10.60 17.80
C VAL A 518 -17.25 9.58 16.81
N PHE A 519 -16.31 10.04 16.01
CA PHE A 519 -15.62 9.22 15.01
C PHE A 519 -14.29 8.71 15.53
N TYR A 520 -13.95 7.47 15.15
CA TYR A 520 -12.60 6.97 15.40
C TYR A 520 -12.32 5.78 14.49
N GLY A 521 -11.04 5.50 14.28
CA GLY A 521 -10.65 4.33 13.52
C GLY A 521 -10.11 3.24 14.44
N THR A 522 -10.15 2.00 13.97
CA THR A 522 -9.69 0.87 14.77
C THR A 522 -8.59 0.08 14.11
N LEU A 523 -7.85 -0.67 14.92
CA LEU A 523 -6.71 -1.43 14.43
C LEU A 523 -7.15 -2.56 13.50
N ASP A 524 -8.37 -3.07 13.67
CA ASP A 524 -8.88 -4.10 12.75
C ASP A 524 -9.52 -3.50 11.49
N GLY A 525 -9.33 -2.21 11.27
CA GLY A 525 -9.61 -1.65 9.95
C GLY A 525 -10.95 -0.99 9.71
N PHE A 526 -11.60 -0.51 10.76
CA PHE A 526 -12.85 0.22 10.59
C PHE A 526 -12.71 1.70 10.89
N ILE A 527 -13.53 2.51 10.22
CA ILE A 527 -13.85 3.80 10.80
C ILE A 527 -15.27 3.65 11.37
N LYS A 528 -15.48 4.14 12.59
CA LYS A 528 -16.75 4.00 13.29
C LYS A 528 -17.29 5.33 13.77
N ALA A 529 -18.60 5.41 13.94
CA ALA A 529 -19.26 6.54 14.56
C ALA A 529 -20.16 6.06 15.67
N ARG A 530 -19.98 6.65 16.86
CA ARG A 530 -20.86 6.37 17.99
C ARG A 530 -21.67 7.61 18.35
N ASP A 531 -22.84 7.39 18.92
CA ASP A 531 -23.68 8.45 19.46
C ASP A 531 -22.95 9.18 20.58
N ALA A 532 -22.83 10.50 20.48
CA ALA A 532 -22.05 11.26 21.47
C ALA A 532 -22.67 11.22 22.88
N ASP A 533 -23.97 10.98 22.94
CA ASP A 533 -24.66 10.98 24.23
C ASP A 533 -24.72 9.62 24.89
N THR A 534 -24.81 8.57 24.08
CA THR A 534 -25.03 7.23 24.61
C THR A 534 -23.93 6.23 24.30
N GLY A 535 -23.11 6.52 23.30
CA GLY A 535 -22.07 5.61 22.88
C GLY A 535 -22.53 4.52 21.93
N LYS A 536 -23.82 4.52 21.59
CA LYS A 536 -24.36 3.54 20.65
C LYS A 536 -23.61 3.56 19.32
N LEU A 537 -23.21 2.39 18.83
CA LEU A 537 -22.54 2.32 17.54
C LEU A 537 -23.55 2.55 16.41
N LEU A 538 -23.29 3.57 15.60
CA LEU A 538 -24.26 4.01 14.58
C LEU A 538 -23.85 3.62 13.16
N TRP A 539 -22.55 3.45 12.97
CA TRP A 539 -22.04 3.30 11.61
C TRP A 539 -20.63 2.80 11.64
N LYS A 540 -20.29 1.97 10.65
CA LYS A 540 -18.91 1.62 10.46
C LYS A 540 -18.66 1.16 9.04
N PHE A 541 -17.44 1.35 8.60
CA PHE A 541 -17.04 1.00 7.25
C PHE A 541 -15.68 0.33 7.30
N LYS A 542 -15.54 -0.72 6.49
CA LYS A 542 -14.31 -1.51 6.41
C LYS A 542 -13.32 -0.87 5.45
N LEU A 543 -12.33 -0.19 6.03
CA LEU A 543 -11.22 0.44 5.32
C LEU A 543 -10.22 -0.62 4.86
N PRO A 544 -9.25 -0.24 4.00
CA PRO A 544 -8.34 -1.27 3.49
C PRO A 544 -7.42 -1.87 4.56
N SER A 545 -7.04 -1.05 5.52
CA SER A 545 -6.09 -1.44 6.56
C SER A 545 -6.50 -0.81 7.89
N GLY A 546 -5.99 -1.35 8.99
CA GLY A 546 -6.16 -0.76 10.31
C GLY A 546 -5.72 0.70 10.41
N VAL A 547 -6.28 1.38 11.40
CA VAL A 547 -6.10 2.83 11.55
C VAL A 547 -5.36 3.16 12.84
N ILE A 548 -4.33 4.00 12.75
CA ILE A 548 -3.61 4.48 13.94
C ILE A 548 -3.50 6.01 13.96
N GLY A 549 -4.27 6.67 13.09
CA GLY A 549 -4.39 8.12 13.11
C GLY A 549 -5.83 8.53 13.40
N HIS A 550 -6.09 9.82 13.54
CA HIS A 550 -7.42 10.31 13.88
C HIS A 550 -8.26 10.69 12.65
N PRO A 551 -9.60 10.64 12.78
CA PRO A 551 -10.43 11.22 11.72
C PRO A 551 -10.30 12.74 11.69
N MET A 552 -10.54 13.33 10.53
CA MET A 552 -10.65 14.78 10.48
C MET A 552 -11.85 15.12 9.61
N THR A 553 -12.29 16.36 9.68
CA THR A 553 -13.43 16.75 8.88
C THR A 553 -13.24 18.15 8.35
N TYR A 554 -13.92 18.43 7.25
CA TYR A 554 -13.86 19.73 6.60
C TYR A 554 -15.05 19.85 5.66
N THR A 555 -15.44 21.09 5.37
CA THR A 555 -16.54 21.34 4.43
C THR A 555 -15.96 22.00 3.19
N HIS A 556 -16.40 21.55 2.03
CA HIS A 556 -15.91 22.07 0.76
C HIS A 556 -17.07 22.22 -0.19
N LYS A 557 -17.28 23.44 -0.67
CA LYS A 557 -18.40 23.79 -1.54
C LYS A 557 -19.71 23.24 -0.99
N GLY A 558 -19.91 23.40 0.32
CA GLY A 558 -21.19 23.10 0.94
C GLY A 558 -21.36 21.66 1.38
N THR A 559 -20.38 20.82 1.07
CA THR A 559 -20.46 19.41 1.42
C THR A 559 -19.51 19.07 2.57
N GLN A 560 -20.02 18.42 3.60
CA GLN A 560 -19.19 17.99 4.72
C GLN A 560 -18.51 16.66 4.43
N TYR A 561 -17.20 16.64 4.61
CA TYR A 561 -16.39 15.46 4.37
C TYR A 561 -15.74 14.99 5.66
N VAL A 562 -15.59 13.67 5.80
CA VAL A 562 -14.80 13.09 6.87
C VAL A 562 -13.71 12.25 6.22
N ALA A 563 -12.46 12.48 6.63
CA ALA A 563 -11.33 11.78 6.03
C ALA A 563 -10.50 11.14 7.11
N ILE A 564 -9.82 10.05 6.76
CA ILE A 564 -8.99 9.34 7.73
C ILE A 564 -7.86 8.62 7.01
N ASN A 565 -6.68 8.58 7.64
CA ASN A 565 -5.58 7.73 7.19
C ASN A 565 -5.93 6.28 7.47
N TYR A 566 -5.47 5.38 6.61
CA TYR A 566 -5.44 3.97 6.98
C TYR A 566 -4.08 3.42 6.64
N GLY A 567 -3.72 2.32 7.27
CA GLY A 567 -2.40 1.75 7.10
C GLY A 567 -1.89 1.44 8.49
N VAL A 568 -2.04 0.19 8.90
CA VAL A 568 -1.79 -0.17 10.30
C VAL A 568 -0.28 -0.26 10.57
N GLY A 569 0.09 -0.04 11.81
CA GLY A 569 1.49 -0.09 12.18
C GLY A 569 1.65 0.54 13.54
N GLY A 570 2.74 1.25 13.76
CA GLY A 570 3.05 1.76 15.09
C GLY A 570 3.31 0.60 16.03
N TRP A 571 3.35 0.88 17.33
CA TRP A 571 3.70 -0.15 18.31
C TRP A 571 2.80 -1.40 18.25
N PRO A 572 1.47 -1.24 18.15
CA PRO A 572 0.67 -2.47 18.26
C PRO A 572 0.86 -3.50 17.15
N ALA A 573 1.23 -3.03 15.97
CA ALA A 573 1.30 -3.92 14.81
C ALA A 573 2.71 -4.29 14.40
N VAL A 574 3.69 -4.11 15.28
CA VAL A 574 5.08 -4.45 14.90
C VAL A 574 5.24 -5.93 14.55
N GLY A 575 4.42 -6.79 15.15
CA GLY A 575 4.47 -8.21 14.84
C GLY A 575 4.18 -8.46 13.38
N LEU A 576 3.08 -7.86 12.91
CA LEU A 576 2.70 -7.95 11.51
C LEU A 576 3.69 -7.23 10.58
N VAL A 577 4.07 -6.03 10.95
CA VAL A 577 4.89 -5.19 10.08
C VAL A 577 6.30 -5.75 9.93
N PHE A 578 6.85 -6.27 11.02
CA PHE A 578 8.22 -6.76 11.03
C PHE A 578 8.35 -8.29 11.12
N ASP A 579 7.21 -8.99 10.97
CA ASP A 579 7.17 -10.45 10.98
C ASP A 579 7.84 -11.04 12.23
N LEU A 580 7.25 -10.73 13.39
CA LEU A 580 7.77 -11.17 14.68
C LEU A 580 6.75 -12.11 15.30
N ASN A 581 7.20 -13.06 16.12
CA ASN A 581 6.30 -14.05 16.70
C ASN A 581 6.49 -14.31 18.19
N ASP A 582 7.67 -13.99 18.70
CA ASP A 582 7.96 -14.17 20.14
C ASP A 582 7.07 -13.20 20.91
N PRO A 583 6.33 -13.71 21.93
CA PRO A 583 5.36 -12.85 22.63
C PRO A 583 5.99 -11.62 23.30
N SER A 584 7.25 -11.73 23.72
CA SER A 584 7.89 -10.57 24.33
C SER A 584 8.58 -9.67 23.30
N ALA A 585 8.53 -10.05 22.02
CA ALA A 585 9.17 -9.25 20.99
C ALA A 585 8.40 -7.95 20.80
N GLY A 586 8.98 -7.00 20.07
CA GLY A 586 8.39 -5.69 19.90
C GLY A 586 8.10 -5.05 21.25
N LEU A 587 9.07 -5.16 22.16
CA LEU A 587 8.98 -4.57 23.49
C LEU A 587 7.71 -5.01 24.22
N GLY A 588 7.33 -6.27 24.02
CA GLY A 588 6.17 -6.85 24.69
C GLY A 588 4.86 -6.84 23.91
N ALA A 589 4.82 -6.12 22.79
CA ALA A 589 3.57 -5.95 22.06
C ALA A 589 3.15 -7.17 21.24
N VAL A 590 4.10 -7.98 20.79
CA VAL A 590 3.79 -9.01 19.81
C VAL A 590 2.78 -10.01 20.39
N GLY A 591 2.99 -10.41 21.63
CA GLY A 591 2.08 -11.36 22.25
C GLY A 591 0.66 -10.82 22.48
N ALA A 592 0.50 -9.50 22.45
CA ALA A 592 -0.81 -8.90 22.71
C ALA A 592 -1.63 -8.71 21.44
N PHE A 593 -0.99 -8.78 20.27
CA PHE A 593 -1.69 -8.39 19.05
C PHE A 593 -1.56 -9.41 17.91
N LYS A 594 -1.33 -10.67 18.27
CA LYS A 594 -1.20 -11.72 17.27
C LYS A 594 -2.45 -11.86 16.39
N GLU A 595 -3.62 -11.53 16.95
CA GLU A 595 -4.86 -11.67 16.20
C GLU A 595 -5.10 -10.57 15.16
N LEU A 596 -4.31 -9.49 15.20
CA LEU A 596 -4.52 -8.39 14.26
C LEU A 596 -4.40 -8.84 12.81
N ALA A 597 -3.44 -9.72 12.56
CA ALA A 597 -3.14 -10.15 11.19
C ALA A 597 -4.29 -10.94 10.54
N LYS A 598 -5.19 -11.45 11.37
CA LYS A 598 -6.38 -12.15 10.86
C LYS A 598 -7.46 -11.17 10.42
N ASN A 599 -7.24 -9.89 10.68
CA ASN A 599 -8.24 -8.86 10.40
C ASN A 599 -7.73 -7.74 9.51
N THR A 600 -6.40 -7.65 9.35
CA THR A 600 -5.83 -6.57 8.54
C THR A 600 -4.43 -6.93 8.05
N GLN A 601 -4.05 -6.32 6.93
CA GLN A 601 -2.68 -6.36 6.45
C GLN A 601 -2.18 -4.92 6.42
N MET A 602 -0.92 -4.71 6.05
CA MET A 602 -0.41 -3.36 5.92
C MET A 602 -1.11 -2.61 4.80
N GLY A 603 -0.94 -1.28 4.81
CA GLY A 603 -1.55 -0.44 3.81
C GLY A 603 -1.07 1.00 3.96
N GLY A 604 -1.72 1.91 3.26
CA GLY A 604 -1.31 3.29 3.34
C GLY A 604 -2.10 4.15 2.39
N GLY A 605 -2.95 5.00 2.96
CA GLY A 605 -3.78 5.84 2.13
C GLY A 605 -4.66 6.76 2.94
N VAL A 606 -5.51 7.50 2.24
CA VAL A 606 -6.53 8.34 2.84
C VAL A 606 -7.88 7.96 2.23
N MET A 607 -8.88 7.76 3.08
CA MET A 607 -10.23 7.51 2.61
C MET A 607 -11.08 8.70 3.00
N VAL A 608 -11.85 9.20 2.05
CA VAL A 608 -12.69 10.36 2.29
C VAL A 608 -14.16 9.98 2.12
N PHE A 609 -14.98 10.42 3.10
CA PHE A 609 -16.40 10.08 3.18
C PHE A 609 -17.30 11.31 3.09
N SER A 610 -18.51 11.11 2.59
CA SER A 610 -19.55 12.13 2.62
C SER A 610 -20.91 11.45 2.58
N LEU A 611 -21.98 12.20 2.86
CA LEU A 611 -23.32 11.64 2.78
C LEU A 611 -23.55 11.15 1.34
N ASP A 612 -23.94 9.89 1.21
CA ASP A 612 -24.23 9.26 -0.08
C ASP A 612 -23.02 9.22 -1.00
N GLY A 613 -21.83 9.42 -0.43
CA GLY A 613 -20.60 9.39 -1.21
C GLY A 613 -20.49 10.49 -2.24
N LYS A 614 -21.26 11.57 -2.06
CA LYS A 614 -21.17 12.75 -2.93
C LYS A 614 -19.73 13.17 -3.16
N SER A 615 -19.39 13.46 -4.41
CA SER A 615 -18.00 13.63 -4.80
C SER A 615 -17.88 14.60 -5.97
N PRO A 616 -16.73 15.29 -6.09
CA PRO A 616 -16.49 16.13 -7.27
C PRO A 616 -16.64 15.35 -8.57
N TYR A 617 -16.40 14.04 -8.50
CA TYR A 617 -16.45 13.18 -9.69
C TYR A 617 -17.86 12.67 -9.99
N ASP A 618 -18.83 13.18 -9.25
CA ASP A 618 -20.22 13.04 -9.65
C ASP A 618 -20.44 13.72 -10.99
N ASP A 619 -19.63 14.75 -11.26
CA ASP A 619 -19.50 15.29 -12.61
C ASP A 619 -18.51 14.40 -13.35
N VAL A 620 -19.00 13.49 -14.18
CA VAL A 620 -18.12 12.45 -14.68
C VAL A 620 -17.13 13.03 -15.68
N SER A 621 -17.37 14.25 -16.16
CA SER A 621 -16.46 14.89 -17.11
C SER A 621 -15.23 15.48 -16.42
N LEU A 622 -15.26 15.58 -15.10
CA LEU A 622 -14.15 16.19 -14.38
C LEU A 622 -12.89 15.35 -14.52
N GLY A 623 -11.87 15.93 -15.14
CA GLY A 623 -10.60 15.23 -15.30
C GLY A 623 -10.58 14.24 -16.45
N GLU A 624 -11.60 14.26 -17.30
CA GLU A 624 -11.63 13.38 -18.45
C GLU A 624 -10.90 13.99 -19.63
N TYR A 625 -10.16 13.15 -20.35
CA TYR A 625 -9.57 13.56 -21.62
C TYR A 625 -10.73 13.70 -22.62
N GLY A 626 -10.77 14.82 -23.33
CA GLY A 626 -9.66 15.74 -23.35
C GLY A 626 -9.82 17.07 -22.63
N MET A 627 -8.68 17.66 -22.30
CA MET A 627 -7.38 17.02 -22.56
C MET A 627 -6.48 17.10 -21.33
N TYR B 25 8.45 1.49 49.82
CA TYR B 25 8.47 2.65 48.93
C TYR B 25 7.10 2.86 48.29
N ASP B 26 6.34 3.84 48.78
CA ASP B 26 5.00 4.10 48.24
C ASP B 26 4.90 5.50 47.65
N GLY B 27 6.03 6.20 47.63
CA GLY B 27 6.12 7.51 46.98
C GLY B 27 5.63 8.70 47.78
N THR B 28 5.21 8.48 49.02
CA THR B 28 4.59 9.55 49.81
C THR B 28 5.53 10.14 50.86
N LYS B 29 6.74 9.61 50.97
CA LYS B 29 7.70 10.10 51.95
C LYS B 29 8.81 10.88 51.25
N CYS B 30 8.87 12.18 51.50
CA CYS B 30 9.70 13.08 50.71
C CYS B 30 10.81 13.78 51.49
N LYS B 31 12.06 13.56 51.08
CA LYS B 31 13.19 14.20 51.75
C LYS B 31 13.22 15.69 51.42
N ALA B 32 12.56 16.08 50.34
CA ALA B 32 12.43 17.47 49.94
C ALA B 32 11.26 17.62 48.97
N ALA B 33 10.86 18.85 48.69
CA ALA B 33 9.81 19.08 47.70
C ALA B 33 10.31 18.56 46.36
N GLY B 34 9.50 17.73 45.70
CA GLY B 34 9.88 17.16 44.42
C GLY B 34 10.85 16.00 44.47
N ASP B 35 11.15 15.50 45.67
CA ASP B 35 12.08 14.39 45.84
C ASP B 35 11.54 13.39 46.88
N CYS B 36 10.82 12.38 46.41
CA CYS B 36 10.17 11.45 47.32
C CYS B 36 10.65 10.02 47.11
N TRP B 37 11.69 9.85 46.30
CA TRP B 37 12.20 8.52 46.02
C TRP B 37 12.80 7.85 47.25
N GLU B 38 12.57 6.54 47.38
CA GLU B 38 13.18 5.73 48.41
C GLU B 38 13.66 4.44 47.78
N ALA B 39 14.75 3.89 48.29
CA ALA B 39 15.16 2.55 47.92
C ALA B 39 14.10 1.53 48.35
N LYS B 40 13.84 0.56 47.50
CA LYS B 40 13.00 -0.57 47.85
C LYS B 40 13.71 -1.44 48.89
N PRO B 41 12.96 -2.27 49.64
CA PRO B 41 13.57 -3.10 50.68
C PRO B 41 14.77 -3.90 50.16
N GLY B 42 15.90 -3.79 50.85
CA GLY B 42 17.09 -4.55 50.50
C GLY B 42 17.95 -3.91 49.44
N PHE B 43 17.48 -2.80 48.87
CA PHE B 43 18.23 -2.07 47.86
C PHE B 43 18.94 -0.88 48.49
N PRO B 44 20.07 -0.45 47.89
CA PRO B 44 20.86 0.66 48.42
C PRO B 44 20.34 2.03 47.99
N ASP B 45 20.67 3.06 48.77
CA ASP B 45 20.30 4.42 48.44
C ASP B 45 21.08 4.93 47.23
N LYS B 46 22.34 4.51 47.14
CA LYS B 46 23.19 4.78 45.98
C LYS B 46 23.65 3.47 45.37
N ILE B 47 23.72 3.40 44.04
CA ILE B 47 24.10 2.16 43.39
C ILE B 47 25.58 2.11 43.00
N LYS B 48 26.25 3.27 43.04
CA LYS B 48 27.69 3.25 42.77
C LYS B 48 28.39 2.34 43.76
N GLY B 49 29.17 1.39 43.24
CA GLY B 49 29.89 0.45 44.08
C GLY B 49 29.11 -0.78 44.48
N SER B 50 27.82 -0.79 44.18
CA SER B 50 26.98 -1.96 44.44
C SER B 50 26.98 -2.89 43.25
N LYS B 51 26.30 -4.03 43.39
CA LYS B 51 26.13 -4.96 42.28
C LYS B 51 25.30 -4.34 41.16
N TYR B 52 24.65 -3.22 41.45
CA TYR B 52 23.81 -2.53 40.47
C TYR B 52 24.50 -1.35 39.79
N ASP B 53 25.78 -1.12 40.12
CA ASP B 53 26.57 -0.04 39.52
C ASP B 53 26.54 -0.13 37.99
N PRO B 54 26.02 0.90 37.32
CA PRO B 54 25.92 0.81 35.86
C PRO B 54 27.28 0.99 35.18
N LYS B 55 28.24 1.56 35.91
CA LYS B 55 29.59 1.81 35.43
C LYS B 55 29.59 2.44 34.04
N HIS B 56 28.79 3.48 33.87
CA HIS B 56 28.68 4.15 32.59
C HIS B 56 30.01 4.77 32.16
N SER B 57 30.33 4.63 30.88
CA SER B 57 31.44 5.37 30.30
C SER B 57 31.09 6.84 30.22
N GLU B 58 31.83 7.69 30.92
CA GLU B 58 31.53 9.12 30.92
C GLU B 58 31.68 9.74 29.54
N LYS B 59 32.57 9.20 28.73
CA LYS B 59 32.73 9.73 27.40
C LYS B 59 31.60 9.25 26.48
N GLU B 60 31.05 8.07 26.73
CA GLU B 60 29.82 7.66 26.03
C GLU B 60 28.67 8.60 26.37
N LEU B 61 28.57 8.97 27.65
CA LEU B 61 27.45 9.81 28.11
C LEU B 61 27.45 11.17 27.44
N ASN B 62 28.62 11.63 27.04
CA ASN B 62 28.73 12.97 26.45
C ASN B 62 28.45 13.02 24.96
N LYS B 63 28.25 11.88 24.32
CA LYS B 63 28.19 11.87 22.86
C LYS B 63 26.97 12.57 22.28
N GLN B 64 25.79 12.46 22.91
CA GLN B 64 24.65 13.11 22.28
C GLN B 64 24.69 14.63 22.42
N ASP B 65 25.25 15.15 23.51
CA ASP B 65 25.44 16.59 23.63
C ASP B 65 26.38 17.11 22.54
N ALA B 66 27.47 16.39 22.29
CA ALA B 66 28.41 16.77 21.23
C ALA B 66 27.71 16.81 19.87
N ALA B 67 26.87 15.82 19.63
CA ALA B 67 26.15 15.72 18.37
C ALA B 67 25.19 16.89 18.22
N LEU B 68 24.50 17.24 19.30
CA LEU B 68 23.55 18.35 19.27
C LEU B 68 24.26 19.68 19.07
N LYS B 69 25.41 19.87 19.71
CA LYS B 69 26.17 21.11 19.55
C LYS B 69 26.68 21.24 18.13
N ALA B 70 27.07 20.13 17.51
CA ALA B 70 27.57 20.16 16.14
C ALA B 70 26.47 20.58 15.17
N MET B 71 25.27 20.05 15.38
CA MET B 71 24.12 20.41 14.54
C MET B 71 23.72 21.86 14.72
N GLU B 72 23.79 22.37 15.95
CA GLU B 72 23.48 23.76 16.23
C GLU B 72 24.41 24.69 15.46
N LYS B 73 25.70 24.35 15.44
CA LYS B 73 26.70 25.13 14.73
C LYS B 73 26.44 25.16 13.22
N ARG B 74 26.09 24.01 12.67
CA ARG B 74 25.81 23.89 11.23
C ARG B 74 24.55 24.64 10.83
N ASN B 75 23.49 24.49 11.63
CA ASN B 75 22.26 25.27 11.41
C ASN B 75 22.52 26.78 11.44
N ALA B 76 23.30 27.22 12.43
CA ALA B 76 23.57 28.65 12.58
C ALA B 76 24.30 29.21 11.35
N GLU B 77 25.20 28.41 10.80
CA GLU B 77 25.92 28.80 9.58
C GLU B 77 24.95 28.93 8.41
N ARG B 78 24.04 27.97 8.28
CA ARG B 78 23.01 28.02 7.24
C ARG B 78 22.15 29.27 7.38
N VAL B 79 21.75 29.56 8.63
CA VAL B 79 20.89 30.71 8.91
C VAL B 79 21.56 32.05 8.59
N GLU B 80 22.84 32.16 8.93
CA GLU B 80 23.56 33.40 8.62
C GLU B 80 23.66 33.61 7.12
N GLN B 81 23.92 32.55 6.37
CA GLN B 81 24.02 32.66 4.91
C GLN B 81 22.67 32.95 4.29
N PHE B 82 21.63 32.40 4.89
CA PHE B 82 20.26 32.59 4.42
C PHE B 82 19.88 34.06 4.55
N LYS B 83 20.28 34.68 5.65
CA LYS B 83 20.01 36.08 5.87
C LYS B 83 20.70 36.92 4.81
N LYS B 84 21.85 36.45 4.33
CA LYS B 84 22.65 37.17 3.35
C LYS B 84 22.20 36.97 1.91
N THR B 85 21.85 35.73 1.55
CA THR B 85 21.59 35.40 0.15
C THR B 85 20.10 35.24 -0.17
N GLY B 86 19.30 34.89 0.85
CA GLY B 86 17.88 34.73 0.65
C GLY B 86 17.48 33.36 0.11
N LYS B 87 18.47 32.48 -0.05
CA LYS B 87 18.18 31.12 -0.49
C LYS B 87 18.94 30.12 0.38
N TRP B 88 18.20 29.19 0.96
CA TRP B 88 18.76 28.21 1.87
C TRP B 88 19.73 27.27 1.19
N VAL B 89 20.93 27.15 1.73
CA VAL B 89 21.88 26.15 1.29
C VAL B 89 22.23 25.23 2.45
N TYR B 90 21.73 23.99 2.40
CA TYR B 90 21.97 23.04 3.47
C TYR B 90 23.45 22.71 3.62
N ASN C 32 -13.58 -28.71 -17.69
CA ASN C 32 -14.12 -29.17 -16.40
C ASN C 32 -15.62 -28.93 -16.34
N ASP C 33 -16.41 -30.01 -16.28
CA ASP C 33 -17.86 -29.91 -16.31
C ASP C 33 -18.42 -29.07 -15.18
N LYS C 34 -17.79 -29.19 -14.00
CA LYS C 34 -18.27 -28.45 -12.84
C LYS C 34 -17.97 -26.96 -12.99
N LEU C 35 -16.82 -26.62 -13.56
CA LEU C 35 -16.52 -25.22 -13.81
C LEU C 35 -17.51 -24.61 -14.79
N VAL C 36 -17.90 -25.39 -15.80
CA VAL C 36 -18.87 -24.92 -16.77
C VAL C 36 -20.19 -24.57 -16.05
N GLU C 37 -20.66 -25.45 -15.18
CA GLU C 37 -21.91 -25.22 -14.47
C GLU C 37 -21.81 -24.08 -13.47
N LEU C 38 -20.72 -24.04 -12.72
CA LEU C 38 -20.47 -22.93 -11.80
C LEU C 38 -20.47 -21.57 -12.51
N SER C 39 -19.87 -21.50 -13.69
CA SER C 39 -19.75 -20.23 -14.39
C SER C 39 -21.10 -19.71 -14.89
N LYS C 40 -22.12 -20.56 -14.87
CA LYS C 40 -23.45 -20.12 -15.30
C LYS C 40 -24.14 -19.30 -14.22
N SER C 41 -23.65 -19.40 -12.98
CA SER C 41 -24.30 -18.72 -11.86
C SER C 41 -23.70 -17.37 -11.59
N ASN C 42 -24.56 -16.39 -11.33
CA ASN C 42 -24.09 -15.05 -10.98
C ASN C 42 -23.49 -14.97 -9.58
N GLU C 43 -23.61 -16.05 -8.81
CA GLU C 43 -22.97 -16.08 -7.49
C GLU C 43 -21.47 -16.28 -7.58
N ASN C 44 -21.01 -16.71 -8.75
CA ASN C 44 -19.63 -17.11 -8.92
C ASN C 44 -18.87 -16.31 -9.98
N TRP C 45 -17.55 -16.21 -9.78
CA TRP C 45 -16.61 -15.78 -10.81
C TRP C 45 -15.41 -16.71 -10.62
N VAL C 46 -15.45 -17.84 -11.32
CA VAL C 46 -14.59 -18.97 -10.99
C VAL C 46 -13.27 -19.04 -11.77
N MET C 47 -13.05 -18.11 -12.68
CA MET C 47 -11.80 -18.06 -13.42
C MET C 47 -11.57 -16.65 -13.90
N GLN C 48 -10.33 -16.31 -14.24
CA GLN C 48 -9.99 -14.93 -14.56
C GLN C 48 -10.86 -14.37 -15.67
N GLY C 49 -11.21 -15.22 -16.63
CA GLY C 49 -12.02 -14.80 -17.76
C GLY C 49 -13.50 -14.98 -17.55
N LYS C 50 -13.86 -15.29 -16.30
CA LYS C 50 -15.25 -15.55 -15.86
C LYS C 50 -15.76 -16.90 -16.38
N ASP C 51 -15.64 -17.14 -17.68
CA ASP C 51 -16.05 -18.42 -18.25
C ASP C 51 -14.97 -18.92 -19.21
N PHE C 52 -15.10 -20.16 -19.67
CA PHE C 52 -14.09 -20.74 -20.55
C PHE C 52 -13.99 -20.02 -21.89
N SER C 53 -15.05 -19.31 -22.27
CA SER C 53 -15.03 -18.55 -23.52
C SER C 53 -14.37 -17.19 -23.36
N GLY C 54 -14.03 -16.82 -22.13
CA GLY C 54 -13.40 -15.54 -21.87
C GLY C 54 -14.31 -14.36 -22.18
N THR C 55 -15.61 -14.48 -21.91
CA THR C 55 -16.50 -13.40 -22.31
C THR C 55 -16.49 -12.22 -21.34
N HIS C 56 -16.12 -12.45 -20.08
CA HIS C 56 -16.26 -11.42 -19.06
C HIS C 56 -17.66 -10.81 -19.09
N TYR C 57 -18.66 -11.64 -19.39
CA TYR C 57 -20.04 -11.17 -19.54
C TYR C 57 -20.91 -11.70 -18.43
N SER C 58 -21.57 -10.76 -17.75
CA SER C 58 -22.47 -11.09 -16.64
C SER C 58 -23.91 -10.85 -17.02
N THR C 59 -24.77 -11.82 -16.73
CA THR C 59 -26.20 -11.64 -16.96
C THR C 59 -26.89 -10.90 -15.81
N ALA C 60 -26.14 -10.54 -14.77
CA ALA C 60 -26.69 -9.78 -13.65
C ALA C 60 -27.10 -8.38 -14.10
N LYS C 61 -28.30 -7.97 -13.72
CA LYS C 61 -28.88 -6.73 -14.24
C LYS C 61 -29.30 -5.78 -13.12
N GLN C 62 -28.96 -6.13 -11.87
CA GLN C 62 -29.37 -5.30 -10.75
C GLN C 62 -28.77 -3.91 -10.88
N ILE C 63 -27.51 -3.88 -11.30
CA ILE C 63 -26.83 -2.64 -11.61
C ILE C 63 -26.97 -2.40 -13.11
N ASN C 64 -27.54 -1.26 -13.49
CA ASN C 64 -27.84 -1.02 -14.89
C ASN C 64 -27.63 0.46 -15.27
N LYS C 65 -27.94 0.81 -16.50
CA LYS C 65 -27.73 2.18 -16.98
C LYS C 65 -28.39 3.20 -16.08
N ASP C 66 -29.58 2.85 -15.61
CA ASP C 66 -30.42 3.83 -14.91
C ASP C 66 -30.01 4.08 -13.47
N ASN C 67 -29.22 3.18 -12.89
CA ASN C 67 -28.84 3.32 -11.47
C ASN C 67 -27.36 3.19 -11.17
N VAL C 68 -26.52 3.09 -12.18
CA VAL C 68 -25.10 2.82 -11.93
C VAL C 68 -24.46 4.01 -11.20
N LYS C 69 -25.05 5.19 -11.33
CA LYS C 69 -24.53 6.37 -10.64
C LYS C 69 -24.61 6.22 -9.12
N LYS C 70 -25.44 5.30 -8.65
CA LYS C 70 -25.57 5.04 -7.22
C LYS C 70 -24.52 4.09 -6.67
N LEU C 71 -23.64 3.60 -7.54
CA LEU C 71 -22.59 2.67 -7.12
C LEU C 71 -21.59 3.36 -6.21
N ARG C 72 -21.31 2.75 -5.05
CA ARG C 72 -20.35 3.29 -4.08
C ARG C 72 -19.64 2.13 -3.39
N PRO C 73 -18.45 2.37 -2.80
CA PRO C 73 -17.77 1.27 -2.12
C PRO C 73 -18.59 0.67 -0.97
N SER C 74 -18.57 -0.65 -0.92
CA SER C 74 -19.25 -1.45 0.09
C SER C 74 -18.26 -1.81 1.20
N TRP C 75 -17.06 -2.21 0.78
CA TRP C 75 -15.96 -2.52 1.69
C TRP C 75 -14.67 -2.59 0.88
N SER C 76 -13.55 -2.73 1.58
CA SER C 76 -12.25 -2.65 0.92
C SER C 76 -11.24 -3.51 1.67
N PHE C 77 -10.13 -3.78 0.99
CA PHE C 77 -9.09 -4.68 1.53
C PHE C 77 -7.71 -4.33 0.96
N SER C 78 -6.77 -4.01 1.85
CA SER C 78 -5.41 -3.79 1.43
C SER C 78 -4.63 -5.12 1.38
N THR C 79 -3.85 -5.31 0.32
CA THR C 79 -3.07 -6.54 0.18
C THR C 79 -1.80 -6.55 1.00
N GLY C 80 -1.39 -5.38 1.47
CA GLY C 80 -0.13 -5.27 2.20
C GLY C 80 1.13 -5.34 1.36
N VAL C 81 0.96 -5.31 0.03
CA VAL C 81 2.11 -5.15 -0.86
C VAL C 81 1.85 -4.05 -1.88
N LEU C 82 2.93 -3.55 -2.48
CA LEU C 82 2.81 -2.51 -3.51
C LEU C 82 3.12 -3.13 -4.87
N ASN C 83 3.50 -2.29 -5.82
CA ASN C 83 3.72 -2.68 -7.23
C ASN C 83 2.42 -3.08 -7.90
N GLY C 84 2.49 -3.45 -9.18
CA GLY C 84 1.27 -3.61 -9.94
C GLY C 84 0.38 -4.77 -9.51
N HIS C 85 -0.93 -4.51 -9.46
CA HIS C 85 -1.89 -5.57 -9.12
C HIS C 85 -2.76 -5.98 -10.32
N GLU C 86 -2.28 -6.94 -11.10
CA GLU C 86 -3.03 -7.41 -12.26
C GLU C 86 -4.02 -8.52 -11.89
N GLY C 87 -4.72 -9.04 -12.92
CA GLY C 87 -5.77 -10.02 -12.69
C GLY C 87 -6.90 -9.42 -11.87
N ALA C 88 -7.68 -10.27 -11.22
CA ALA C 88 -8.75 -9.83 -10.33
C ALA C 88 -9.10 -10.98 -9.40
N PRO C 89 -9.88 -10.72 -8.34
CA PRO C 89 -10.26 -11.82 -7.44
C PRO C 89 -11.13 -12.86 -8.11
N LEU C 90 -11.16 -14.06 -7.52
CA LEU C 90 -12.18 -15.05 -7.84
C LEU C 90 -13.20 -15.10 -6.70
N VAL C 91 -14.41 -15.52 -7.01
CA VAL C 91 -15.43 -15.77 -5.99
C VAL C 91 -16.10 -17.11 -6.29
N VAL C 92 -16.15 -17.98 -5.30
CA VAL C 92 -16.85 -19.25 -5.46
C VAL C 92 -17.13 -19.77 -4.05
N ASN C 93 -18.20 -20.55 -3.88
CA ASN C 93 -18.53 -21.12 -2.57
C ASN C 93 -18.64 -20.02 -1.51
N GLY C 94 -19.08 -18.82 -1.89
CA GLY C 94 -19.26 -17.72 -0.96
C GLY C 94 -17.97 -17.15 -0.39
N THR C 95 -16.87 -17.40 -1.08
CA THR C 95 -15.55 -16.94 -0.65
C THR C 95 -14.86 -16.15 -1.75
N MET C 96 -14.25 -15.02 -1.40
CA MET C 96 -13.43 -14.28 -2.36
C MET C 96 -11.96 -14.65 -2.19
N TYR C 97 -11.28 -14.90 -3.30
CA TYR C 97 -9.87 -15.26 -3.29
C TYR C 97 -9.07 -14.18 -3.98
N ILE C 98 -8.04 -13.69 -3.30
CA ILE C 98 -7.28 -12.51 -3.70
C ILE C 98 -5.80 -12.85 -3.83
N HIS C 99 -5.18 -12.48 -4.96
CA HIS C 99 -3.73 -12.67 -5.15
C HIS C 99 -2.99 -11.33 -5.21
N THR C 100 -1.69 -11.37 -5.00
CA THR C 100 -0.88 -10.17 -5.01
C THR C 100 0.30 -10.30 -5.97
N PRO C 101 1.00 -9.18 -6.25
CA PRO C 101 2.32 -9.28 -6.88
C PRO C 101 3.35 -9.91 -5.93
N PHE C 102 4.60 -10.06 -6.36
CA PHE C 102 5.65 -10.67 -5.54
C PHE C 102 5.62 -10.11 -4.12
N PRO C 103 5.66 -11.00 -3.09
CA PRO C 103 5.94 -12.44 -3.10
C PRO C 103 4.72 -13.34 -3.34
N ASN C 104 3.64 -12.81 -3.93
CA ASN C 104 2.51 -13.63 -4.39
C ASN C 104 1.74 -14.27 -3.24
N ASN C 105 1.32 -13.44 -2.31
CA ASN C 105 0.48 -13.92 -1.23
C ASN C 105 -0.94 -14.17 -1.71
N THR C 106 -1.64 -15.08 -1.04
CA THR C 106 -3.03 -15.39 -1.36
C THR C 106 -3.85 -15.16 -0.11
N PHE C 107 -5.00 -14.50 -0.27
CA PHE C 107 -5.95 -14.34 0.83
C PHE C 107 -7.31 -14.88 0.46
N ALA C 108 -7.98 -15.51 1.42
CA ALA C 108 -9.36 -15.95 1.26
C ALA C 108 -10.24 -15.20 2.25
N ILE C 109 -11.40 -14.77 1.77
CA ILE C 109 -12.33 -13.97 2.57
C ILE C 109 -13.74 -14.54 2.47
N ASP C 110 -14.36 -14.85 3.61
CA ASP C 110 -15.75 -15.26 3.64
C ASP C 110 -16.62 -14.02 3.41
N LEU C 111 -17.43 -14.03 2.35
CA LEU C 111 -18.18 -12.82 1.98
C LEU C 111 -19.21 -12.40 3.03
N ASP C 112 -19.55 -13.29 3.96
CA ASP C 112 -20.48 -12.91 5.02
C ASP C 112 -19.84 -12.04 6.08
N GLU C 113 -18.51 -12.02 6.11
CA GLU C 113 -17.79 -11.17 7.06
C GLU C 113 -16.48 -10.77 6.44
N PRO C 114 -16.51 -9.80 5.52
CA PRO C 114 -15.35 -9.48 4.68
C PRO C 114 -14.12 -8.97 5.43
N GLY C 115 -14.28 -8.56 6.69
CA GLY C 115 -13.15 -8.04 7.45
C GLY C 115 -12.22 -9.10 8.03
N VAL C 116 -12.66 -10.36 7.99
CA VAL C 116 -11.86 -11.45 8.51
C VAL C 116 -11.13 -12.13 7.36
N ILE C 117 -9.85 -12.38 7.57
CA ILE C 117 -9.08 -13.18 6.62
C ILE C 117 -9.25 -14.66 6.99
N LYS C 118 -10.06 -15.37 6.19
CA LYS C 118 -10.33 -16.79 6.42
C LYS C 118 -9.05 -17.62 6.41
N TRP C 119 -8.18 -17.39 5.44
CA TRP C 119 -6.83 -17.94 5.46
C TRP C 119 -5.91 -17.13 4.56
N GLU C 120 -4.61 -17.29 4.79
CA GLU C 120 -3.60 -16.67 3.96
C GLU C 120 -2.58 -17.72 3.55
N HIS C 121 -1.91 -17.47 2.42
CA HIS C 121 -0.76 -18.28 2.03
C HIS C 121 0.34 -17.35 1.59
N LYS C 122 1.48 -17.41 2.27
CA LYS C 122 2.56 -16.45 2.01
C LYS C 122 3.84 -17.18 1.63
N PRO C 123 4.09 -17.31 0.32
CA PRO C 123 5.24 -18.07 -0.18
C PRO C 123 6.59 -17.48 0.20
N LYS C 124 7.58 -18.35 0.45
CA LYS C 124 8.95 -17.90 0.62
C LYS C 124 9.68 -18.05 -0.71
N GLN C 125 10.19 -16.93 -1.23
CA GLN C 125 10.89 -16.93 -2.52
C GLN C 125 12.21 -16.21 -2.46
N ASP C 126 13.13 -16.59 -3.33
CA ASP C 126 14.39 -15.88 -3.47
C ASP C 126 14.08 -14.48 -4.02
N PRO C 127 14.46 -13.42 -3.28
CA PRO C 127 14.23 -12.07 -3.78
C PRO C 127 14.95 -11.79 -5.11
N ALA C 128 15.93 -12.62 -5.46
CA ALA C 128 16.62 -12.51 -6.75
C ALA C 128 15.66 -12.67 -7.94
N ALA C 129 14.51 -13.31 -7.71
CA ALA C 129 13.52 -13.47 -8.75
C ALA C 129 13.06 -12.11 -9.31
N ARG C 130 13.07 -11.09 -8.46
CA ARG C 130 12.69 -9.74 -8.89
C ARG C 130 13.55 -9.24 -10.04
N ALA C 131 14.82 -9.63 -10.04
CA ALA C 131 15.80 -9.04 -10.94
C ALA C 131 15.65 -9.52 -12.38
N VAL C 132 14.96 -10.65 -12.59
CA VAL C 132 14.81 -11.17 -13.94
C VAL C 132 13.39 -10.98 -14.48
N ALA C 133 12.61 -10.14 -13.81
CA ALA C 133 11.30 -9.70 -14.32
C ALA C 133 11.46 -8.43 -15.12
N CYS C 134 11.07 -8.47 -16.40
CA CYS C 134 11.30 -7.35 -17.29
C CYS C 134 10.45 -6.15 -16.95
N CYS C 135 9.25 -6.44 -16.43
CA CYS C 135 8.12 -5.52 -16.57
C CYS C 135 7.26 -5.42 -15.30
N ASP C 136 7.92 -5.29 -14.16
CA ASP C 136 7.31 -5.27 -12.82
C ASP C 136 6.98 -6.69 -12.36
N VAL C 137 6.86 -6.87 -11.05
CA VAL C 137 6.70 -8.19 -10.46
C VAL C 137 5.21 -8.57 -10.33
N VAL C 138 4.49 -8.37 -11.43
CA VAL C 138 3.05 -8.64 -11.47
C VAL C 138 2.70 -10.13 -11.46
N ASN C 139 1.45 -10.41 -11.12
CA ASN C 139 0.89 -11.75 -11.24
C ASN C 139 -0.57 -11.61 -11.66
N ARG C 140 -0.99 -12.41 -12.64
CA ARG C 140 -2.31 -12.23 -13.26
C ARG C 140 -3.41 -13.09 -12.65
N GLY C 141 -3.11 -13.82 -11.59
CA GLY C 141 -4.19 -14.32 -10.76
C GLY C 141 -4.33 -15.80 -10.51
N LEU C 142 -5.33 -16.12 -9.71
CA LEU C 142 -5.60 -17.48 -9.27
C LEU C 142 -6.45 -18.26 -10.27
N ALA C 143 -6.39 -19.59 -10.17
CA ALA C 143 -7.36 -20.45 -10.83
C ALA C 143 -7.99 -21.34 -9.77
N TYR C 144 -9.10 -21.98 -10.13
CA TYR C 144 -9.88 -22.79 -9.19
C TYR C 144 -10.27 -24.11 -9.83
N TRP C 145 -10.03 -25.22 -9.13
CA TRP C 145 -10.50 -26.52 -9.57
C TRP C 145 -11.50 -27.03 -8.53
N PRO C 146 -12.71 -27.39 -8.97
CA PRO C 146 -13.86 -27.59 -8.07
C PRO C 146 -13.86 -28.86 -7.23
N GLY C 147 -12.93 -29.78 -7.45
CA GLY C 147 -12.90 -31.00 -6.65
C GLY C 147 -13.64 -32.16 -7.27
N ASP C 148 -13.30 -33.37 -6.81
CA ASP C 148 -14.06 -34.57 -7.16
C ASP C 148 -13.94 -35.54 -5.99
N ASP C 149 -14.14 -36.83 -6.25
CA ASP C 149 -14.12 -37.80 -5.16
C ASP C 149 -12.70 -38.22 -4.75
N LYS C 150 -11.69 -37.74 -5.47
CA LYS C 150 -10.30 -38.08 -5.15
C LYS C 150 -9.50 -36.93 -4.54
N ALA C 151 -10.00 -35.70 -4.71
CA ALA C 151 -9.36 -34.53 -4.12
C ALA C 151 -10.38 -33.40 -3.99
N PRO C 152 -10.35 -32.67 -2.86
CA PRO C 152 -11.28 -31.55 -2.63
C PRO C 152 -10.90 -30.35 -3.51
N ALA C 153 -11.74 -29.32 -3.53
CA ALA C 153 -11.48 -28.15 -4.39
C ALA C 153 -10.13 -27.52 -4.10
N MET C 154 -9.49 -27.02 -5.16
CA MET C 154 -8.18 -26.38 -5.05
C MET C 154 -8.14 -24.96 -5.61
N ILE C 155 -7.36 -24.11 -4.96
CA ILE C 155 -6.95 -22.82 -5.51
C ILE C 155 -5.54 -23.01 -6.07
N VAL C 156 -5.32 -22.56 -7.31
CA VAL C 156 -4.01 -22.78 -7.94
C VAL C 156 -3.39 -21.42 -8.25
N LYS C 157 -2.12 -21.27 -7.89
CA LYS C 157 -1.41 -20.01 -8.02
C LYS C 157 -0.06 -20.23 -8.69
N SER C 158 0.46 -19.20 -9.33
CA SER C 158 1.84 -19.22 -9.82
C SER C 158 2.69 -18.26 -8.99
N LEU C 159 3.99 -18.55 -8.93
CA LEU C 159 4.96 -17.72 -8.21
C LEU C 159 5.97 -17.14 -9.20
N LEU C 160 6.41 -15.91 -8.94
CA LEU C 160 7.40 -15.27 -9.80
C LEU C 160 8.62 -16.16 -9.99
N ASP C 161 9.02 -16.89 -8.95
CA ASP C 161 10.23 -17.71 -9.04
C ASP C 161 10.05 -18.99 -9.87
N GLY C 162 8.86 -19.17 -10.46
CA GLY C 162 8.66 -20.27 -11.38
C GLY C 162 7.77 -21.40 -10.90
N HIS C 163 7.39 -21.39 -9.62
CA HIS C 163 6.59 -22.52 -9.12
C HIS C 163 5.12 -22.41 -9.48
N VAL C 164 4.44 -23.57 -9.52
CA VAL C 164 2.99 -23.59 -9.54
C VAL C 164 2.58 -24.32 -8.26
N VAL C 165 1.63 -23.75 -7.53
CA VAL C 165 1.23 -24.27 -6.23
C VAL C 165 -0.27 -24.50 -6.19
N ALA C 166 -0.66 -25.71 -5.78
CA ALA C 166 -2.05 -26.04 -5.54
C ALA C 166 -2.33 -25.98 -4.05
N LEU C 167 -3.36 -25.24 -3.68
CA LEU C 167 -3.75 -25.06 -2.28
C LEU C 167 -5.15 -25.59 -2.06
N ASN C 168 -5.39 -26.19 -0.90
CA ASN C 168 -6.75 -26.54 -0.53
C ASN C 168 -7.57 -25.26 -0.48
N ALA C 169 -8.68 -25.23 -1.22
CA ALA C 169 -9.47 -24.00 -1.33
C ALA C 169 -10.09 -23.59 0.00
N GLU C 170 -10.45 -24.57 0.82
CA GLU C 170 -11.11 -24.25 2.08
C GLU C 170 -10.13 -23.82 3.17
N THR C 171 -8.94 -24.43 3.18
CA THR C 171 -8.03 -24.28 4.31
C THR C 171 -6.77 -23.49 3.99
N GLY C 172 -6.43 -23.40 2.69
CA GLY C 172 -5.24 -22.69 2.29
C GLY C 172 -3.96 -23.49 2.36
N GLU C 173 -4.06 -24.74 2.82
CA GLU C 173 -2.86 -25.55 3.01
C GLU C 173 -2.35 -26.10 1.68
N GLU C 174 -1.04 -26.11 1.53
CA GLU C 174 -0.41 -26.64 0.33
C GLU C 174 -0.84 -28.07 0.06
N TYR C 175 -1.22 -28.34 -1.20
CA TYR C 175 -1.52 -29.70 -1.63
C TYR C 175 -0.35 -30.23 -2.47
N TRP C 176 0.12 -29.44 -3.43
CA TRP C 176 1.43 -29.71 -4.03
C TRP C 176 2.10 -28.44 -4.54
N LYS C 177 3.40 -28.55 -4.82
CA LYS C 177 4.19 -27.44 -5.32
C LYS C 177 5.20 -28.00 -6.31
N VAL C 178 5.11 -27.59 -7.56
CA VAL C 178 6.04 -28.08 -8.59
C VAL C 178 6.89 -26.94 -9.14
N GLU C 179 8.10 -27.28 -9.61
CA GLU C 179 8.98 -26.32 -10.25
C GLU C 179 8.65 -26.17 -11.72
N ASN C 180 8.33 -24.95 -12.16
CA ASN C 180 7.99 -24.78 -13.56
C ASN C 180 8.83 -23.71 -14.23
N GLY C 181 9.89 -23.27 -13.57
CA GLY C 181 10.81 -22.30 -14.13
C GLY C 181 11.99 -22.07 -13.22
N ASP C 182 13.13 -21.74 -13.82
CA ASP C 182 14.38 -21.58 -13.08
C ASP C 182 14.90 -20.16 -13.34
N ILE C 183 14.94 -19.32 -12.31
CA ILE C 183 15.30 -17.92 -12.54
C ILE C 183 16.76 -17.78 -12.96
N SER C 184 17.57 -18.82 -12.75
CA SER C 184 18.99 -18.72 -13.11
C SER C 184 19.19 -18.72 -14.62
N VAL C 185 18.18 -19.15 -15.39
CA VAL C 185 18.23 -19.02 -16.85
C VAL C 185 17.21 -18.00 -17.39
N GLY C 186 16.74 -17.11 -16.50
CA GLY C 186 15.83 -16.03 -16.87
C GLY C 186 14.34 -16.36 -16.95
N GLN C 187 13.96 -17.54 -16.48
CA GLN C 187 12.54 -17.91 -16.47
C GLN C 187 11.87 -17.36 -15.23
N THR C 188 10.66 -16.82 -15.40
CA THR C 188 9.79 -16.44 -14.28
C THR C 188 8.37 -16.88 -14.60
N GLU C 189 7.46 -16.70 -13.66
CA GLU C 189 6.05 -16.88 -14.02
C GLU C 189 5.25 -15.68 -13.54
N THR C 190 4.47 -15.10 -14.44
CA THR C 190 3.56 -14.01 -14.08
C THR C 190 2.11 -14.32 -14.47
N ALA C 191 1.94 -15.23 -15.43
CA ALA C 191 0.60 -15.62 -15.88
C ALA C 191 -0.20 -16.37 -14.82
N ALA C 192 -1.52 -16.23 -14.89
CA ALA C 192 -2.41 -17.06 -14.09
C ALA C 192 -2.33 -18.51 -14.57
N PRO C 193 -2.38 -19.49 -13.65
CA PRO C 193 -2.56 -20.86 -14.14
C PRO C 193 -3.95 -21.00 -14.75
N PHE C 194 -4.14 -22.00 -15.60
CA PHE C 194 -5.42 -22.21 -16.26
C PHE C 194 -5.89 -23.64 -16.01
N VAL C 195 -7.07 -23.78 -15.41
CA VAL C 195 -7.62 -25.10 -15.14
C VAL C 195 -8.69 -25.51 -16.16
N ALA C 196 -8.53 -26.70 -16.72
CA ALA C 196 -9.55 -27.28 -17.58
C ALA C 196 -9.56 -28.79 -17.35
N LYS C 197 -10.75 -29.39 -17.32
CA LYS C 197 -10.91 -30.77 -16.85
C LYS C 197 -10.14 -30.93 -15.54
N ASP C 198 -9.18 -31.85 -15.49
CA ASP C 198 -8.39 -32.01 -14.26
C ASP C 198 -6.93 -31.63 -14.47
N LEU C 199 -6.69 -30.77 -15.45
CA LEU C 199 -5.34 -30.27 -15.72
C LEU C 199 -5.15 -28.83 -15.25
N VAL C 200 -3.95 -28.55 -14.76
CA VAL C 200 -3.48 -27.18 -14.55
C VAL C 200 -2.48 -26.85 -15.67
N ILE C 201 -2.76 -25.83 -16.47
CA ILE C 201 -1.85 -25.43 -17.54
C ILE C 201 -1.15 -24.13 -17.15
N GLN C 202 0.18 -24.13 -17.24
CA GLN C 202 0.95 -22.93 -16.91
C GLN C 202 1.83 -22.57 -18.10
N GLY C 203 1.93 -21.28 -18.37
CA GLY C 203 2.71 -20.80 -19.50
C GLY C 203 4.13 -20.45 -19.07
N SER C 204 4.67 -19.35 -19.59
CA SER C 204 6.08 -19.05 -19.42
C SER C 204 6.36 -17.56 -19.63
N SER C 205 7.45 -17.07 -19.04
CA SER C 205 7.88 -15.68 -19.19
C SER C 205 9.38 -15.58 -19.34
N GLY C 206 9.86 -14.51 -19.96
CA GLY C 206 11.29 -14.28 -20.06
C GLY C 206 11.85 -14.19 -21.47
N ALA C 207 11.01 -13.88 -22.46
CA ALA C 207 11.52 -13.73 -23.82
C ALA C 207 12.57 -12.62 -23.89
N GLU C 208 12.45 -11.64 -23.00
CA GLU C 208 13.44 -10.55 -22.96
C GLU C 208 14.77 -11.00 -22.38
N LEU C 209 14.81 -12.25 -21.94
CA LEU C 209 16.05 -12.91 -21.51
C LEU C 209 16.34 -14.17 -22.33
N GLY C 210 15.77 -14.23 -23.53
CA GLY C 210 16.02 -15.34 -24.43
C GLY C 210 15.42 -16.69 -24.04
N VAL C 211 14.41 -16.68 -23.20
CA VAL C 211 13.74 -17.92 -22.85
C VAL C 211 12.90 -18.47 -24.00
N ARG C 212 13.12 -19.74 -24.35
CA ARG C 212 12.27 -20.42 -25.34
C ARG C 212 10.95 -20.74 -24.69
N GLY C 213 9.86 -20.30 -25.32
CA GLY C 213 8.54 -20.50 -24.72
C GLY C 213 8.16 -21.95 -24.51
N TYR C 214 7.50 -22.23 -23.39
CA TYR C 214 7.02 -23.57 -23.13
C TYR C 214 5.72 -23.47 -22.34
N VAL C 215 4.80 -24.39 -22.67
CA VAL C 215 3.51 -24.49 -21.99
C VAL C 215 3.40 -25.92 -21.42
N THR C 216 2.88 -26.03 -20.21
CA THR C 216 2.98 -27.29 -19.46
C THR C 216 1.66 -27.60 -18.77
N ALA C 217 1.27 -28.88 -18.77
CA ALA C 217 0.07 -29.30 -18.03
C ALA C 217 0.44 -30.25 -16.90
N TYR C 218 -0.17 -30.04 -15.74
CA TYR C 218 -0.01 -30.91 -14.58
C TYR C 218 -1.36 -31.50 -14.18
N ASP C 219 -1.36 -32.76 -13.76
CA ASP C 219 -2.56 -33.39 -13.22
C ASP C 219 -2.86 -32.83 -11.82
N ILE C 220 -4.05 -32.29 -11.63
CA ILE C 220 -4.38 -31.64 -10.35
C ILE C 220 -4.35 -32.64 -9.17
N HIS C 221 -4.69 -33.91 -9.41
CA HIS C 221 -4.72 -34.87 -8.31
C HIS C 221 -3.33 -35.24 -7.79
N THR C 222 -2.38 -35.39 -8.72
CA THR C 222 -1.09 -36.02 -8.41
C THR C 222 0.12 -35.09 -8.56
N GLY C 223 -0.08 -33.93 -9.19
CA GLY C 223 1.02 -33.03 -9.47
C GLY C 223 1.89 -33.46 -10.65
N GLU C 224 1.53 -34.58 -11.27
CA GLU C 224 2.31 -35.17 -12.36
C GLU C 224 2.27 -34.34 -13.62
N MET C 225 3.42 -34.15 -14.26
CA MET C 225 3.45 -33.46 -15.55
C MET C 225 2.85 -34.36 -16.63
N VAL C 226 1.83 -33.86 -17.31
CA VAL C 226 1.12 -34.61 -18.33
C VAL C 226 1.66 -34.35 -19.73
N TRP C 227 1.91 -33.08 -20.05
CA TRP C 227 2.66 -32.76 -21.27
C TRP C 227 3.39 -31.42 -21.12
N ARG C 228 4.32 -31.18 -22.04
CA ARG C 228 5.02 -29.90 -22.12
C ARG C 228 5.43 -29.68 -23.57
N TRP C 229 5.02 -28.55 -24.14
CA TRP C 229 5.32 -28.26 -25.53
C TRP C 229 5.94 -26.87 -25.69
N TYR C 230 6.79 -26.73 -26.69
CA TYR C 230 7.61 -25.52 -26.87
C TYR C 230 7.18 -24.70 -28.09
N ALA C 231 7.54 -23.42 -28.10
CA ALA C 231 7.12 -22.52 -29.16
C ALA C 231 8.03 -22.54 -30.39
N THR C 232 9.26 -23.03 -30.21
CA THR C 232 10.22 -23.13 -31.30
C THR C 232 10.96 -24.46 -31.22
N GLY C 233 11.70 -24.80 -32.28
CA GLY C 233 12.48 -26.04 -32.31
C GLY C 233 11.84 -27.11 -33.17
N PRO C 234 12.36 -28.35 -33.07
CA PRO C 234 11.87 -29.49 -33.85
C PRO C 234 10.40 -29.75 -33.58
N ASP C 235 9.69 -30.34 -34.54
CA ASP C 235 8.29 -30.68 -34.33
C ASP C 235 8.08 -31.57 -33.10
N ALA C 236 9.08 -32.40 -32.80
CA ALA C 236 8.98 -33.25 -31.61
C ALA C 236 8.88 -32.42 -30.33
N ASP C 237 9.38 -31.19 -30.39
CA ASP C 237 9.32 -30.29 -29.24
C ASP C 237 8.05 -29.45 -29.25
N VAL C 238 7.54 -29.15 -30.44
CA VAL C 238 6.46 -28.18 -30.56
C VAL C 238 5.10 -28.84 -30.33
N GLY C 239 5.00 -30.13 -30.65
CA GLY C 239 3.78 -30.90 -30.40
C GLY C 239 2.68 -30.68 -31.42
N LEU C 240 2.82 -31.31 -32.57
CA LEU C 240 1.88 -31.13 -33.66
C LEU C 240 1.00 -32.35 -33.81
N ASP C 241 -0.31 -32.11 -33.86
CA ASP C 241 -1.23 -33.18 -34.20
C ASP C 241 -0.98 -33.61 -35.64
N LYS C 242 -1.36 -34.85 -35.97
CA LYS C 242 -1.14 -35.34 -37.33
C LYS C 242 -1.88 -34.47 -38.36
N ASP C 243 -2.95 -33.81 -37.93
CA ASP C 243 -3.75 -32.97 -38.83
C ASP C 243 -3.45 -31.49 -38.66
N PHE C 244 -2.30 -31.16 -38.09
CA PHE C 244 -1.94 -29.76 -37.83
C PHE C 244 -2.06 -28.93 -39.11
N ASN C 245 -2.88 -27.88 -39.01
CA ASN C 245 -3.18 -26.96 -40.12
C ASN C 245 -3.66 -27.63 -41.41
N LYS C 246 -4.30 -28.78 -41.28
CA LYS C 246 -4.88 -29.48 -42.43
C LYS C 246 -5.79 -28.59 -43.27
N HIS C 247 -6.55 -27.72 -42.61
CA HIS C 247 -7.50 -26.84 -43.29
C HIS C 247 -6.83 -25.61 -43.86
N ASN C 248 -5.62 -25.31 -43.37
CA ASN C 248 -4.85 -24.17 -43.88
C ASN C 248 -3.38 -24.51 -44.05
N PRO C 249 -3.07 -25.35 -45.04
CA PRO C 249 -1.66 -25.73 -45.20
C PRO C 249 -0.75 -24.54 -45.53
N HIS C 250 -1.30 -23.45 -46.07
CA HIS C 250 -0.48 -22.29 -46.42
C HIS C 250 0.00 -21.52 -45.19
N TYR C 251 -0.56 -21.81 -44.01
CA TYR C 251 -0.03 -21.25 -42.75
C TYR C 251 1.35 -21.84 -42.46
N GLY C 252 1.64 -22.97 -43.09
CA GLY C 252 2.83 -23.75 -42.78
C GLY C 252 2.50 -24.97 -41.95
N GLN C 253 3.28 -26.05 -42.12
CA GLN C 253 3.00 -27.26 -41.34
C GLN C 253 4.28 -27.78 -40.67
N LYS C 254 4.96 -28.77 -41.25
CA LYS C 254 6.07 -29.40 -40.54
C LYS C 254 7.42 -28.70 -40.69
N GLY C 255 8.24 -28.83 -39.64
CA GLY C 255 9.65 -28.47 -39.69
C GLY C 255 9.98 -26.99 -39.53
N LEU C 256 8.96 -26.16 -39.37
CA LEU C 256 9.18 -24.71 -39.43
C LEU C 256 9.74 -24.12 -38.14
N GLY C 257 9.66 -24.87 -37.05
CA GLY C 257 10.20 -24.44 -35.78
C GLY C 257 11.73 -24.43 -35.78
N THR C 258 12.33 -25.06 -36.80
CA THR C 258 13.78 -24.90 -36.99
C THR C 258 14.12 -24.27 -38.35
N SER C 259 13.33 -24.57 -39.38
CA SER C 259 13.71 -24.15 -40.73
C SER C 259 13.52 -22.65 -40.96
N THR C 260 12.73 -21.99 -40.12
CA THR C 260 12.61 -20.53 -40.21
C THR C 260 13.56 -19.85 -39.22
N TRP C 261 14.61 -20.55 -38.83
CA TRP C 261 15.69 -19.97 -38.04
C TRP C 261 17.01 -20.30 -38.69
N GLU C 262 18.04 -19.55 -38.31
CA GLU C 262 19.39 -19.87 -38.75
C GLU C 262 20.12 -20.64 -37.65
N ASP C 263 20.56 -21.85 -37.99
CA ASP C 263 21.25 -22.73 -37.04
C ASP C 263 20.46 -22.88 -35.73
N ASN C 264 21.11 -22.70 -34.58
CA ASN C 264 20.43 -22.97 -33.29
C ASN C 264 19.83 -21.75 -32.58
N ALA C 265 19.59 -20.67 -33.33
CA ALA C 265 19.06 -19.45 -32.72
C ALA C 265 17.70 -19.68 -32.06
N TRP C 266 16.97 -20.69 -32.52
CA TRP C 266 15.67 -21.03 -31.94
C TRP C 266 15.78 -21.46 -30.48
N LYS C 267 16.96 -21.93 -30.06
CA LYS C 267 17.11 -22.45 -28.70
C LYS C 267 16.90 -21.37 -27.65
N ILE C 268 17.17 -20.11 -28.04
CA ILE C 268 16.91 -18.95 -27.20
C ILE C 268 15.89 -18.03 -27.88
N GLY C 269 14.90 -18.64 -28.52
CA GLY C 269 14.08 -17.96 -29.50
C GLY C 269 12.79 -17.31 -29.05
N GLY C 270 12.55 -17.24 -27.74
CA GLY C 270 11.36 -16.57 -27.25
C GLY C 270 10.10 -17.38 -27.50
N GLY C 271 8.97 -16.69 -27.63
CA GLY C 271 7.70 -17.35 -27.84
C GLY C 271 7.00 -17.76 -26.55
N THR C 272 7.47 -17.22 -25.43
CA THR C 272 6.83 -17.44 -24.13
C THR C 272 5.35 -17.07 -24.18
N ASN C 273 4.52 -17.80 -23.43
CA ASN C 273 3.09 -17.49 -23.36
C ASN C 273 2.71 -17.12 -21.93
N TRP C 274 2.49 -15.83 -21.72
CA TRP C 274 2.27 -15.29 -20.39
C TRP C 274 0.93 -14.56 -20.28
N GLY C 275 0.10 -14.70 -21.31
CA GLY C 275 -1.22 -14.07 -21.31
C GLY C 275 -2.32 -15.03 -20.91
N TRP C 276 -3.30 -15.21 -21.79
CA TRP C 276 -4.56 -15.87 -21.42
C TRP C 276 -4.93 -17.06 -22.30
N TYR C 277 -5.87 -17.86 -21.79
CA TYR C 277 -6.38 -19.00 -22.55
C TYR C 277 -7.89 -18.95 -22.68
N ALA C 278 -8.39 -19.63 -23.71
CA ALA C 278 -9.81 -19.92 -23.81
C ALA C 278 -9.97 -21.42 -24.04
N TYR C 279 -11.15 -21.94 -23.76
CA TYR C 279 -11.38 -23.36 -23.85
C TYR C 279 -12.79 -23.66 -24.33
N ASP C 280 -12.88 -24.59 -25.28
CA ASP C 280 -14.16 -25.08 -25.80
C ASP C 280 -14.30 -26.55 -25.39
N PRO C 281 -15.21 -26.83 -24.45
CA PRO C 281 -15.36 -28.20 -23.96
C PRO C 281 -15.87 -29.19 -25.01
N GLN C 282 -16.63 -28.72 -25.98
CA GLN C 282 -17.20 -29.62 -27.00
C GLN C 282 -16.12 -30.08 -27.98
N LEU C 283 -15.29 -29.13 -28.41
CA LEU C 283 -14.15 -29.42 -29.25
C LEU C 283 -12.98 -29.98 -28.44
N ASP C 284 -13.06 -29.76 -27.13
CA ASP C 284 -11.99 -30.11 -26.18
C ASP C 284 -10.64 -29.54 -26.64
N MET C 285 -10.67 -28.27 -27.05
CA MET C 285 -9.47 -27.58 -27.48
C MET C 285 -9.28 -26.32 -26.66
N PHE C 286 -8.04 -25.98 -26.34
CA PHE C 286 -7.79 -24.70 -25.71
C PHE C 286 -6.99 -23.80 -26.66
N TYR C 287 -7.04 -22.49 -26.40
CA TYR C 287 -6.52 -21.50 -27.34
C TYR C 287 -5.70 -20.47 -26.58
N TYR C 288 -4.59 -20.05 -27.18
CA TYR C 288 -3.70 -19.05 -26.57
C TYR C 288 -2.70 -18.61 -27.63
N GLY C 289 -2.00 -17.51 -27.36
CA GLY C 289 -0.97 -17.02 -28.26
C GLY C 289 0.44 -17.13 -27.69
N SER C 290 1.40 -17.51 -28.53
CA SER C 290 2.80 -17.50 -28.14
C SER C 290 3.41 -16.12 -28.42
N GLY C 291 4.43 -15.78 -27.64
CA GLY C 291 4.96 -14.43 -27.59
C GLY C 291 6.04 -14.11 -28.60
N ASN C 292 6.77 -13.03 -28.33
CA ASN C 292 7.77 -12.51 -29.27
C ASN C 292 9.02 -13.37 -29.37
N PRO C 293 9.68 -13.37 -30.55
CA PRO C 293 11.01 -13.99 -30.65
C PRO C 293 12.06 -13.14 -29.94
N ALA C 294 13.15 -13.80 -29.54
CA ALA C 294 14.29 -13.13 -28.93
C ALA C 294 15.49 -13.20 -29.87
N PRO C 295 16.33 -12.16 -29.89
CA PRO C 295 16.22 -10.90 -29.14
C PRO C 295 15.29 -9.92 -29.86
N TRP C 296 15.13 -8.71 -29.35
CA TRP C 296 14.32 -7.71 -30.07
C TRP C 296 15.05 -7.32 -31.35
N ASN C 297 16.37 -7.45 -31.34
CA ASN C 297 17.20 -7.14 -32.51
C ASN C 297 16.91 -8.13 -33.64
N GLU C 298 16.14 -7.68 -34.63
CA GLU C 298 15.66 -8.56 -35.69
C GLU C 298 16.79 -9.08 -36.57
N THR C 299 17.91 -8.34 -36.62
CA THR C 299 19.00 -8.67 -37.53
C THR C 299 19.77 -9.88 -37.02
N MET C 300 19.64 -10.16 -35.72
CA MET C 300 20.31 -11.30 -35.10
C MET C 300 19.54 -12.62 -35.26
N ARG C 301 18.38 -12.57 -35.90
CA ARG C 301 17.59 -13.79 -36.11
C ARG C 301 16.80 -13.75 -37.41
N PRO C 302 17.51 -13.79 -38.54
CA PRO C 302 16.80 -13.90 -39.83
C PRO C 302 15.81 -15.07 -39.84
N GLY C 303 14.69 -14.90 -40.52
CA GLY C 303 13.73 -15.97 -40.70
C GLY C 303 12.38 -15.66 -40.07
N ASP C 304 11.36 -16.42 -40.43
CA ASP C 304 10.03 -16.15 -39.92
C ASP C 304 9.94 -16.41 -38.42
N ASN C 305 10.92 -17.13 -37.89
CA ASN C 305 11.01 -17.41 -36.46
C ASN C 305 9.76 -18.13 -35.91
N LYS C 306 9.23 -19.11 -36.65
CA LYS C 306 8.08 -19.84 -36.13
C LYS C 306 8.53 -20.73 -34.95
N TRP C 307 7.64 -21.04 -34.00
CA TRP C 307 6.25 -20.61 -33.98
C TRP C 307 6.00 -19.58 -32.89
N THR C 308 6.85 -18.55 -32.84
CA THR C 308 6.56 -17.36 -32.06
C THR C 308 5.39 -16.62 -32.69
N MET C 309 4.72 -15.77 -31.93
CA MET C 309 3.68 -14.88 -32.46
C MET C 309 2.54 -15.65 -33.10
N THR C 310 2.18 -16.78 -32.51
CA THR C 310 1.25 -17.70 -33.16
C THR C 310 -0.02 -17.96 -32.33
N ILE C 311 -1.16 -17.96 -33.00
CA ILE C 311 -2.43 -18.37 -32.39
C ILE C 311 -2.54 -19.90 -32.43
N TRP C 312 -2.69 -20.54 -31.27
CA TRP C 312 -2.74 -22.00 -31.18
C TRP C 312 -4.13 -22.50 -30.89
N GLY C 313 -4.47 -23.63 -31.50
CA GLY C 313 -5.63 -24.41 -31.11
C GLY C 313 -5.06 -25.78 -30.78
N ARG C 314 -5.04 -26.16 -29.49
CA ARG C 314 -4.43 -27.41 -29.07
C ARG C 314 -5.45 -28.34 -28.43
N ASP C 315 -5.30 -29.63 -28.69
CA ASP C 315 -6.10 -30.65 -27.99
C ASP C 315 -5.78 -30.63 -26.49
N LEU C 316 -6.79 -30.68 -25.63
CA LEU C 316 -6.52 -30.53 -24.20
C LEU C 316 -5.70 -31.69 -23.61
N GLU C 317 -6.11 -32.93 -23.89
CA GLU C 317 -5.54 -34.07 -23.16
C GLU C 317 -4.10 -34.37 -23.56
N THR C 318 -3.78 -34.17 -24.84
CA THR C 318 -2.42 -34.44 -25.33
C THR C 318 -1.60 -33.17 -25.50
N GLY C 319 -2.29 -32.04 -25.59
CA GLY C 319 -1.62 -30.77 -25.85
C GLY C 319 -1.20 -30.58 -27.29
N LEU C 320 -1.48 -31.54 -28.17
CA LEU C 320 -1.02 -31.45 -29.55
C LEU C 320 -1.78 -30.38 -30.33
N ALA C 321 -1.06 -29.62 -31.16
CA ALA C 321 -1.66 -28.51 -31.90
C ALA C 321 -2.42 -28.98 -33.14
N LYS C 322 -3.69 -28.57 -33.21
CA LYS C 322 -4.54 -28.84 -34.36
C LYS C 322 -4.40 -27.73 -35.39
N PHE C 323 -4.19 -26.49 -34.94
CA PHE C 323 -3.84 -25.42 -35.86
C PHE C 323 -2.92 -24.42 -35.18
N GLY C 324 -2.25 -23.64 -36.01
CA GLY C 324 -1.32 -22.64 -35.53
C GLY C 324 -1.17 -21.60 -36.63
N TYR C 325 -1.57 -20.37 -36.31
CA TYR C 325 -1.51 -19.28 -37.27
C TYR C 325 -0.52 -18.22 -36.81
N GLN C 326 0.56 -18.00 -37.56
CA GLN C 326 1.53 -16.99 -37.15
C GLN C 326 1.11 -15.58 -37.59
N LYS C 327 0.82 -14.74 -36.62
CA LYS C 327 0.29 -13.39 -36.86
C LYS C 327 1.38 -12.46 -37.37
N THR C 328 2.55 -12.57 -36.75
CA THR C 328 3.63 -11.63 -37.00
C THR C 328 4.92 -12.39 -37.32
N PRO C 329 5.08 -12.84 -38.58
CA PRO C 329 6.32 -13.50 -38.99
C PRO C 329 7.49 -12.57 -38.83
N HIS C 330 8.62 -13.11 -38.39
CA HIS C 330 9.84 -12.32 -38.19
C HIS C 330 9.58 -11.00 -37.48
N ASP C 331 9.17 -11.07 -36.22
CA ASP C 331 8.82 -9.88 -35.48
C ASP C 331 9.95 -8.85 -35.46
N GLU C 332 9.59 -7.59 -35.65
CA GLU C 332 10.61 -6.53 -35.65
C GLU C 332 10.31 -5.50 -34.57
N TRP C 333 9.29 -5.77 -33.75
CA TRP C 333 8.68 -4.74 -32.92
C TRP C 333 8.34 -5.14 -31.48
N ASP C 334 8.65 -6.37 -31.09
CA ASP C 334 8.15 -6.95 -29.82
C ASP C 334 6.62 -6.88 -29.71
N TYR C 335 5.91 -7.30 -30.75
CA TYR C 335 4.45 -7.37 -30.67
C TYR C 335 4.02 -8.70 -30.02
N ALA C 336 4.51 -8.96 -28.80
CA ALA C 336 4.33 -10.28 -28.16
C ALA C 336 2.90 -10.79 -28.27
N GLY C 337 2.74 -11.95 -28.91
CA GLY C 337 1.41 -12.37 -29.32
C GLY C 337 0.60 -13.09 -28.26
N VAL C 338 0.66 -12.62 -27.03
CA VAL C 338 0.05 -13.35 -25.89
C VAL C 338 -1.37 -12.95 -25.47
N ASN C 339 -2.01 -12.05 -26.21
CA ASN C 339 -3.20 -11.41 -25.67
C ASN C 339 -4.41 -12.31 -25.58
N VAL C 340 -5.46 -11.76 -24.97
CA VAL C 340 -6.68 -12.47 -24.62
C VAL C 340 -7.37 -13.12 -25.83
N MET C 341 -8.02 -14.25 -25.57
CA MET C 341 -8.85 -15.01 -26.53
C MET C 341 -10.30 -14.96 -26.08
N MET C 342 -11.19 -14.49 -26.94
CA MET C 342 -12.60 -14.44 -26.56
C MET C 342 -13.43 -15.23 -27.55
N LEU C 343 -14.16 -16.24 -27.07
CA LEU C 343 -14.89 -17.15 -27.96
C LEU C 343 -16.33 -16.70 -28.15
N SER C 344 -16.84 -16.89 -29.37
CA SER C 344 -18.19 -16.48 -29.69
C SER C 344 -18.71 -17.34 -30.83
N GLU C 345 -20.02 -17.32 -31.02
CA GLU C 345 -20.62 -18.02 -32.14
C GLU C 345 -21.49 -17.03 -32.86
N GLN C 346 -21.16 -16.77 -34.13
CA GLN C 346 -21.81 -15.70 -34.90
C GLN C 346 -21.94 -16.12 -36.36
N LYS C 347 -22.93 -15.58 -37.07
CA LYS C 347 -22.99 -15.86 -38.50
C LYS C 347 -22.03 -14.97 -39.29
N ASP C 348 -21.25 -15.60 -40.18
CA ASP C 348 -20.27 -14.87 -40.99
C ASP C 348 -20.94 -14.11 -42.12
N LYS C 349 -20.13 -13.48 -42.98
CA LYS C 349 -20.66 -12.68 -44.07
C LYS C 349 -21.45 -13.51 -45.09
N ASN C 350 -21.27 -14.83 -45.06
CA ASN C 350 -22.01 -15.72 -45.94
C ASN C 350 -23.26 -16.30 -45.28
N GLY C 351 -23.53 -15.84 -44.06
CA GLY C 351 -24.72 -16.26 -43.34
C GLY C 351 -24.57 -17.59 -42.62
N LYS C 352 -23.36 -18.14 -42.62
CA LYS C 352 -23.10 -19.39 -41.94
C LYS C 352 -22.70 -19.18 -40.48
N MET C 353 -23.30 -19.95 -39.59
CA MET C 353 -22.95 -19.91 -38.18
C MET C 353 -21.56 -20.49 -37.97
N ARG C 354 -20.69 -19.73 -37.31
CA ARG C 354 -19.31 -20.12 -37.11
C ARG C 354 -18.97 -20.11 -35.63
N LYS C 355 -18.19 -21.10 -35.20
CA LYS C 355 -17.57 -21.07 -33.89
C LYS C 355 -16.25 -20.31 -34.03
N LEU C 356 -16.11 -19.22 -33.29
CA LEU C 356 -15.01 -18.30 -33.49
C LEU C 356 -14.15 -18.07 -32.26
N LEU C 357 -12.95 -17.57 -32.49
CA LEU C 357 -12.16 -16.90 -31.47
C LEU C 357 -11.85 -15.51 -32.00
N THR C 358 -11.75 -14.56 -31.10
CA THR C 358 -11.43 -13.17 -31.43
C THR C 358 -10.34 -12.70 -30.46
N HIS C 359 -9.36 -11.99 -31.00
CA HIS C 359 -8.06 -11.85 -30.35
C HIS C 359 -7.42 -10.52 -30.75
N PRO C 360 -7.45 -9.53 -29.83
CA PRO C 360 -6.87 -8.23 -30.13
C PRO C 360 -5.36 -8.21 -29.87
N ASP C 361 -4.56 -8.28 -30.93
CA ASP C 361 -3.12 -8.50 -30.76
C ASP C 361 -2.34 -7.24 -30.45
N ARG C 362 -1.18 -7.42 -29.83
CA ARG C 362 -0.23 -6.32 -29.63
C ARG C 362 0.05 -5.56 -30.93
N ASN C 363 0.09 -6.29 -32.04
CA ASN C 363 0.47 -5.69 -33.32
C ASN C 363 -0.60 -4.78 -33.90
N GLY C 364 -1.72 -4.65 -33.20
CA GLY C 364 -2.74 -3.69 -33.60
C GLY C 364 -3.81 -4.27 -34.50
N ILE C 365 -3.71 -5.58 -34.78
CA ILE C 365 -4.74 -6.27 -35.58
C ILE C 365 -5.65 -7.06 -34.67
N ILE C 366 -6.96 -7.01 -34.90
CA ILE C 366 -7.90 -7.87 -34.19
C ILE C 366 -8.17 -9.09 -35.05
N TYR C 367 -7.72 -10.26 -34.59
CA TYR C 367 -7.87 -11.49 -35.35
C TYR C 367 -9.12 -12.24 -34.96
N THR C 368 -9.91 -12.64 -35.95
CA THR C 368 -11.02 -13.56 -35.72
C THR C 368 -10.85 -14.80 -36.60
N LEU C 369 -10.74 -15.96 -35.95
CA LEU C 369 -10.55 -17.23 -36.64
C LEU C 369 -11.68 -18.18 -36.29
N ASP C 370 -11.97 -19.10 -37.21
CA ASP C 370 -12.83 -20.26 -36.92
C ASP C 370 -12.07 -21.13 -35.92
N ARG C 371 -12.68 -21.41 -34.77
CA ARG C 371 -11.89 -22.05 -33.71
C ARG C 371 -11.86 -23.57 -33.82
N GLU C 372 -12.49 -24.13 -34.86
CA GLU C 372 -12.30 -25.55 -35.16
C GLU C 372 -11.24 -25.73 -36.24
N THR C 373 -11.35 -24.96 -37.32
CA THR C 373 -10.47 -25.16 -38.49
C THR C 373 -9.23 -24.30 -38.50
N GLY C 374 -9.26 -23.20 -37.76
CA GLY C 374 -8.19 -22.22 -37.81
C GLY C 374 -8.35 -21.24 -38.94
N ASP C 375 -9.40 -21.37 -39.75
CA ASP C 375 -9.62 -20.47 -40.89
C ASP C 375 -9.63 -19.01 -40.45
N LEU C 376 -9.00 -18.15 -41.24
CA LEU C 376 -9.00 -16.73 -40.94
C LEU C 376 -10.32 -16.15 -41.42
N VAL C 377 -11.05 -15.53 -40.52
CA VAL C 377 -12.36 -14.97 -40.85
C VAL C 377 -12.24 -13.46 -41.06
N SER C 378 -11.59 -12.76 -40.13
CA SER C 378 -11.32 -11.33 -40.31
C SER C 378 -10.07 -10.93 -39.55
N ALA C 379 -9.43 -9.84 -39.99
CA ALA C 379 -8.20 -9.38 -39.40
C ALA C 379 -8.09 -7.88 -39.64
N ASN C 380 -8.62 -7.12 -38.69
CA ASN C 380 -8.83 -5.69 -38.87
C ASN C 380 -7.99 -4.89 -37.89
N LYS C 381 -7.52 -3.72 -38.31
CA LYS C 381 -6.80 -2.83 -37.39
C LYS C 381 -7.72 -2.28 -36.31
N MET C 382 -7.29 -2.41 -35.05
CA MET C 382 -8.06 -1.85 -33.94
C MET C 382 -7.94 -0.33 -33.91
N ASP C 383 -6.93 0.20 -34.59
CA ASP C 383 -6.88 1.63 -34.89
C ASP C 383 -6.12 1.85 -36.18
N ASP C 384 -6.62 2.73 -37.04
CA ASP C 384 -6.07 2.84 -38.39
C ASP C 384 -4.68 3.49 -38.45
N THR C 385 -4.16 3.96 -37.31
CA THR C 385 -2.82 4.52 -37.30
C THR C 385 -1.73 3.45 -37.31
N ALA C 386 -2.11 2.19 -37.11
CA ALA C 386 -1.15 1.09 -37.18
C ALA C 386 -0.50 1.13 -38.54
N ASN C 387 0.83 1.10 -38.60
CA ASN C 387 1.48 1.35 -39.89
C ASN C 387 2.60 0.37 -40.28
N TRP C 388 2.97 -0.55 -39.39
CA TRP C 388 3.95 -1.59 -39.76
C TRP C 388 3.38 -2.52 -40.83
N VAL C 389 2.05 -2.64 -40.82
CA VAL C 389 1.33 -3.49 -41.77
C VAL C 389 0.33 -2.65 -42.54
N LYS C 390 0.25 -2.87 -43.86
CA LYS C 390 -0.75 -2.19 -44.69
C LYS C 390 -2.11 -2.84 -44.45
N LYS C 391 -2.18 -4.13 -44.70
CA LYS C 391 -3.36 -4.93 -44.40
C LYS C 391 -2.95 -6.37 -44.22
N VAL C 392 -3.80 -7.16 -43.57
CA VAL C 392 -3.66 -8.61 -43.56
C VAL C 392 -4.49 -9.19 -44.69
N ASP C 393 -3.82 -9.89 -45.60
CA ASP C 393 -4.49 -10.54 -46.72
C ASP C 393 -5.18 -11.79 -46.20
N LEU C 394 -6.51 -11.86 -46.27
CA LEU C 394 -7.24 -13.00 -45.72
C LEU C 394 -7.09 -14.28 -46.54
N GLU C 395 -6.75 -14.15 -47.82
CA GLU C 395 -6.55 -15.31 -48.68
C GLU C 395 -5.19 -15.97 -48.43
N THR C 396 -4.14 -15.17 -48.42
CA THR C 396 -2.79 -15.68 -48.19
C THR C 396 -2.50 -15.82 -46.69
N GLY C 397 -3.24 -15.08 -45.87
CA GLY C 397 -3.02 -15.07 -44.43
C GLY C 397 -1.83 -14.24 -43.99
N LEU C 398 -1.18 -13.55 -44.93
CA LEU C 398 0.05 -12.83 -44.62
C LEU C 398 -0.22 -11.34 -44.35
N PRO C 399 0.47 -10.78 -43.34
CA PRO C 399 0.43 -9.32 -43.19
C PRO C 399 1.37 -8.69 -44.21
N ILE C 400 0.83 -7.76 -44.98
CA ILE C 400 1.61 -7.08 -46.01
C ILE C 400 2.41 -5.95 -45.35
N ARG C 401 3.73 -6.10 -45.27
CA ARG C 401 4.53 -5.19 -44.47
C ARG C 401 4.78 -3.89 -45.22
N ASP C 402 4.81 -2.79 -44.48
CA ASP C 402 5.31 -1.54 -45.02
C ASP C 402 6.76 -1.39 -44.55
N PRO C 403 7.72 -1.58 -45.47
CA PRO C 403 9.13 -1.52 -45.10
C PRO C 403 9.55 -0.21 -44.43
N GLU C 404 8.79 0.87 -44.64
CA GLU C 404 9.12 2.17 -44.06
C GLU C 404 9.02 2.15 -42.54
N TYR C 405 8.29 1.18 -42.00
CA TYR C 405 8.13 1.09 -40.56
C TYR C 405 8.63 -0.22 -39.97
N GLY C 406 9.50 -0.90 -40.70
CA GLY C 406 10.22 -2.03 -40.15
C GLY C 406 11.37 -1.57 -39.29
N THR C 407 12.06 -2.52 -38.67
CA THR C 407 13.28 -2.20 -37.92
C THR C 407 14.45 -3.04 -38.45
N ARG C 408 15.65 -2.56 -38.17
CA ARG C 408 16.88 -3.19 -38.68
C ARG C 408 18.10 -2.55 -38.02
N MET C 409 19.17 -3.33 -37.87
CA MET C 409 20.45 -2.77 -37.46
C MET C 409 20.87 -1.60 -38.33
N GLY C 410 21.41 -0.56 -37.69
CA GLY C 410 21.99 0.56 -38.41
C GLY C 410 20.98 1.63 -38.79
N HIS C 411 19.77 1.51 -38.24
CA HIS C 411 18.71 2.44 -38.58
C HIS C 411 17.88 2.70 -37.33
N ARG C 412 17.52 3.96 -37.12
CA ARG C 412 16.54 4.29 -36.10
C ARG C 412 15.20 4.48 -36.79
N SER C 413 14.27 3.57 -36.49
CA SER C 413 12.93 3.63 -37.04
C SER C 413 12.10 4.63 -36.25
N ARG C 414 11.37 5.51 -36.93
CA ARG C 414 10.62 6.55 -36.24
C ARG C 414 9.13 6.49 -36.57
N ASP C 415 8.33 6.86 -35.58
CA ASP C 415 6.87 6.94 -35.67
C ASP C 415 6.24 5.64 -36.14
N VAL C 416 6.77 4.54 -35.60
CA VAL C 416 6.21 3.21 -35.81
C VAL C 416 5.00 2.99 -34.91
N CYS C 417 3.89 2.56 -35.49
CA CYS C 417 2.68 2.24 -34.74
C CYS C 417 2.23 0.80 -35.03
N PRO C 418 1.95 0.01 -33.98
CA PRO C 418 2.04 0.35 -32.56
C PRO C 418 3.45 0.38 -32.02
N SER C 419 3.60 0.99 -30.85
CA SER C 419 4.73 0.71 -29.95
C SER C 419 4.81 -0.78 -29.63
N ALA C 420 5.99 -1.19 -29.17
CA ALA C 420 6.20 -2.50 -28.60
C ALA C 420 5.21 -2.79 -27.48
N MET C 421 4.76 -1.74 -26.80
CA MET C 421 3.77 -1.92 -25.73
C MET C 421 2.41 -2.32 -26.29
N GLY C 422 2.25 -2.12 -27.60
CA GLY C 422 1.07 -2.58 -28.32
C GLY C 422 -0.06 -1.57 -28.42
N PHE C 423 -0.96 -1.74 -29.40
CA PHE C 423 -2.26 -1.08 -29.33
C PHE C 423 -3.14 -1.88 -28.35
N HIS C 424 -2.64 -3.03 -27.89
CA HIS C 424 -3.35 -3.79 -26.85
C HIS C 424 -2.30 -4.60 -26.13
N ASN C 425 -2.40 -4.66 -24.80
CA ASN C 425 -1.48 -5.49 -24.04
C ASN C 425 -2.28 -6.56 -23.27
N GLN C 426 -1.86 -6.87 -22.05
CA GLN C 426 -2.38 -8.00 -21.26
C GLN C 426 -3.80 -7.90 -20.70
N GLY C 427 -4.50 -6.79 -20.96
CA GLY C 427 -5.82 -6.61 -20.37
C GLY C 427 -6.82 -7.67 -20.84
N PHE C 428 -7.59 -8.21 -19.89
CA PHE C 428 -8.62 -9.20 -20.25
C PHE C 428 -9.92 -8.47 -20.55
N ASP C 429 -10.32 -8.48 -21.82
CA ASP C 429 -11.46 -7.69 -22.29
C ASP C 429 -12.76 -8.47 -22.20
N SER C 430 -13.80 -7.99 -22.91
CA SER C 430 -15.11 -8.62 -22.77
C SER C 430 -15.91 -8.68 -24.07
N TYR C 431 -16.90 -9.55 -24.09
CA TYR C 431 -17.78 -9.74 -25.23
C TYR C 431 -19.22 -9.91 -24.76
N ASP C 432 -20.09 -9.02 -25.23
CA ASP C 432 -21.52 -9.12 -24.95
C ASP C 432 -22.15 -9.97 -26.07
N PRO C 433 -22.62 -11.18 -25.73
CA PRO C 433 -23.09 -12.12 -26.75
C PRO C 433 -24.44 -11.74 -27.32
N LYS C 434 -25.16 -10.86 -26.62
CA LYS C 434 -26.45 -10.38 -27.12
C LYS C 434 -26.24 -9.22 -28.10
N ARG C 435 -25.34 -8.31 -27.75
CA ARG C 435 -25.02 -7.18 -28.61
C ARG C 435 -24.05 -7.56 -29.73
N GLU C 436 -23.38 -8.71 -29.54
CA GLU C 436 -22.33 -9.19 -30.43
C GLU C 436 -21.21 -8.16 -30.56
N LEU C 437 -20.87 -7.53 -29.44
CA LEU C 437 -19.81 -6.53 -29.41
C LEU C 437 -18.72 -6.93 -28.45
N PHE C 438 -17.47 -6.79 -28.90
CA PHE C 438 -16.30 -6.88 -28.05
C PHE C 438 -15.93 -5.50 -27.51
N TYR C 439 -15.68 -5.40 -26.22
CA TYR C 439 -15.31 -4.12 -25.62
C TYR C 439 -13.82 -4.11 -25.32
N LEU C 440 -13.07 -3.36 -26.15
CA LEU C 440 -11.62 -3.43 -26.16
C LEU C 440 -10.97 -2.26 -25.43
N GLY C 441 -10.11 -2.58 -24.47
CA GLY C 441 -9.35 -1.58 -23.74
C GLY C 441 -8.02 -1.46 -24.47
N ILE C 442 -7.82 -0.30 -25.09
CA ILE C 442 -6.78 -0.17 -26.10
C ILE C 442 -5.71 0.84 -25.69
N ASN C 443 -4.47 0.65 -26.17
CA ASN C 443 -3.41 1.62 -25.99
C ASN C 443 -3.22 2.37 -27.30
N HIS C 444 -3.02 3.68 -27.20
CA HIS C 444 -2.70 4.46 -28.39
C HIS C 444 -1.27 4.95 -28.24
N LEU C 445 -0.34 4.10 -28.68
CA LEU C 445 1.07 4.29 -28.40
C LEU C 445 1.87 3.93 -29.63
N CYS C 446 2.84 4.78 -29.95
CA CYS C 446 3.75 4.57 -31.06
C CYS C 446 5.18 4.70 -30.55
N MET C 447 6.16 4.49 -31.43
CA MET C 447 7.54 4.47 -30.93
C MET C 447 8.61 4.78 -31.97
N ASP C 448 9.77 5.22 -31.45
CA ASP C 448 11.02 5.14 -32.20
C ASP C 448 11.78 3.92 -31.68
N TRP C 449 12.62 3.32 -32.51
CA TRP C 449 13.26 2.05 -32.18
C TRP C 449 14.59 1.92 -32.90
N GLU C 450 15.62 1.48 -32.19
CA GLU C 450 16.91 1.24 -32.81
C GLU C 450 17.60 0.06 -32.14
N PRO C 451 17.90 -0.99 -32.93
CA PRO C 451 18.54 -2.19 -32.38
C PRO C 451 20.03 -2.01 -32.09
N PHE C 452 20.56 -2.88 -31.23
CA PHE C 452 22.02 -2.98 -31.07
C PHE C 452 22.45 -4.43 -30.86
N MET C 453 23.69 -4.72 -31.25
CA MET C 453 24.26 -6.06 -31.11
C MET C 453 24.57 -6.36 -29.66
N LEU C 454 24.36 -7.61 -29.26
CA LEU C 454 24.68 -8.03 -27.90
C LEU C 454 24.78 -9.56 -27.83
N PRO C 455 25.52 -10.08 -26.84
CA PRO C 455 25.67 -11.52 -26.66
C PRO C 455 24.58 -12.12 -25.77
N TYR C 456 24.28 -13.41 -25.96
CA TYR C 456 23.38 -14.10 -25.05
C TYR C 456 24.16 -14.73 -23.92
N ARG C 457 23.75 -14.44 -22.69
CA ARG C 457 24.29 -15.10 -21.52
C ARG C 457 23.09 -15.52 -20.68
N ALA C 458 22.97 -16.81 -20.41
CA ALA C 458 21.84 -17.33 -19.67
C ALA C 458 21.70 -16.65 -18.31
N GLY C 459 20.49 -16.19 -18.02
CA GLY C 459 20.21 -15.51 -16.77
C GLY C 459 20.36 -14.00 -16.89
N GLN C 460 20.80 -13.55 -18.06
CA GLN C 460 20.95 -12.13 -18.33
C GLN C 460 19.91 -11.63 -19.35
N PHE C 461 19.65 -10.33 -19.35
CA PHE C 461 18.73 -9.80 -20.34
C PHE C 461 19.33 -9.90 -21.75
N PHE C 462 18.44 -9.99 -22.73
CA PHE C 462 18.81 -10.27 -24.11
C PHE C 462 17.83 -9.52 -25.00
N VAL C 463 17.81 -8.19 -24.86
CA VAL C 463 16.83 -7.37 -25.58
C VAL C 463 17.43 -6.82 -26.89
N GLY C 464 18.42 -5.93 -26.77
CA GLY C 464 19.14 -5.53 -27.97
C GLY C 464 18.44 -4.49 -28.80
N ALA C 465 17.63 -3.67 -28.14
CA ALA C 465 17.08 -2.50 -28.81
C ALA C 465 16.86 -1.40 -27.82
N ASN C 466 17.05 -0.17 -28.28
CA ASN C 466 16.66 1.00 -27.54
C ASN C 466 15.32 1.49 -28.09
N VAL C 467 14.39 1.81 -27.19
CA VAL C 467 13.04 2.17 -27.60
C VAL C 467 12.59 3.48 -26.94
N TRP C 468 11.82 4.28 -27.67
CA TRP C 468 11.18 5.49 -27.14
C TRP C 468 9.71 5.46 -27.51
N THR C 469 8.84 5.17 -26.54
CA THR C 469 7.39 5.13 -26.77
C THR C 469 6.71 6.45 -26.37
N TYR C 470 5.62 6.79 -27.05
CA TYR C 470 4.88 8.03 -26.82
C TYR C 470 3.44 7.89 -27.32
N PRO C 471 2.54 8.78 -26.86
CA PRO C 471 1.16 8.76 -27.38
C PRO C 471 1.11 8.84 -28.90
N GLY C 472 0.20 8.08 -29.50
CA GLY C 472 0.03 8.08 -30.94
C GLY C 472 -0.58 9.36 -31.49
N PRO C 473 -0.70 9.44 -32.82
CA PRO C 473 -1.15 10.65 -33.55
C PRO C 473 -2.51 11.20 -33.12
N LYS C 474 -3.39 10.37 -32.60
CA LYS C 474 -4.73 10.81 -32.20
C LYS C 474 -4.74 11.35 -30.78
N GLY C 475 -3.62 11.19 -30.08
CA GLY C 475 -3.51 11.69 -28.72
C GLY C 475 -2.79 13.02 -28.63
N ASP C 476 -2.09 13.24 -27.52
CA ASP C 476 -1.41 14.50 -27.29
C ASP C 476 -0.01 14.24 -26.81
N ARG C 477 0.86 13.90 -27.75
CA ARG C 477 2.22 13.52 -27.41
C ARG C 477 2.97 14.59 -26.62
N GLN C 478 2.79 15.88 -26.97
CA GLN C 478 3.63 16.90 -26.31
C GLN C 478 3.26 16.91 -24.82
N ASN C 479 1.99 16.66 -24.49
CA ASN C 479 1.54 16.71 -23.09
C ASN C 479 1.48 15.36 -22.39
N GLY C 480 1.97 14.32 -23.07
CA GLY C 480 2.09 13.00 -22.48
C GLY C 480 0.77 12.31 -22.19
N ILE C 481 -0.27 12.65 -22.93
CA ILE C 481 -1.60 12.08 -22.65
C ILE C 481 -2.35 11.74 -23.93
N GLY C 482 -3.56 11.21 -23.76
CA GLY C 482 -4.35 10.71 -24.86
C GLY C 482 -3.78 9.41 -25.39
N SER C 483 -3.32 8.54 -24.49
CA SER C 483 -2.69 7.29 -24.90
C SER C 483 -3.60 6.08 -24.72
N GLY C 484 -4.89 6.33 -24.46
CA GLY C 484 -5.85 5.24 -24.35
C GLY C 484 -7.06 5.37 -25.25
N GLN C 485 -7.71 4.23 -25.49
CA GLN C 485 -9.00 4.20 -26.19
C GLN C 485 -9.83 3.08 -25.63
N VAL C 486 -11.16 3.23 -25.67
CA VAL C 486 -12.05 2.11 -25.44
C VAL C 486 -12.93 2.03 -26.68
N LYS C 487 -13.02 0.85 -27.29
CA LYS C 487 -13.80 0.67 -28.50
C LYS C 487 -14.70 -0.55 -28.43
N ALA C 488 -15.89 -0.41 -29.01
CA ALA C 488 -16.85 -1.50 -29.09
C ALA C 488 -16.83 -2.05 -30.52
N TYR C 489 -16.54 -3.33 -30.68
CA TYR C 489 -16.18 -3.90 -31.98
C TYR C 489 -17.00 -5.10 -32.40
N ASN C 490 -17.44 -5.12 -33.67
CA ASN C 490 -18.05 -6.31 -34.24
C ASN C 490 -17.05 -7.05 -35.12
N ALA C 491 -16.81 -8.33 -34.81
CA ALA C 491 -15.76 -9.09 -35.48
C ALA C 491 -16.09 -9.49 -36.90
N ILE C 492 -17.37 -9.50 -37.26
CA ILE C 492 -17.73 -9.92 -38.61
C ILE C 492 -17.75 -8.72 -39.57
N THR C 493 -18.44 -7.66 -39.19
CA THR C 493 -18.46 -6.44 -40.00
C THR C 493 -17.16 -5.65 -39.93
N GLY C 494 -16.44 -5.80 -38.80
CA GLY C 494 -15.23 -5.04 -38.58
C GLY C 494 -15.47 -3.61 -38.12
N GLU C 495 -16.74 -3.25 -37.89
CA GLU C 495 -17.09 -1.89 -37.54
C GLU C 495 -17.08 -1.64 -36.04
N PHE C 496 -16.82 -0.39 -35.65
CA PHE C 496 -16.92 0.03 -34.27
C PHE C 496 -18.28 0.64 -34.00
N ALA C 497 -18.98 0.10 -33.01
CA ALA C 497 -20.25 0.69 -32.56
C ALA C 497 -19.99 2.06 -31.96
N TRP C 498 -18.87 2.18 -31.26
CA TRP C 498 -18.43 3.44 -30.69
C TRP C 498 -16.95 3.37 -30.33
N GLU C 499 -16.33 4.56 -30.25
CA GLU C 499 -14.92 4.73 -29.93
C GLU C 499 -14.76 5.90 -28.99
N LYS C 500 -14.07 5.68 -27.88
CA LYS C 500 -13.84 6.75 -26.92
C LYS C 500 -12.36 6.89 -26.61
N MET C 501 -11.90 8.14 -26.49
CA MET C 501 -10.52 8.38 -26.09
C MET C 501 -10.36 8.35 -24.57
N GLU C 502 -9.19 7.91 -24.12
CA GLU C 502 -8.85 7.88 -22.69
C GLU C 502 -7.52 8.58 -22.44
N LYS C 503 -7.36 9.17 -21.26
CA LYS C 503 -6.18 9.97 -20.97
C LYS C 503 -4.92 9.12 -21.04
N PHE C 504 -5.01 7.91 -20.50
CA PHE C 504 -3.88 6.99 -20.52
C PHE C 504 -4.30 5.64 -21.08
N SER C 505 -3.31 4.85 -21.51
CA SER C 505 -3.59 3.51 -22.04
C SER C 505 -4.50 2.71 -21.11
N VAL C 506 -5.48 2.03 -21.70
CA VAL C 506 -6.40 1.21 -20.92
C VAL C 506 -5.79 -0.18 -20.82
N TRP C 507 -5.09 -0.42 -19.73
CA TRP C 507 -4.21 -1.58 -19.60
C TRP C 507 -4.86 -2.83 -19.05
N GLY C 508 -5.92 -2.65 -18.26
CA GLY C 508 -6.40 -3.72 -17.41
C GLY C 508 -7.57 -4.54 -17.87
N GLY C 509 -8.10 -4.26 -19.06
CA GLY C 509 -9.22 -5.04 -19.58
C GLY C 509 -10.57 -4.43 -19.24
N THR C 510 -11.62 -5.19 -19.54
CA THR C 510 -13.00 -4.71 -19.46
C THR C 510 -13.94 -5.85 -19.08
N THR C 511 -15.10 -5.49 -18.52
CA THR C 511 -16.14 -6.44 -18.13
C THR C 511 -17.49 -5.85 -18.48
N ALA C 512 -18.37 -6.66 -19.06
CA ALA C 512 -19.64 -6.18 -19.60
C ALA C 512 -20.79 -6.90 -18.93
N THR C 513 -21.93 -6.21 -18.79
CA THR C 513 -23.07 -6.84 -18.14
C THR C 513 -24.38 -6.60 -18.88
N GLU C 514 -25.37 -7.43 -18.57
CA GLU C 514 -26.69 -7.34 -19.22
C GLU C 514 -27.43 -6.11 -18.70
N GLY C 515 -26.83 -5.43 -17.72
CA GLY C 515 -27.34 -4.14 -17.27
C GLY C 515 -27.03 -3.03 -18.27
N GLY C 516 -26.34 -3.38 -19.34
CA GLY C 516 -25.99 -2.42 -20.38
C GLY C 516 -24.77 -1.59 -20.03
N LEU C 517 -23.86 -2.17 -19.27
CA LEU C 517 -22.70 -1.45 -18.73
C LEU C 517 -21.39 -2.10 -19.13
N VAL C 518 -20.39 -1.28 -19.42
CA VAL C 518 -19.03 -1.76 -19.61
C VAL C 518 -18.15 -1.11 -18.55
N PHE C 519 -17.52 -1.94 -17.71
CA PHE C 519 -16.68 -1.47 -16.62
C PHE C 519 -15.23 -1.65 -16.98
N TYR C 520 -14.39 -0.73 -16.53
CA TYR C 520 -12.95 -0.90 -16.68
C TYR C 520 -12.27 0.10 -15.74
N GLY C 521 -11.02 -0.18 -15.40
CA GLY C 521 -10.25 0.72 -14.59
C GLY C 521 -9.18 1.41 -15.43
N THR C 522 -8.66 2.53 -14.93
CA THR C 522 -7.69 3.34 -15.66
C THR C 522 -6.38 3.51 -14.89
N LEU C 523 -5.31 3.80 -15.62
CA LEU C 523 -4.01 4.01 -15.00
C LEU C 523 -4.00 5.22 -14.08
N ASP C 524 -4.86 6.22 -14.33
CA ASP C 524 -4.88 7.39 -13.46
C ASP C 524 -5.80 7.19 -12.25
N GLY C 525 -6.30 5.99 -12.06
CA GLY C 525 -6.91 5.63 -10.78
C GLY C 525 -8.41 5.66 -10.65
N PHE C 526 -9.13 5.55 -11.77
CA PHE C 526 -10.57 5.46 -11.73
C PHE C 526 -11.06 4.07 -12.08
N ILE C 527 -12.20 3.67 -11.50
CA ILE C 527 -13.02 2.65 -12.15
C ILE C 527 -14.17 3.41 -12.83
N LYS C 528 -14.53 3.00 -14.04
CA LYS C 528 -15.51 3.72 -14.85
C LYS C 528 -16.53 2.76 -15.40
N ALA C 529 -17.72 3.27 -15.70
CA ALA C 529 -18.72 2.49 -16.41
C ALA C 529 -19.21 3.28 -17.61
N ARG C 530 -19.19 2.64 -18.78
CA ARG C 530 -19.76 3.27 -19.98
C ARG C 530 -21.00 2.54 -20.47
N ASP C 531 -21.86 3.28 -21.15
CA ASP C 531 -23.04 2.73 -21.79
C ASP C 531 -22.62 1.71 -22.85
N ALA C 532 -23.12 0.48 -22.75
CA ALA C 532 -22.69 -0.57 -23.66
C ALA C 532 -23.04 -0.29 -25.13
N ASP C 533 -24.10 0.51 -25.34
CA ASP C 533 -24.57 0.79 -26.70
C ASP C 533 -23.97 2.04 -27.33
N THR C 534 -23.62 3.03 -26.51
CA THR C 534 -23.18 4.32 -27.05
C THR C 534 -21.79 4.74 -26.62
N GLY C 535 -21.25 4.07 -25.60
CA GLY C 535 -19.98 4.45 -25.02
C GLY C 535 -20.01 5.64 -24.08
N LYS C 536 -21.18 6.19 -23.82
CA LYS C 536 -21.28 7.34 -22.91
C LYS C 536 -20.78 6.99 -21.51
N LEU C 537 -19.97 7.87 -20.94
CA LEU C 537 -19.48 7.71 -19.56
C LEU C 537 -20.63 7.96 -18.57
N LEU C 538 -20.97 6.94 -17.77
CA LEU C 538 -22.12 7.02 -16.86
C LEU C 538 -21.72 7.20 -15.40
N TRP C 539 -20.51 6.78 -15.06
CA TRP C 539 -20.10 6.73 -13.65
C TRP C 539 -18.59 6.55 -13.53
N LYS C 540 -18.02 7.10 -12.48
CA LYS C 540 -16.64 6.77 -12.15
C LYS C 540 -16.34 7.11 -10.71
N PHE C 541 -15.37 6.40 -10.15
CA PHE C 541 -14.98 6.61 -8.75
C PHE C 541 -13.46 6.62 -8.66
N LYS C 542 -12.91 7.53 -7.85
CA LYS C 542 -11.46 7.67 -7.67
C LYS C 542 -10.93 6.67 -6.65
N LEU C 543 -10.34 5.58 -7.17
CA LEU C 543 -9.67 4.55 -6.37
C LEU C 543 -8.36 5.06 -5.79
N PRO C 544 -7.76 4.31 -4.85
CA PRO C 544 -6.53 4.83 -4.25
C PRO C 544 -5.35 4.91 -5.21
N SER C 545 -5.33 4.04 -6.22
CA SER C 545 -4.18 3.94 -7.13
C SER C 545 -4.68 3.48 -8.49
N GLY C 546 -3.85 3.64 -9.50
CA GLY C 546 -4.19 3.23 -10.85
C GLY C 546 -4.47 1.75 -10.95
N VAL C 547 -5.19 1.36 -12.01
CA VAL C 547 -5.68 0.00 -12.19
C VAL C 547 -5.04 -0.65 -13.41
N ILE C 548 -4.54 -1.88 -13.24
CA ILE C 548 -4.01 -2.64 -14.36
C ILE C 548 -4.62 -4.04 -14.41
N GLY C 549 -5.69 -4.25 -13.62
CA GLY C 549 -6.46 -5.49 -13.68
C GLY C 549 -7.88 -5.23 -14.11
N HIS C 550 -8.70 -6.28 -14.27
CA HIS C 550 -10.05 -6.14 -14.77
C HIS C 550 -11.10 -6.07 -13.64
N PRO C 551 -12.23 -5.43 -13.91
CA PRO C 551 -13.32 -5.53 -12.94
C PRO C 551 -13.88 -6.94 -12.92
N MET C 552 -14.49 -7.33 -11.80
CA MET C 552 -15.23 -8.59 -11.78
C MET C 552 -16.51 -8.33 -11.02
N THR C 553 -17.48 -9.21 -11.17
CA THR C 553 -18.75 -9.00 -10.51
C THR C 553 -19.26 -10.34 -9.98
N TYR C 554 -20.10 -10.26 -8.95
CA TYR C 554 -20.71 -11.43 -8.34
C TYR C 554 -21.91 -10.99 -7.51
N THR C 555 -22.84 -11.90 -7.31
CA THR C 555 -24.02 -11.62 -6.50
C THR C 555 -23.96 -12.45 -5.23
N HIS C 556 -24.19 -11.82 -4.08
CA HIS C 556 -24.15 -12.53 -2.81
C HIS C 556 -25.32 -12.13 -1.94
N LYS C 557 -26.13 -13.11 -1.56
CA LYS C 557 -27.34 -12.86 -0.78
C LYS C 557 -28.20 -11.77 -1.43
N GLY C 558 -28.32 -11.84 -2.75
CA GLY C 558 -29.23 -10.98 -3.50
C GLY C 558 -28.67 -9.63 -3.89
N THR C 559 -27.47 -9.32 -3.45
CA THR C 559 -26.85 -8.03 -3.79
C THR C 559 -25.75 -8.23 -4.82
N GLN C 560 -25.81 -7.45 -5.90
CA GLN C 560 -24.77 -7.52 -6.92
C GLN C 560 -23.59 -6.63 -6.51
N TYR C 561 -22.40 -7.21 -6.56
CA TYR C 561 -21.17 -6.48 -6.24
C TYR C 561 -20.29 -6.36 -7.47
N VAL C 562 -19.54 -5.25 -7.56
CA VAL C 562 -18.47 -5.11 -8.56
C VAL C 562 -17.16 -4.87 -7.80
N ALA C 563 -16.14 -5.67 -8.05
CA ALA C 563 -14.87 -5.52 -7.34
C ALA C 563 -13.71 -5.35 -8.31
N ILE C 564 -12.67 -4.65 -7.90
CA ILE C 564 -11.54 -4.45 -8.79
C ILE C 564 -10.26 -4.30 -7.95
N ASN C 565 -9.15 -4.82 -8.47
CA ASN C 565 -7.85 -4.56 -7.87
C ASN C 565 -7.44 -3.13 -8.12
N TYR C 566 -6.68 -2.56 -7.20
CA TYR C 566 -5.99 -1.32 -7.54
C TYR C 566 -4.56 -1.42 -7.04
N GLY C 567 -3.69 -0.61 -7.63
CA GLY C 567 -2.28 -0.68 -7.34
C GLY C 567 -1.57 -0.66 -8.67
N VAL C 568 -1.10 0.53 -9.05
CA VAL C 568 -0.55 0.74 -10.38
C VAL C 568 0.82 0.09 -10.51
N GLY C 569 1.16 -0.31 -11.73
CA GLY C 569 2.43 -0.98 -11.98
C GLY C 569 2.42 -1.56 -13.37
N GLY C 570 3.03 -2.74 -13.51
CA GLY C 570 3.25 -3.32 -14.82
C GLY C 570 4.10 -2.41 -15.67
N TRP C 571 4.13 -2.67 -16.97
CA TRP C 571 5.00 -1.94 -17.88
C TRP C 571 4.76 -0.41 -17.88
N PRO C 572 3.48 0.05 -17.92
CA PRO C 572 3.33 1.50 -18.08
C PRO C 572 3.89 2.32 -16.93
N ALA C 573 3.91 1.77 -15.72
CA ALA C 573 4.23 2.56 -14.55
C ALA C 573 5.62 2.25 -13.99
N VAL C 574 6.50 1.67 -14.79
CA VAL C 574 7.84 1.34 -14.29
C VAL C 574 8.62 2.59 -13.89
N GLY C 575 8.26 3.73 -14.47
CA GLY C 575 8.93 4.98 -14.15
C GLY C 575 8.65 5.39 -12.71
N LEU C 576 7.40 5.25 -12.30
CA LEU C 576 6.99 5.58 -10.94
C LEU C 576 7.47 4.53 -9.96
N VAL C 577 7.30 3.27 -10.34
CA VAL C 577 7.56 2.14 -9.44
C VAL C 577 9.06 1.98 -9.16
N PHE C 578 9.87 2.15 -10.20
CA PHE C 578 11.31 1.96 -10.04
C PHE C 578 12.12 3.26 -10.07
N ASP C 579 11.42 4.39 -10.03
CA ASP C 579 12.06 5.73 -10.00
C ASP C 579 13.00 5.96 -11.18
N LEU C 580 12.46 5.90 -12.39
CA LEU C 580 13.25 6.10 -13.61
C LEU C 580 12.85 7.41 -14.29
N ASN C 581 13.79 8.00 -15.03
CA ASN C 581 13.56 9.31 -15.66
C ASN C 581 13.92 9.37 -17.15
N ASP C 582 14.91 8.57 -17.58
CA ASP C 582 15.31 8.50 -18.99
C ASP C 582 14.12 8.06 -19.83
N PRO C 583 13.78 8.84 -20.89
CA PRO C 583 12.60 8.50 -21.70
C PRO C 583 12.67 7.11 -22.37
N SER C 584 13.88 6.59 -22.59
CA SER C 584 14.03 5.27 -23.16
C SER C 584 14.10 4.18 -22.08
N ALA C 585 14.14 4.60 -20.82
CA ALA C 585 14.19 3.65 -19.72
C ALA C 585 12.89 2.85 -19.66
N GLY C 586 12.92 1.72 -18.95
CA GLY C 586 11.77 0.83 -18.87
C GLY C 586 11.38 0.29 -20.24
N LEU C 587 12.38 -0.05 -21.06
CA LEU C 587 12.16 -0.58 -22.39
C LEU C 587 11.29 0.39 -23.21
N GLY C 588 11.51 1.68 -22.98
CA GLY C 588 10.85 2.74 -23.74
C GLY C 588 9.60 3.33 -23.11
N ALA C 589 9.12 2.73 -22.02
CA ALA C 589 7.87 3.16 -21.39
C ALA C 589 7.97 4.49 -20.64
N VAL C 590 9.11 4.75 -20.03
CA VAL C 590 9.22 5.88 -19.10
C VAL C 590 8.86 7.22 -19.74
N GLY C 591 9.29 7.44 -20.97
CA GLY C 591 9.01 8.69 -21.66
C GLY C 591 7.55 8.84 -22.06
N ALA C 592 6.79 7.75 -22.08
CA ALA C 592 5.39 7.82 -22.50
C ALA C 592 4.45 8.11 -21.34
N PHE C 593 4.93 7.90 -20.11
CA PHE C 593 4.03 7.88 -18.97
C PHE C 593 4.49 8.75 -17.79
N LYS C 594 5.29 9.77 -18.07
CA LYS C 594 5.81 10.63 -17.01
C LYS C 594 4.68 11.34 -16.26
N GLU C 595 3.55 11.55 -16.92
CA GLU C 595 2.43 12.24 -16.28
C GLU C 595 1.62 11.36 -15.33
N LEU C 596 1.86 10.05 -15.30
CA LEU C 596 1.11 9.18 -14.37
C LEU C 596 1.29 9.63 -12.92
N ALA C 597 2.52 9.99 -12.58
CA ALA C 597 2.83 10.25 -11.17
C ALA C 597 2.12 11.51 -10.64
N LYS C 598 1.57 12.32 -11.55
CA LYS C 598 0.80 13.48 -11.14
C LYS C 598 -0.64 13.10 -10.85
N ASN C 599 -0.99 11.84 -11.12
CA ASN C 599 -2.37 11.39 -10.96
C ASN C 599 -2.53 10.18 -10.04
N THR C 600 -1.43 9.47 -9.78
CA THR C 600 -1.48 8.29 -8.94
C THR C 600 -0.12 7.99 -8.31
N GLN C 601 -0.14 7.28 -7.19
CA GLN C 601 1.05 6.69 -6.59
C GLN C 601 0.84 5.20 -6.53
N MET C 602 1.84 4.46 -6.04
CA MET C 602 1.67 3.02 -5.90
C MET C 602 0.61 2.68 -4.87
N GLY C 603 0.09 1.47 -4.94
CA GLY C 603 -0.89 1.00 -3.97
C GLY C 603 -1.06 -0.49 -4.08
N GLY C 604 -2.09 -1.01 -3.43
CA GLY C 604 -2.33 -2.43 -3.51
C GLY C 604 -3.54 -2.80 -2.69
N GLY C 605 -4.60 -3.21 -3.36
CA GLY C 605 -5.81 -3.56 -2.64
C GLY C 605 -6.96 -3.94 -3.55
N VAL C 606 -8.10 -4.22 -2.93
CA VAL C 606 -9.33 -4.56 -3.63
C VAL C 606 -10.40 -3.61 -3.15
N MET C 607 -11.14 -3.02 -4.09
CA MET C 607 -12.27 -2.19 -3.73
C MET C 607 -13.53 -2.86 -4.22
N VAL C 608 -14.54 -2.94 -3.35
CA VAL C 608 -15.79 -3.64 -3.69
C VAL C 608 -16.94 -2.63 -3.67
N PHE C 609 -17.77 -2.67 -4.72
CA PHE C 609 -18.84 -1.70 -4.94
C PHE C 609 -20.21 -2.35 -4.98
N SER C 610 -21.22 -1.62 -4.53
CA SER C 610 -22.62 -2.05 -4.65
C SER C 610 -23.52 -0.82 -4.75
N LEU C 611 -24.77 -1.03 -5.15
CA LEU C 611 -25.75 0.07 -5.15
C LEU C 611 -25.89 0.65 -3.73
N ASP C 612 -25.69 1.96 -3.63
CA ASP C 612 -25.74 2.70 -2.37
C ASP C 612 -24.71 2.20 -1.33
N GLY C 613 -23.69 1.50 -1.81
CA GLY C 613 -22.65 0.98 -0.93
C GLY C 613 -23.17 -0.03 0.09
N LYS C 614 -24.30 -0.66 -0.22
CA LYS C 614 -24.86 -1.70 0.66
C LYS C 614 -23.79 -2.73 1.05
N SER C 615 -23.76 -3.12 2.32
CA SER C 615 -22.64 -3.87 2.83
C SER C 615 -23.06 -4.78 3.98
N PRO C 616 -22.36 -5.90 4.17
CA PRO C 616 -22.64 -6.70 5.38
C PRO C 616 -22.51 -5.87 6.66
N TYR C 617 -21.65 -4.85 6.64
CA TYR C 617 -21.40 -4.10 7.86
C TYR C 617 -22.46 -3.00 8.07
N ASP C 618 -23.49 -2.99 7.22
CA ASP C 618 -24.69 -2.21 7.54
C ASP C 618 -25.33 -2.73 8.82
N ASP C 619 -25.10 -4.00 9.11
CA ASP C 619 -25.39 -4.53 10.44
C ASP C 619 -24.17 -4.21 11.29
N VAL C 620 -24.24 -3.17 12.12
CA VAL C 620 -23.02 -2.69 12.75
C VAL C 620 -22.49 -3.68 13.80
N SER C 621 -23.32 -4.64 14.19
CA SER C 621 -22.88 -5.63 15.18
C SER C 621 -21.99 -6.71 14.57
N LEU C 622 -21.96 -6.80 13.25
CA LEU C 622 -21.15 -7.81 12.58
C LEU C 622 -19.67 -7.62 12.94
N GLY C 623 -19.09 -8.65 13.55
CA GLY C 623 -17.69 -8.63 13.92
C GLY C 623 -17.40 -7.87 15.20
N GLU C 624 -18.40 -7.28 15.84
CA GLU C 624 -18.14 -6.52 17.08
C GLU C 624 -17.75 -7.40 18.27
N TYR C 625 -16.84 -6.89 19.09
CA TYR C 625 -16.31 -7.66 20.21
C TYR C 625 -17.38 -8.25 21.13
N GLY C 626 -17.25 -9.55 21.42
CA GLY C 626 -18.12 -10.22 22.37
C GLY C 626 -19.51 -10.47 21.81
N MET C 627 -19.70 -10.13 20.53
CA MET C 627 -20.99 -10.23 19.85
C MET C 627 -22.14 -9.60 20.64
N TYR D 25 11.51 -6.41 -48.85
CA TYR D 25 10.88 -7.38 -47.96
C TYR D 25 9.52 -6.90 -47.47
N ASP D 26 8.45 -7.36 -48.11
CA ASP D 26 7.11 -6.97 -47.66
C ASP D 26 6.33 -8.14 -47.08
N GLY D 27 6.99 -9.29 -46.93
CA GLY D 27 6.38 -10.46 -46.31
C GLY D 27 5.54 -11.35 -47.21
N THR D 28 5.37 -10.96 -48.47
CA THR D 28 4.44 -11.66 -49.35
C THR D 28 5.13 -12.62 -50.31
N LYS D 29 6.46 -12.64 -50.31
CA LYS D 29 7.20 -13.50 -51.22
C LYS D 29 7.74 -14.74 -50.47
N CYS D 30 7.21 -15.91 -50.79
CA CYS D 30 7.43 -17.08 -49.95
C CYS D 30 8.20 -18.22 -50.61
N LYS D 31 9.25 -18.63 -49.90
CA LYS D 31 10.11 -19.76 -50.22
C LYS D 31 9.31 -21.07 -50.20
N ALA D 32 8.46 -21.19 -49.19
CA ALA D 32 7.60 -22.37 -49.01
C ALA D 32 6.43 -21.97 -48.13
N ALA D 33 5.46 -22.86 -47.99
CA ALA D 33 4.36 -22.62 -47.07
C ALA D 33 4.92 -22.35 -45.68
N GLY D 34 4.51 -21.23 -45.09
CA GLY D 34 4.99 -20.85 -43.77
C GLY D 34 6.37 -20.23 -43.70
N ASP D 35 6.98 -19.96 -44.85
CA ASP D 35 8.33 -19.41 -44.87
C ASP D 35 8.43 -18.30 -45.92
N CYS D 36 8.29 -17.04 -45.47
CA CYS D 36 8.23 -15.92 -46.40
C CYS D 36 9.28 -14.86 -46.11
N TRP D 37 10.23 -15.21 -45.25
CA TRP D 37 11.25 -14.24 -44.86
C TRP D 37 12.17 -13.92 -46.02
N GLU D 38 12.53 -12.65 -46.16
CA GLU D 38 13.58 -12.19 -47.05
C GLU D 38 14.52 -11.23 -46.33
N ALA D 39 15.79 -11.26 -46.69
CA ALA D 39 16.70 -10.24 -46.20
C ALA D 39 16.28 -8.87 -46.74
N LYS D 40 16.39 -7.85 -45.90
CA LYS D 40 16.17 -6.46 -46.33
C LYS D 40 17.29 -6.05 -47.28
N PRO D 41 17.03 -5.04 -48.13
CA PRO D 41 18.08 -4.57 -49.04
C PRO D 41 19.37 -4.24 -48.31
N GLY D 42 20.50 -4.73 -48.82
CA GLY D 42 21.77 -4.47 -48.17
C GLY D 42 22.18 -5.51 -47.14
N PHE D 43 21.26 -6.41 -46.80
CA PHE D 43 21.51 -7.38 -45.74
C PHE D 43 21.68 -8.78 -46.37
N PRO D 44 22.40 -9.67 -45.67
CA PRO D 44 22.72 -11.01 -46.20
C PRO D 44 21.61 -12.03 -45.97
N ASP D 45 21.56 -13.07 -46.79
CA ASP D 45 20.58 -14.14 -46.57
C ASP D 45 20.90 -14.94 -45.31
N LYS D 46 22.18 -15.04 -44.99
CA LYS D 46 22.63 -15.71 -43.77
C LYS D 46 23.61 -14.81 -43.04
N ILE D 47 23.51 -14.77 -41.72
CA ILE D 47 24.34 -13.83 -40.96
C ILE D 47 25.60 -14.47 -40.36
N LYS D 48 25.71 -15.80 -40.40
CA LYS D 48 26.95 -16.42 -39.96
C LYS D 48 28.12 -15.89 -40.79
N GLY D 49 29.19 -15.48 -40.12
CA GLY D 49 30.36 -14.95 -40.81
C GLY D 49 30.22 -13.50 -41.18
N SER D 50 29.05 -12.93 -40.96
CA SER D 50 28.80 -11.52 -41.25
C SER D 50 29.08 -10.67 -40.02
N LYS D 51 28.98 -9.35 -40.18
CA LYS D 51 29.06 -8.43 -39.06
C LYS D 51 27.98 -8.74 -38.01
N TYR D 52 26.85 -9.26 -38.47
CA TYR D 52 25.74 -9.53 -37.56
C TYR D 52 25.79 -10.92 -36.92
N ASP D 53 26.85 -11.67 -37.19
CA ASP D 53 27.00 -13.02 -36.62
C ASP D 53 26.90 -12.95 -35.09
N PRO D 54 25.92 -13.66 -34.51
CA PRO D 54 25.70 -13.58 -33.06
C PRO D 54 26.82 -14.25 -32.27
N LYS D 55 27.51 -15.17 -32.91
CA LYS D 55 28.58 -15.94 -32.26
C LYS D 55 28.10 -16.50 -30.93
N HIS D 56 26.93 -17.11 -30.94
CA HIS D 56 26.38 -17.70 -29.73
C HIS D 56 27.23 -18.87 -29.24
N SER D 57 27.42 -18.94 -27.93
CA SER D 57 28.03 -20.10 -27.29
C SER D 57 27.03 -21.24 -27.21
N GLU D 58 27.34 -22.39 -27.83
CA GLU D 58 26.43 -23.52 -27.74
C GLU D 58 26.22 -23.94 -26.29
N LYS D 59 27.26 -23.84 -25.48
CA LYS D 59 27.14 -24.14 -24.06
C LYS D 59 26.09 -23.26 -23.37
N GLU D 60 26.11 -21.96 -23.66
CA GLU D 60 25.11 -21.07 -23.11
C GLU D 60 23.73 -21.40 -23.66
N LEU D 61 23.66 -21.71 -24.95
CA LEU D 61 22.36 -21.96 -25.59
C LEU D 61 21.62 -23.14 -24.96
N ASN D 62 22.39 -24.10 -24.47
CA ASN D 62 21.83 -25.34 -23.92
C ASN D 62 21.41 -25.27 -22.46
N LYS D 63 21.71 -24.17 -21.78
CA LYS D 63 21.51 -24.09 -20.34
C LYS D 63 20.04 -24.13 -19.91
N GLN D 64 19.17 -23.48 -20.70
CA GLN D 64 17.73 -23.53 -20.43
C GLN D 64 17.20 -24.94 -20.37
N ASP D 65 17.53 -25.69 -21.41
CA ASP D 65 17.02 -27.03 -21.54
C ASP D 65 17.52 -27.86 -20.39
N ALA D 66 18.77 -27.62 -19.99
CA ALA D 66 19.35 -28.37 -18.86
C ALA D 66 18.57 -28.11 -17.59
N ALA D 67 18.20 -26.85 -17.39
CA ALA D 67 17.50 -26.42 -16.19
C ALA D 67 16.11 -27.04 -16.13
N LEU D 68 15.43 -27.03 -17.27
CA LEU D 68 14.09 -27.60 -17.33
C LEU D 68 14.15 -29.12 -17.11
N LYS D 69 15.11 -29.80 -17.72
CA LYS D 69 15.24 -31.24 -17.51
C LYS D 69 15.49 -31.58 -16.04
N ALA D 70 16.29 -30.75 -15.37
CA ALA D 70 16.56 -30.97 -13.94
C ALA D 70 15.29 -30.80 -13.10
N MET D 71 14.49 -29.79 -13.43
CA MET D 71 13.25 -29.55 -12.69
C MET D 71 12.25 -30.67 -12.92
N GLU D 72 12.21 -31.18 -14.15
CA GLU D 72 11.30 -32.28 -14.46
C GLU D 72 11.66 -33.48 -13.61
N LYS D 73 12.95 -33.77 -13.47
CA LYS D 73 13.38 -34.91 -12.68
C LYS D 73 13.00 -34.74 -11.21
N ARG D 74 13.25 -33.57 -10.64
CA ARG D 74 12.91 -33.32 -9.23
C ARG D 74 11.40 -33.38 -9.00
N ASN D 75 10.62 -32.86 -9.95
CA ASN D 75 9.17 -32.96 -9.86
C ASN D 75 8.68 -34.40 -9.87
N ALA D 76 9.23 -35.21 -10.77
CA ALA D 76 8.88 -36.62 -10.87
C ALA D 76 9.12 -37.36 -9.56
N GLU D 77 10.25 -37.07 -8.90
CA GLU D 77 10.55 -37.68 -7.61
C GLU D 77 9.50 -37.31 -6.56
N ARG D 78 9.11 -36.03 -6.54
CA ARG D 78 8.06 -35.57 -5.64
C ARG D 78 6.75 -36.29 -5.92
N VAL D 79 6.43 -36.44 -7.19
CA VAL D 79 5.18 -37.10 -7.58
C VAL D 79 5.15 -38.56 -7.12
N GLU D 80 6.25 -39.28 -7.34
CA GLU D 80 6.35 -40.67 -6.90
C GLU D 80 6.18 -40.79 -5.39
N GLN D 81 6.83 -39.91 -4.64
CA GLN D 81 6.73 -39.97 -3.17
C GLN D 81 5.32 -39.58 -2.71
N PHE D 82 4.71 -38.63 -3.41
CA PHE D 82 3.34 -38.20 -3.10
C PHE D 82 2.37 -39.36 -3.27
N LYS D 83 2.54 -40.11 -4.35
CA LYS D 83 1.69 -41.29 -4.61
C LYS D 83 1.84 -42.33 -3.51
N LYS D 84 3.05 -42.40 -2.96
CA LYS D 84 3.37 -43.38 -1.92
C LYS D 84 2.82 -42.97 -0.54
N THR D 85 2.97 -41.70 -0.19
CA THR D 85 2.74 -41.25 1.18
C THR D 85 1.48 -40.40 1.37
N GLY D 86 0.98 -39.81 0.29
CA GLY D 86 -0.22 -39.01 0.37
C GLY D 86 0.00 -37.59 0.85
N LYS D 87 1.23 -37.23 1.17
CA LYS D 87 1.54 -35.84 1.50
C LYS D 87 2.76 -35.34 0.72
N TRP D 88 2.62 -34.18 0.11
CA TRP D 88 3.67 -33.63 -0.73
C TRP D 88 4.88 -33.18 0.08
N VAL D 89 6.06 -33.62 -0.36
CA VAL D 89 7.30 -33.18 0.25
C VAL D 89 8.17 -32.55 -0.84
N TYR D 90 8.34 -31.24 -0.76
CA TYR D 90 9.07 -30.53 -1.78
C TYR D 90 10.56 -30.86 -1.75
#